data_1J5K
# 
_entry.id   1J5K 
# 
_audit_conform.dict_name       mmcif_pdbx.dic 
_audit_conform.dict_version    5.383 
_audit_conform.dict_location   http://mmcif.pdb.org/dictionaries/ascii/mmcif_pdbx.dic 
# 
loop_
_database_2.database_id 
_database_2.database_code 
_database_2.pdbx_database_accession 
_database_2.pdbx_DOI 
PDB   1J5K         pdb_00001j5k 10.2210/pdb1j5k/pdb 
RCSB  RCSB001639   ?            ?                   
WWPDB D_1000001639 ?            ?                   
# 
loop_
_pdbx_audit_revision_history.ordinal 
_pdbx_audit_revision_history.data_content_type 
_pdbx_audit_revision_history.major_revision 
_pdbx_audit_revision_history.minor_revision 
_pdbx_audit_revision_history.revision_date 
1 'Structure model' 1 0 2002-07-10 
2 'Structure model' 1 1 2008-04-26 
3 'Structure model' 1 2 2011-07-13 
4 'Structure model' 1 3 2022-02-23 
5 'Structure model' 1 4 2023-12-27 
# 
_pdbx_audit_revision_details.ordinal             1 
_pdbx_audit_revision_details.revision_ordinal    1 
_pdbx_audit_revision_details.data_content_type   'Structure model' 
_pdbx_audit_revision_details.provider            repository 
_pdbx_audit_revision_details.type                'Initial release' 
_pdbx_audit_revision_details.description         ? 
_pdbx_audit_revision_details.details             ? 
# 
loop_
_pdbx_audit_revision_group.ordinal 
_pdbx_audit_revision_group.revision_ordinal 
_pdbx_audit_revision_group.data_content_type 
_pdbx_audit_revision_group.group 
1 2 'Structure model' 'Version format compliance' 
2 3 'Structure model' 'Version format compliance' 
3 4 'Structure model' 'Data collection'           
4 4 'Structure model' 'Database references'       
5 4 'Structure model' 'Derived calculations'      
6 5 'Structure model' 'Data collection'           
# 
loop_
_pdbx_audit_revision_category.ordinal 
_pdbx_audit_revision_category.revision_ordinal 
_pdbx_audit_revision_category.data_content_type 
_pdbx_audit_revision_category.category 
1 4 'Structure model' database_2            
2 4 'Structure model' pdbx_nmr_software     
3 4 'Structure model' pdbx_struct_assembly  
4 4 'Structure model' pdbx_struct_oper_list 
5 4 'Structure model' struct_ref_seq_dif    
6 5 'Structure model' chem_comp_atom        
7 5 'Structure model' chem_comp_bond        
# 
loop_
_pdbx_audit_revision_item.ordinal 
_pdbx_audit_revision_item.revision_ordinal 
_pdbx_audit_revision_item.data_content_type 
_pdbx_audit_revision_item.item 
1 4 'Structure model' '_database_2.pdbx_DOI'                
2 4 'Structure model' '_database_2.pdbx_database_accession' 
3 4 'Structure model' '_pdbx_nmr_software.name'             
4 4 'Structure model' '_struct_ref_seq_dif.details'         
# 
_pdbx_database_status.status_code                     REL 
_pdbx_database_status.entry_id                        1J5K 
_pdbx_database_status.recvd_initial_deposition_date   2002-05-13 
_pdbx_database_status.deposit_site                    RCSB 
_pdbx_database_status.process_site                    RCSB 
_pdbx_database_status.SG_entry                        . 
_pdbx_database_status.pdb_format_compatible           Y 
_pdbx_database_status.status_code_mr                  ? 
_pdbx_database_status.status_code_sf                  ? 
_pdbx_database_status.status_code_cs                  ? 
_pdbx_database_status.status_code_nmr_data            ? 
_pdbx_database_status.methods_development_category    ? 
# 
loop_
_audit_author.name 
_audit_author.pdbx_ordinal 
'Clore, G.M.'    1 
'Braddock, D.T.' 2 
# 
_citation.id                        primary 
_citation.title                     
;Molecular basis of sequence-specific single-stranded DNA recognition by KH domains: solution structure of a complex between hnRNP K KH3 and single-stranded DNA.
;
_citation.journal_abbrev            'EMBO J.' 
_citation.journal_volume            21 
_citation.page_first                3476 
_citation.page_last                 3485 
_citation.year                      2002 
_citation.journal_id_ASTM           EMJODG 
_citation.country                   UK 
_citation.journal_id_ISSN           0261-4189 
_citation.journal_id_CSD            0897 
_citation.book_publisher            ? 
_citation.pdbx_database_id_PubMed   12093748 
_citation.pdbx_database_id_DOI      10.1093/emboj/cdf352 
# 
loop_
_citation_author.citation_id 
_citation_author.name 
_citation_author.ordinal 
_citation_author.identifier_ORCID 
primary 'Braddock, D.T.' 1 ? 
primary 'Baber, J.L.'    2 ? 
primary 'Levens, D.'     3 ? 
primary 'Clore, G.M.'    4 ? 
# 
loop_
_entity.id 
_entity.type 
_entity.src_method 
_entity.pdbx_description 
_entity.formula_weight 
_entity.pdbx_number_of_molecules 
_entity.pdbx_ec 
_entity.pdbx_mutation 
_entity.pdbx_fragment 
_entity.details 
1 polymer syn "5'-D(*AP*TP*AP*T*TP*CP*CP*CP*TP*C)-3'"     2954.955 1 ? ? ?                                             ? 
2 polymer man 'Heterogeneous nuclear ribonucleoprotein K' 9656.836 1 ? ? 'KH3 domain, RESIDUES 379-463, NUMBERED 5-89' ? 
# 
_entity_name_com.entity_id   2 
_entity_name_com.name        'HNRNP K, DC-stretch binding protein, CSBP, Transformation upregulated nuclear protein, TUNP' 
# 
loop_
_entity_poly.entity_id 
_entity_poly.type 
_entity_poly.nstd_linkage 
_entity_poly.nstd_monomer 
_entity_poly.pdbx_seq_one_letter_code 
_entity_poly.pdbx_seq_one_letter_code_can 
_entity_poly.pdbx_strand_id 
_entity_poly.pdbx_target_identifier 
1 polydeoxyribonucleotide no no '(DA)(DT)(DA)(DT)(DT)(DC)(DC)(DC)(DT)(DC)'                                                   
ATATTCCCTC                                                                                   B ? 
2 'polypeptide(L)'        no no 
;GSHMSYGDLGGPIITTQVTIPKDLAGSIIGKGGQRIKQIRHESGASIKIDEPLEGSEDRIITITGTQDQIQNAQYLLQNS
VKQYSGKFF
;
;GSHMSYGDLGGPIITTQVTIPKDLAGSIIGKGGQRIKQIRHESGASIKIDEPLEGSEDRIITITGTQDQIQNAQYLLQNS
VKQYSGKFF
;
A ? 
# 
loop_
_entity_poly_seq.entity_id 
_entity_poly_seq.num 
_entity_poly_seq.mon_id 
_entity_poly_seq.hetero 
1 1  DA  n 
1 2  DT  n 
1 3  DA  n 
1 4  DT  n 
1 5  DT  n 
1 6  DC  n 
1 7  DC  n 
1 8  DC  n 
1 9  DT  n 
1 10 DC  n 
2 1  GLY n 
2 2  SER n 
2 3  HIS n 
2 4  MET n 
2 5  SER n 
2 6  TYR n 
2 7  GLY n 
2 8  ASP n 
2 9  LEU n 
2 10 GLY n 
2 11 GLY n 
2 12 PRO n 
2 13 ILE n 
2 14 ILE n 
2 15 THR n 
2 16 THR n 
2 17 GLN n 
2 18 VAL n 
2 19 THR n 
2 20 ILE n 
2 21 PRO n 
2 22 LYS n 
2 23 ASP n 
2 24 LEU n 
2 25 ALA n 
2 26 GLY n 
2 27 SER n 
2 28 ILE n 
2 29 ILE n 
2 30 GLY n 
2 31 LYS n 
2 32 GLY n 
2 33 GLY n 
2 34 GLN n 
2 35 ARG n 
2 36 ILE n 
2 37 LYS n 
2 38 GLN n 
2 39 ILE n 
2 40 ARG n 
2 41 HIS n 
2 42 GLU n 
2 43 SER n 
2 44 GLY n 
2 45 ALA n 
2 46 SER n 
2 47 ILE n 
2 48 LYS n 
2 49 ILE n 
2 50 ASP n 
2 51 GLU n 
2 52 PRO n 
2 53 LEU n 
2 54 GLU n 
2 55 GLY n 
2 56 SER n 
2 57 GLU n 
2 58 ASP n 
2 59 ARG n 
2 60 ILE n 
2 61 ILE n 
2 62 THR n 
2 63 ILE n 
2 64 THR n 
2 65 GLY n 
2 66 THR n 
2 67 GLN n 
2 68 ASP n 
2 69 GLN n 
2 70 ILE n 
2 71 GLN n 
2 72 ASN n 
2 73 ALA n 
2 74 GLN n 
2 75 TYR n 
2 76 LEU n 
2 77 LEU n 
2 78 GLN n 
2 79 ASN n 
2 80 SER n 
2 81 VAL n 
2 82 LYS n 
2 83 GLN n 
2 84 TYR n 
2 85 SER n 
2 86 GLY n 
2 87 LYS n 
2 88 PHE n 
2 89 PHE n 
# 
_entity_src_gen.entity_id                          2 
_entity_src_gen.pdbx_src_id                        1 
_entity_src_gen.pdbx_alt_source_flag               sample 
_entity_src_gen.pdbx_seq_type                      ? 
_entity_src_gen.pdbx_beg_seq_num                   ? 
_entity_src_gen.pdbx_end_seq_num                   ? 
_entity_src_gen.gene_src_common_name               human 
_entity_src_gen.gene_src_genus                     Homo 
_entity_src_gen.pdbx_gene_src_gene                 ? 
_entity_src_gen.gene_src_species                   ? 
_entity_src_gen.gene_src_strain                    ? 
_entity_src_gen.gene_src_tissue                    ? 
_entity_src_gen.gene_src_tissue_fraction           ? 
_entity_src_gen.gene_src_details                   ? 
_entity_src_gen.pdbx_gene_src_fragment             ? 
_entity_src_gen.pdbx_gene_src_scientific_name      'Homo sapiens' 
_entity_src_gen.pdbx_gene_src_ncbi_taxonomy_id     9606 
_entity_src_gen.pdbx_gene_src_variant              ? 
_entity_src_gen.pdbx_gene_src_cell_line            ? 
_entity_src_gen.pdbx_gene_src_atcc                 ? 
_entity_src_gen.pdbx_gene_src_organ                ? 
_entity_src_gen.pdbx_gene_src_organelle            ? 
_entity_src_gen.pdbx_gene_src_cell                 ? 
_entity_src_gen.pdbx_gene_src_cellular_location    ? 
_entity_src_gen.host_org_common_name               ? 
_entity_src_gen.pdbx_host_org_scientific_name      'Escherichia coli' 
_entity_src_gen.pdbx_host_org_ncbi_taxonomy_id     562 
_entity_src_gen.host_org_genus                     Escherichia 
_entity_src_gen.pdbx_host_org_gene                 ? 
_entity_src_gen.pdbx_host_org_organ                ? 
_entity_src_gen.host_org_species                   ? 
_entity_src_gen.pdbx_host_org_tissue               ? 
_entity_src_gen.pdbx_host_org_tissue_fraction      ? 
_entity_src_gen.pdbx_host_org_strain               BE23 
_entity_src_gen.pdbx_host_org_variant              ? 
_entity_src_gen.pdbx_host_org_cell_line            ? 
_entity_src_gen.pdbx_host_org_atcc                 ? 
_entity_src_gen.pdbx_host_org_culture_collection   ? 
_entity_src_gen.pdbx_host_org_cell                 ? 
_entity_src_gen.pdbx_host_org_organelle            ? 
_entity_src_gen.pdbx_host_org_cellular_location    ? 
_entity_src_gen.pdbx_host_org_vector_type          ? 
_entity_src_gen.pdbx_host_org_vector               ? 
_entity_src_gen.host_org_details                   ? 
_entity_src_gen.expression_system_id               ? 
_entity_src_gen.plasmid_name                       PET15B 
_entity_src_gen.plasmid_details                    ? 
_entity_src_gen.pdbx_description                   ? 
# 
loop_
_chem_comp.id 
_chem_comp.type 
_chem_comp.mon_nstd_flag 
_chem_comp.name 
_chem_comp.pdbx_synonyms 
_chem_comp.formula 
_chem_comp.formula_weight 
ALA 'L-peptide linking' y ALANINE                              ? 'C3 H7 N O2'      89.093  
ARG 'L-peptide linking' y ARGININE                             ? 'C6 H15 N4 O2 1'  175.209 
ASN 'L-peptide linking' y ASPARAGINE                           ? 'C4 H8 N2 O3'     132.118 
ASP 'L-peptide linking' y 'ASPARTIC ACID'                      ? 'C4 H7 N O4'      133.103 
DA  'DNA linking'       y "2'-DEOXYADENOSINE-5'-MONOPHOSPHATE" ? 'C10 H14 N5 O6 P' 331.222 
DC  'DNA linking'       y "2'-DEOXYCYTIDINE-5'-MONOPHOSPHATE"  ? 'C9 H14 N3 O7 P'  307.197 
DT  'DNA linking'       y "THYMIDINE-5'-MONOPHOSPHATE"         ? 'C10 H15 N2 O8 P' 322.208 
GLN 'L-peptide linking' y GLUTAMINE                            ? 'C5 H10 N2 O3'    146.144 
GLU 'L-peptide linking' y 'GLUTAMIC ACID'                      ? 'C5 H9 N O4'      147.129 
GLY 'peptide linking'   y GLYCINE                              ? 'C2 H5 N O2'      75.067  
HIS 'L-peptide linking' y HISTIDINE                            ? 'C6 H10 N3 O2 1'  156.162 
ILE 'L-peptide linking' y ISOLEUCINE                           ? 'C6 H13 N O2'     131.173 
LEU 'L-peptide linking' y LEUCINE                              ? 'C6 H13 N O2'     131.173 
LYS 'L-peptide linking' y LYSINE                               ? 'C6 H15 N2 O2 1'  147.195 
MET 'L-peptide linking' y METHIONINE                           ? 'C5 H11 N O2 S'   149.211 
PHE 'L-peptide linking' y PHENYLALANINE                        ? 'C9 H11 N O2'     165.189 
PRO 'L-peptide linking' y PROLINE                              ? 'C5 H9 N O2'      115.130 
SER 'L-peptide linking' y SERINE                               ? 'C3 H7 N O3'      105.093 
THR 'L-peptide linking' y THREONINE                            ? 'C4 H9 N O3'      119.119 
TYR 'L-peptide linking' y TYROSINE                             ? 'C9 H11 N O3'     181.189 
VAL 'L-peptide linking' y VALINE                               ? 'C5 H11 N O2'     117.146 
# 
loop_
_pdbx_poly_seq_scheme.asym_id 
_pdbx_poly_seq_scheme.entity_id 
_pdbx_poly_seq_scheme.seq_id 
_pdbx_poly_seq_scheme.mon_id 
_pdbx_poly_seq_scheme.ndb_seq_num 
_pdbx_poly_seq_scheme.pdb_seq_num 
_pdbx_poly_seq_scheme.auth_seq_num 
_pdbx_poly_seq_scheme.pdb_mon_id 
_pdbx_poly_seq_scheme.auth_mon_id 
_pdbx_poly_seq_scheme.pdb_strand_id 
_pdbx_poly_seq_scheme.pdb_ins_code 
_pdbx_poly_seq_scheme.hetero 
A 1 1  DA  1  101 ?   ?   ?   B . n 
A 1 2  DT  2  102 ?   ?   ?   B . n 
A 1 3  DA  3  103 ?   ?   ?   B . n 
A 1 4  DT  4  104 ?   ?   ?   B . n 
A 1 5  DT  5  105 105 DT  THY B . n 
A 1 6  DC  6  106 106 DC  CYT B . n 
A 1 7  DC  7  107 107 DC  CYT B . n 
A 1 8  DC  8  108 108 DC  CYT B . n 
A 1 9  DT  9  109 109 DT  THY B . n 
A 1 10 DC  10 110 ?   ?   ?   B . n 
B 2 1  GLY 1  1   ?   ?   ?   A . n 
B 2 2  SER 2  2   ?   ?   ?   A . n 
B 2 3  HIS 3  3   ?   ?   ?   A . n 
B 2 4  MET 4  4   ?   ?   ?   A . n 
B 2 5  SER 5  5   ?   ?   ?   A . n 
B 2 6  TYR 6  6   ?   ?   ?   A . n 
B 2 7  GLY 7  7   ?   ?   ?   A . n 
B 2 8  ASP 8  8   ?   ?   ?   A . n 
B 2 9  LEU 9  9   ?   ?   ?   A . n 
B 2 10 GLY 10 10  10  GLY GLY A . n 
B 2 11 GLY 11 11  11  GLY GLY A . n 
B 2 12 PRO 12 12  12  PRO PRO A . n 
B 2 13 ILE 13 13  13  ILE ILE A . n 
B 2 14 ILE 14 14  14  ILE ILE A . n 
B 2 15 THR 15 15  15  THR THR A . n 
B 2 16 THR 16 16  16  THR THR A . n 
B 2 17 GLN 17 17  17  GLN GLN A . n 
B 2 18 VAL 18 18  18  VAL VAL A . n 
B 2 19 THR 19 19  19  THR THR A . n 
B 2 20 ILE 20 20  20  ILE ILE A . n 
B 2 21 PRO 21 21  21  PRO PRO A . n 
B 2 22 LYS 22 22  22  LYS LYS A . n 
B 2 23 ASP 23 23  23  ASP ASP A . n 
B 2 24 LEU 24 24  24  LEU LEU A . n 
B 2 25 ALA 25 25  25  ALA ALA A . n 
B 2 26 GLY 26 26  26  GLY GLY A . n 
B 2 27 SER 27 27  27  SER SER A . n 
B 2 28 ILE 28 28  28  ILE ILE A . n 
B 2 29 ILE 29 29  29  ILE ILE A . n 
B 2 30 GLY 30 30  30  GLY GLY A . n 
B 2 31 LYS 31 31  31  LYS LYS A . n 
B 2 32 GLY 32 32  32  GLY GLY A . n 
B 2 33 GLY 33 33  33  GLY GLY A . n 
B 2 34 GLN 34 34  34  GLN GLN A . n 
B 2 35 ARG 35 35  35  ARG ARG A . n 
B 2 36 ILE 36 36  36  ILE ILE A . n 
B 2 37 LYS 37 37  37  LYS LYS A . n 
B 2 38 GLN 38 38  38  GLN GLN A . n 
B 2 39 ILE 39 39  39  ILE ILE A . n 
B 2 40 ARG 40 40  40  ARG ARG A . n 
B 2 41 HIS 41 41  41  HIS HIS A . n 
B 2 42 GLU 42 42  42  GLU GLU A . n 
B 2 43 SER 43 43  43  SER SER A . n 
B 2 44 GLY 44 44  44  GLY GLY A . n 
B 2 45 ALA 45 45  45  ALA ALA A . n 
B 2 46 SER 46 46  46  SER SER A . n 
B 2 47 ILE 47 47  47  ILE ILE A . n 
B 2 48 LYS 48 48  48  LYS LYS A . n 
B 2 49 ILE 49 49  49  ILE ILE A . n 
B 2 50 ASP 50 50  50  ASP ASP A . n 
B 2 51 GLU 51 51  51  GLU GLU A . n 
B 2 52 PRO 52 52  52  PRO PRO A . n 
B 2 53 LEU 53 53  53  LEU LEU A . n 
B 2 54 GLU 54 54  54  GLU GLU A . n 
B 2 55 GLY 55 55  55  GLY GLY A . n 
B 2 56 SER 56 56  56  SER SER A . n 
B 2 57 GLU 57 57  57  GLU GLU A . n 
B 2 58 ASP 58 58  58  ASP ASP A . n 
B 2 59 ARG 59 59  59  ARG ARG A . n 
B 2 60 ILE 60 60  60  ILE ILE A . n 
B 2 61 ILE 61 61  61  ILE ILE A . n 
B 2 62 THR 62 62  62  THR THR A . n 
B 2 63 ILE 63 63  63  ILE ILE A . n 
B 2 64 THR 64 64  64  THR THR A . n 
B 2 65 GLY 65 65  65  GLY GLY A . n 
B 2 66 THR 66 66  66  THR THR A . n 
B 2 67 GLN 67 67  67  GLN GLN A . n 
B 2 68 ASP 68 68  68  ASP ASP A . n 
B 2 69 GLN 69 69  69  GLN GLN A . n 
B 2 70 ILE 70 70  70  ILE ILE A . n 
B 2 71 GLN 71 71  71  GLN GLN A . n 
B 2 72 ASN 72 72  72  ASN ASN A . n 
B 2 73 ALA 73 73  73  ALA ALA A . n 
B 2 74 GLN 74 74  74  GLN GLN A . n 
B 2 75 TYR 75 75  75  TYR TYR A . n 
B 2 76 LEU 76 76  76  LEU LEU A . n 
B 2 77 LEU 77 77  77  LEU LEU A . n 
B 2 78 GLN 78 78  78  GLN GLN A . n 
B 2 79 ASN 79 79  79  ASN ASN A . n 
B 2 80 SER 80 80  80  SER SER A . n 
B 2 81 VAL 81 81  81  VAL VAL A . n 
B 2 82 LYS 82 82  82  LYS LYS A . n 
B 2 83 GLN 83 83  83  GLN GLN A . n 
B 2 84 TYR 84 84  84  TYR TYR A . n 
B 2 85 SER 85 85  85  SER SER A . n 
B 2 86 GLY 86 86  ?   ?   ?   A . n 
B 2 87 LYS 87 87  ?   ?   ?   A . n 
B 2 88 PHE 88 88  ?   ?   ?   A . n 
B 2 89 PHE 89 89  ?   ?   ?   A . n 
# 
loop_
_pdbx_unobs_or_zero_occ_atoms.id 
_pdbx_unobs_or_zero_occ_atoms.PDB_model_num 
_pdbx_unobs_or_zero_occ_atoms.polymer_flag 
_pdbx_unobs_or_zero_occ_atoms.occupancy_flag 
_pdbx_unobs_or_zero_occ_atoms.auth_asym_id 
_pdbx_unobs_or_zero_occ_atoms.auth_comp_id 
_pdbx_unobs_or_zero_occ_atoms.auth_seq_id 
_pdbx_unobs_or_zero_occ_atoms.PDB_ins_code 
_pdbx_unobs_or_zero_occ_atoms.auth_atom_id 
_pdbx_unobs_or_zero_occ_atoms.label_alt_id 
_pdbx_unobs_or_zero_occ_atoms.label_asym_id 
_pdbx_unobs_or_zero_occ_atoms.label_comp_id 
_pdbx_unobs_or_zero_occ_atoms.label_seq_id 
_pdbx_unobs_or_zero_occ_atoms.label_atom_id 
1 1 Y 1 B DT 105 ? P   ? A DT 5 P   
2 1 Y 1 B DT 105 ? OP1 ? A DT 5 OP1 
3 1 Y 1 B DT 105 ? OP2 ? A DT 5 OP2 
# 
_cell.entry_id           1J5K 
_cell.length_a           1.000 
_cell.length_b           1.000 
_cell.length_c           1.000 
_cell.angle_alpha        90.00 
_cell.angle_beta         90.00 
_cell.angle_gamma        90.00 
_cell.Z_PDB              1 
_cell.pdbx_unique_axis   ? 
# 
_symmetry.entry_id                         1J5K 
_symmetry.space_group_name_H-M             'P 1' 
_symmetry.pdbx_full_space_group_name_H-M   ? 
_symmetry.cell_setting                     ? 
_symmetry.Int_Tables_number                1 
# 
_exptl.entry_id          1J5K 
_exptl.method            'SOLUTION NMR' 
_exptl.crystals_number   ? 
_exptl.details           
;(5) IPAP EXPTS FOR DIPOLAR COUPLINGS WERE MEASURED IN A LIQUID
CRYSTALLINE MEDIUM OF PHAGE PF1 (18 MG/ML), 5% C12E5 POLYETHYLENE GLYCOL/HEXANOL
 (MOLAR RATIO OF SURFACTANT TO ALCOHOL 0.96)
;
# 
_struct.entry_id                  1J5K 
_struct.title                     'COMPLEX OF THE KH3 DOMAIN OF HNRNP K WITH A SINGLE_STRANDED 10MER DNA OLIGONUCLEOTIDE' 
_struct.pdbx_model_details        ? 
_struct.pdbx_CASP_flag            ? 
_struct.pdbx_model_type_details   ? 
# 
_struct_keywords.entry_id        1J5K 
_struct_keywords.pdbx_keywords   TRANSCRIPTION/DNA 
_struct_keywords.text            
'SINGLE-STRANDED DNA BINDING PROTEIN, TRANSCRIPTION FACTOR, HNRNP K, CT ELEMENT, C-MYC ONCOGENE, TRANSCRIPTION-DNA COMPLEX' 
# 
loop_
_struct_asym.id 
_struct_asym.pdbx_blank_PDB_chainid_flag 
_struct_asym.pdbx_modified 
_struct_asym.entity_id 
_struct_asym.details 
A N N 1 ? 
B N N 2 ? 
# 
loop_
_struct_ref.id 
_struct_ref.db_name 
_struct_ref.db_code 
_struct_ref.entity_id 
_struct_ref.pdbx_seq_one_letter_code 
_struct_ref.pdbx_align_begin 
_struct_ref.pdbx_db_accession 
_struct_ref.pdbx_db_isoform 
1 UNP ROK_HUMAN 2 
;SYGDLGGPIITTQVTIPKDLAGSIIGKGGQRIKQIRHESGASIKIDEPLEGSEDRIITITGTQDQIQNAQYLLQNSVKQY
SGKFF
;
379 P61978 ? 
2 PDB 1J5K      1 ?                                                                                        ?   1J5K   ? 
# 
loop_
_struct_ref_seq.align_id 
_struct_ref_seq.ref_id 
_struct_ref_seq.pdbx_PDB_id_code 
_struct_ref_seq.pdbx_strand_id 
_struct_ref_seq.seq_align_beg 
_struct_ref_seq.pdbx_seq_align_beg_ins_code 
_struct_ref_seq.seq_align_end 
_struct_ref_seq.pdbx_seq_align_end_ins_code 
_struct_ref_seq.pdbx_db_accession 
_struct_ref_seq.db_align_beg 
_struct_ref_seq.pdbx_db_align_beg_ins_code 
_struct_ref_seq.db_align_end 
_struct_ref_seq.pdbx_db_align_end_ins_code 
_struct_ref_seq.pdbx_auth_seq_align_beg 
_struct_ref_seq.pdbx_auth_seq_align_end 
1 1 1J5K A 5 ? 89 ? P61978 379 ? 463 ? 5   89  
2 2 1J5K B 1 ? 10 ? 1J5K   101 ? 110 ? 101 110 
# 
loop_
_struct_ref_seq_dif.align_id 
_struct_ref_seq_dif.pdbx_pdb_id_code 
_struct_ref_seq_dif.mon_id 
_struct_ref_seq_dif.pdbx_pdb_strand_id 
_struct_ref_seq_dif.seq_num 
_struct_ref_seq_dif.pdbx_pdb_ins_code 
_struct_ref_seq_dif.pdbx_seq_db_name 
_struct_ref_seq_dif.pdbx_seq_db_accession_code 
_struct_ref_seq_dif.db_mon_id 
_struct_ref_seq_dif.pdbx_seq_db_seq_num 
_struct_ref_seq_dif.details 
_struct_ref_seq_dif.pdbx_auth_seq_num 
_struct_ref_seq_dif.pdbx_ordinal 
1 1J5K GLY A 1 ? UNP P61978 ? ? 'cloning artifact' 1 1 
1 1J5K SER A 2 ? UNP P61978 ? ? 'cloning artifact' 2 2 
1 1J5K HIS A 3 ? UNP P61978 ? ? 'cloning artifact' 3 3 
1 1J5K MET A 4 ? UNP P61978 ? ? 'cloning artifact' 4 4 
# 
_pdbx_struct_assembly.id                   1 
_pdbx_struct_assembly.details              author_defined_assembly 
_pdbx_struct_assembly.method_details       ? 
_pdbx_struct_assembly.oligomeric_details   dimeric 
_pdbx_struct_assembly.oligomeric_count     2 
# 
_pdbx_struct_assembly_gen.assembly_id       1 
_pdbx_struct_assembly_gen.oper_expression   1 
_pdbx_struct_assembly_gen.asym_id_list      A,B 
# 
_pdbx_struct_oper_list.id                   1 
_pdbx_struct_oper_list.type                 'identity operation' 
_pdbx_struct_oper_list.name                 1_555 
_pdbx_struct_oper_list.symmetry_operation   x,y,z 
_pdbx_struct_oper_list.matrix[1][1]         1.0000000000 
_pdbx_struct_oper_list.matrix[1][2]         0.0000000000 
_pdbx_struct_oper_list.matrix[1][3]         0.0000000000 
_pdbx_struct_oper_list.vector[1]            0.0000000000 
_pdbx_struct_oper_list.matrix[2][1]         0.0000000000 
_pdbx_struct_oper_list.matrix[2][2]         1.0000000000 
_pdbx_struct_oper_list.matrix[2][3]         0.0000000000 
_pdbx_struct_oper_list.vector[2]            0.0000000000 
_pdbx_struct_oper_list.matrix[3][1]         0.0000000000 
_pdbx_struct_oper_list.matrix[3][2]         0.0000000000 
_pdbx_struct_oper_list.matrix[3][3]         1.0000000000 
_pdbx_struct_oper_list.vector[3]            0.0000000000 
# 
_struct_biol.id   1 
# 
loop_
_struct_conf.conf_type_id 
_struct_conf.id 
_struct_conf.pdbx_PDB_helix_id 
_struct_conf.beg_label_comp_id 
_struct_conf.beg_label_asym_id 
_struct_conf.beg_label_seq_id 
_struct_conf.pdbx_beg_PDB_ins_code 
_struct_conf.end_label_comp_id 
_struct_conf.end_label_asym_id 
_struct_conf.end_label_seq_id 
_struct_conf.pdbx_end_PDB_ins_code 
_struct_conf.beg_auth_comp_id 
_struct_conf.beg_auth_asym_id 
_struct_conf.beg_auth_seq_id 
_struct_conf.end_auth_comp_id 
_struct_conf.end_auth_asym_id 
_struct_conf.end_auth_seq_id 
_struct_conf.pdbx_PDB_helix_class 
_struct_conf.details 
_struct_conf.pdbx_PDB_helix_length 
HELX_P HELX_P1 1 LYS B 22 ? GLY B 30 ? LYS A 22 GLY A 30 1 ? 9  
HELX_P HELX_P2 2 GLY B 33 ? SER B 43 ? GLY A 33 SER A 43 1 ? 11 
HELX_P HELX_P3 3 GLN B 67 ? SER B 85 ? GLN A 67 SER A 85 1 ? 19 
# 
_struct_conf_type.id          HELX_P 
_struct_conf_type.criteria    ? 
_struct_conf_type.reference   ? 
# 
_struct_sheet.id               A 
_struct_sheet.type             ? 
_struct_sheet.number_strands   3 
_struct_sheet.details          ? 
# 
loop_
_struct_sheet_order.sheet_id 
_struct_sheet_order.range_id_1 
_struct_sheet_order.range_id_2 
_struct_sheet_order.offset 
_struct_sheet_order.sense 
A 1 2 ? anti-parallel 
A 2 3 ? anti-parallel 
# 
loop_
_struct_sheet_range.sheet_id 
_struct_sheet_range.id 
_struct_sheet_range.beg_label_comp_id 
_struct_sheet_range.beg_label_asym_id 
_struct_sheet_range.beg_label_seq_id 
_struct_sheet_range.pdbx_beg_PDB_ins_code 
_struct_sheet_range.end_label_comp_id 
_struct_sheet_range.end_label_asym_id 
_struct_sheet_range.end_label_seq_id 
_struct_sheet_range.pdbx_end_PDB_ins_code 
_struct_sheet_range.beg_auth_comp_id 
_struct_sheet_range.beg_auth_asym_id 
_struct_sheet_range.beg_auth_seq_id 
_struct_sheet_range.end_auth_comp_id 
_struct_sheet_range.end_auth_asym_id 
_struct_sheet_range.end_auth_seq_id 
A 1 ILE B 13 ? PRO B 21 ? ILE A 13 PRO A 21 
A 2 ASP B 58 ? THR B 66 ? ASP A 58 THR A 66 
A 3 SER B 46 ? ILE B 49 ? SER A 46 ILE A 49 
# 
loop_
_pdbx_struct_sheet_hbond.sheet_id 
_pdbx_struct_sheet_hbond.range_id_1 
_pdbx_struct_sheet_hbond.range_id_2 
_pdbx_struct_sheet_hbond.range_1_label_atom_id 
_pdbx_struct_sheet_hbond.range_1_label_comp_id 
_pdbx_struct_sheet_hbond.range_1_label_asym_id 
_pdbx_struct_sheet_hbond.range_1_label_seq_id 
_pdbx_struct_sheet_hbond.range_1_PDB_ins_code 
_pdbx_struct_sheet_hbond.range_1_auth_atom_id 
_pdbx_struct_sheet_hbond.range_1_auth_comp_id 
_pdbx_struct_sheet_hbond.range_1_auth_asym_id 
_pdbx_struct_sheet_hbond.range_1_auth_seq_id 
_pdbx_struct_sheet_hbond.range_2_label_atom_id 
_pdbx_struct_sheet_hbond.range_2_label_comp_id 
_pdbx_struct_sheet_hbond.range_2_label_asym_id 
_pdbx_struct_sheet_hbond.range_2_label_seq_id 
_pdbx_struct_sheet_hbond.range_2_PDB_ins_code 
_pdbx_struct_sheet_hbond.range_2_auth_atom_id 
_pdbx_struct_sheet_hbond.range_2_auth_comp_id 
_pdbx_struct_sheet_hbond.range_2_auth_asym_id 
_pdbx_struct_sheet_hbond.range_2_auth_seq_id 
A 1 2 N VAL B 18 ? N VAL A 18 O ILE B 61 ? O ILE A 61 
A 2 3 O THR B 62 ? O THR A 62 N LYS B 48 ? N LYS A 48 
# 
loop_
_pdbx_validate_close_contact.id 
_pdbx_validate_close_contact.PDB_model_num 
_pdbx_validate_close_contact.auth_atom_id_1 
_pdbx_validate_close_contact.auth_asym_id_1 
_pdbx_validate_close_contact.auth_comp_id_1 
_pdbx_validate_close_contact.auth_seq_id_1 
_pdbx_validate_close_contact.PDB_ins_code_1 
_pdbx_validate_close_contact.label_alt_id_1 
_pdbx_validate_close_contact.auth_atom_id_2 
_pdbx_validate_close_contact.auth_asym_id_2 
_pdbx_validate_close_contact.auth_comp_id_2 
_pdbx_validate_close_contact.auth_seq_id_2 
_pdbx_validate_close_contact.PDB_ins_code_2 
_pdbx_validate_close_contact.label_alt_id_2 
_pdbx_validate_close_contact.dist 
1 1 "O3'" B DC  108 ? ? HH12 A ARG 40 ? ? 1.47 
2 1 O     A GLN 67  ? ? H    A GLN 71 ? ? 1.56 
# 
loop_
_pdbx_validate_rmsd_angle.id 
_pdbx_validate_rmsd_angle.PDB_model_num 
_pdbx_validate_rmsd_angle.auth_atom_id_1 
_pdbx_validate_rmsd_angle.auth_asym_id_1 
_pdbx_validate_rmsd_angle.auth_comp_id_1 
_pdbx_validate_rmsd_angle.auth_seq_id_1 
_pdbx_validate_rmsd_angle.PDB_ins_code_1 
_pdbx_validate_rmsd_angle.label_alt_id_1 
_pdbx_validate_rmsd_angle.auth_atom_id_2 
_pdbx_validate_rmsd_angle.auth_asym_id_2 
_pdbx_validate_rmsd_angle.auth_comp_id_2 
_pdbx_validate_rmsd_angle.auth_seq_id_2 
_pdbx_validate_rmsd_angle.PDB_ins_code_2 
_pdbx_validate_rmsd_angle.label_alt_id_2 
_pdbx_validate_rmsd_angle.auth_atom_id_3 
_pdbx_validate_rmsd_angle.auth_asym_id_3 
_pdbx_validate_rmsd_angle.auth_comp_id_3 
_pdbx_validate_rmsd_angle.auth_seq_id_3 
_pdbx_validate_rmsd_angle.PDB_ins_code_3 
_pdbx_validate_rmsd_angle.label_alt_id_3 
_pdbx_validate_rmsd_angle.angle_value 
_pdbx_validate_rmsd_angle.angle_target_value 
_pdbx_validate_rmsd_angle.angle_deviation 
_pdbx_validate_rmsd_angle.angle_standard_deviation 
_pdbx_validate_rmsd_angle.linker_flag 
1 1 "C4'" B DT 105 ? ? "C3'" B DT 105 ? ? "C2'" B DT 105 ? ? 111.08 103.10 7.98 0.90 N 
2 1 "C4'" B DC 106 ? ? "C3'" B DC 106 ? ? "C2'" B DC 106 ? ? 109.92 103.10 6.82 0.90 N 
3 1 "C4'" B DC 107 ? ? "C3'" B DC 107 ? ? "C2'" B DC 107 ? ? 109.28 103.10 6.18 0.90 N 
4 1 "C4'" B DC 108 ? ? "C3'" B DC 108 ? ? "C2'" B DC 108 ? ? 109.74 103.10 6.64 0.90 N 
5 1 "C4'" B DT 109 ? ? "C3'" B DT 109 ? ? "C2'" B DT 109 ? ? 109.88 103.10 6.78 0.90 N 
6 1 "O4'" B DT 109 ? ? "C1'" B DT 109 ? ? "C2'" B DT 109 ? ? 109.86 106.80 3.06 0.50 N 
# 
loop_
_pdbx_validate_torsion.id 
_pdbx_validate_torsion.PDB_model_num 
_pdbx_validate_torsion.auth_comp_id 
_pdbx_validate_torsion.auth_asym_id 
_pdbx_validate_torsion.auth_seq_id 
_pdbx_validate_torsion.PDB_ins_code 
_pdbx_validate_torsion.label_alt_id 
_pdbx_validate_torsion.phi 
_pdbx_validate_torsion.psi 
1 1 ASP A 23 ? ? -49.51  -15.33 
2 1 GLU A 57 ? ? -105.66 40.12  
# 
_pdbx_nmr_ensemble.entry_id                                      1J5K 
_pdbx_nmr_ensemble.conformers_calculated_total_number            125 
_pdbx_nmr_ensemble.conformers_submitted_total_number             1 
_pdbx_nmr_ensemble.conformer_selection_criteria                  'REGULARIZED MEAN STRUCTURE' 
_pdbx_nmr_ensemble.average_constraints_per_residue               ? 
_pdbx_nmr_ensemble.average_constraint_violations_per_residue     ? 
_pdbx_nmr_ensemble.maximum_distance_constraint_violation         ? 
_pdbx_nmr_ensemble.average_distance_constraint_violation         ? 
_pdbx_nmr_ensemble.maximum_upper_distance_constraint_violation   ? 
_pdbx_nmr_ensemble.maximum_lower_distance_constraint_violation   ? 
_pdbx_nmr_ensemble.distance_constraint_violation_method          ? 
_pdbx_nmr_ensemble.maximum_torsion_angle_constraint_violation    ? 
_pdbx_nmr_ensemble.average_torsion_angle_constraint_violation    ? 
_pdbx_nmr_ensemble.torsion_angle_constraint_violation_method     ? 
# 
_pdbx_nmr_exptl_sample_conditions.conditions_id       1 
_pdbx_nmr_exptl_sample_conditions.temperature         308 
_pdbx_nmr_exptl_sample_conditions.pressure_units      ? 
_pdbx_nmr_exptl_sample_conditions.pressure            ? 
_pdbx_nmr_exptl_sample_conditions.pH                  6.80 
_pdbx_nmr_exptl_sample_conditions.ionic_strength      '50 mM SODIUM PHOSPHATE' 
_pdbx_nmr_exptl_sample_conditions.temperature_units   K 
# 
loop_
_pdbx_nmr_exptl.experiment_id 
_pdbx_nmr_exptl.conditions_id 
_pdbx_nmr_exptl.type 
_pdbx_nmr_exptl.solution_id 
1 1 '(1) TRIPLE RESONANCE FOR ASSIGNMENT OF PROTEIN'         1 
2 1 '(2) QUANTITATIVE J CORRELATION FOR COUPLING CONSTANTS'  1 
3 1 '(3) 3D, 4D HETERONUCLEAR SEPARATED, FILTERED NOE EXPTS' 1 
4 1 '(4) 2D 12C-FILTERED EXPERIMENTS FOR DNA ASSIGNMENTS'    1 
5 1 '(5) IPAP EXPTS FOR DIPOLAR COUPLINGS'                   1 
# 
_pdbx_nmr_refine.entry_id           1J5K 
_pdbx_nmr_refine.method             'simulated annealing' 
_pdbx_nmr_refine.details            
;THE STRUCTURES WERE CALCULATED BY SIMULATED ANNEALING IN TORSION ANGLE SPACE (SCHWIETERS AND CLORE (2001) J MAGN RESON 152, 288-302) AGAINST A TARGET FUNCTION COMPRISING THE EXPERIMENTAL NMR RESTRAINTS (NOE-DERIVED INTERPROTON DISTANCE, TORSION ANGLE, 13CALPHA/13CBETA SHIFTS AND DIPOLAR COUPLINGS). THE NON-BONDED CONTACTS IN THE TARGET FUNCTION ARE REPRESENTED BY A QUARTIC VAN DER WAALS REPULSION TERM, SUPPLEMENTED BY TORSION ANGLE (KUSZEWSKI ET AL. J. MAGN. RESON 125, 171-177 (1997)) AND BASE-BASE POSITIONAL (KUSZEWSKI ET AL. J AM CHEM SOC 123, 3903-3918 (2001)) DATABASE POTENTIALS OF MEAN FORCE.

IN THIS ENTRY THE LAST NUMERICAL COLUMN IS THE RMS OF
THE 125 INDIVIDUAL SIMULATED ANNEALING STRUCTURES
ABOUT THE MEAN COORDINATE POSITIONS: RESIDUES 1-9 and 
86-89 OF THE PROTEIN ARE DISORDERED IN THE COMPLEX. 
ALTHOUGH THE SINGLE-STRANDED DNA IS B-LIKE, THE 
COORDINATES OF THOSE PORTIONS OF THE SS-DNA NOT IN 
CONTACT WITH THE PROTEIN COULD NOT BE ACCURATELY DETERMINED
(BASES 101-104 and 110). THEREFORE ONLY THE COORDINATES OF
RESIDUES 10-85 AND NUCLEOTIDES 105-109 ARE PRESENTED.

SOLVED BY MULTI HETERONUCLEAR NMR AND IS BASED ON
  1986 EXPERIMENTAL NMR RESTRAINTS
 DISTANCES                       1289
 TORSION ANGLES                   266
 13CA/CB SHIFTS                   144
 1DNH DIPOLARS IN PEG/HEXANOL      63
 1DNC' DIPOLARS IN PEG/HEXANOL     44
 2DHNC' DIPOLARS IN PEG/HEXANOL    40
 1DNH DIPOLARS IN PHAGE PF1        56
 1DNC' DIPOLARS IN PHAGE PF1       42
 2DHNC' DIPOLARS IN PHAGE PF1      42

BREAKDOWN OF INTRAMOLECULAR PROTEIN DISTANCE RESTRAINTS
 INTRARESIDUE              315
 SEQUENTIAL                282
 MEDIUM RANGE              197
 LONG RANGE                300
 BACKBONE H-BONDS           54 RESTRAINTS FOR 27 H-BONDS
 INTRA-DNA DISTANCES        68
 INTERMOLECULAR DISTANCES   73
;
_pdbx_nmr_refine.software_ordinal   1 
# 
loop_
_pdbx_nmr_software.classification 
_pdbx_nmr_software.name 
_pdbx_nmr_software.version 
_pdbx_nmr_software.authors 
_pdbx_nmr_software.ordinal 
refinement           'X-PLOR NIH' '(HTTP://NMR.CIT.NIH.GOV/XPLOR_NIH)' 'CLORE, KUSZEWSKI, SCHWIETERS, TJANDRA' 1 
'structure solution' XPLOR_NIH    ?                                    ?                                       2 
# 
loop_
_pdbx_unobs_or_zero_occ_residues.id 
_pdbx_unobs_or_zero_occ_residues.PDB_model_num 
_pdbx_unobs_or_zero_occ_residues.polymer_flag 
_pdbx_unobs_or_zero_occ_residues.occupancy_flag 
_pdbx_unobs_or_zero_occ_residues.auth_asym_id 
_pdbx_unobs_or_zero_occ_residues.auth_comp_id 
_pdbx_unobs_or_zero_occ_residues.auth_seq_id 
_pdbx_unobs_or_zero_occ_residues.PDB_ins_code 
_pdbx_unobs_or_zero_occ_residues.label_asym_id 
_pdbx_unobs_or_zero_occ_residues.label_comp_id 
_pdbx_unobs_or_zero_occ_residues.label_seq_id 
1  1 Y 1 B DA  101 ? A DA  1  
2  1 Y 1 B DT  102 ? A DT  2  
3  1 Y 1 B DA  103 ? A DA  3  
4  1 Y 1 B DT  104 ? A DT  4  
5  1 Y 1 B DC  110 ? A DC  10 
6  1 Y 1 A GLY 1   ? B GLY 1  
7  1 Y 1 A SER 2   ? B SER 2  
8  1 Y 1 A HIS 3   ? B HIS 3  
9  1 Y 1 A MET 4   ? B MET 4  
10 1 Y 1 A SER 5   ? B SER 5  
11 1 Y 1 A TYR 6   ? B TYR 6  
12 1 Y 1 A GLY 7   ? B GLY 7  
13 1 Y 1 A ASP 8   ? B ASP 8  
14 1 Y 1 A LEU 9   ? B LEU 9  
15 1 Y 1 A GLY 86  ? B GLY 86 
16 1 Y 1 A LYS 87  ? B LYS 87 
17 1 Y 1 A PHE 88  ? B PHE 88 
18 1 Y 1 A PHE 89  ? B PHE 89 
# 
loop_
_chem_comp_atom.comp_id 
_chem_comp_atom.atom_id 
_chem_comp_atom.type_symbol 
_chem_comp_atom.pdbx_aromatic_flag 
_chem_comp_atom.pdbx_stereo_config 
_chem_comp_atom.pdbx_ordinal 
ALA N      N N N 1   
ALA CA     C N S 2   
ALA C      C N N 3   
ALA O      O N N 4   
ALA CB     C N N 5   
ALA OXT    O N N 6   
ALA H      H N N 7   
ALA H2     H N N 8   
ALA HA     H N N 9   
ALA HB1    H N N 10  
ALA HB2    H N N 11  
ALA HB3    H N N 12  
ALA HXT    H N N 13  
ARG N      N N N 14  
ARG CA     C N S 15  
ARG C      C N N 16  
ARG O      O N N 17  
ARG CB     C N N 18  
ARG CG     C N N 19  
ARG CD     C N N 20  
ARG NE     N N N 21  
ARG CZ     C N N 22  
ARG NH1    N N N 23  
ARG NH2    N N N 24  
ARG OXT    O N N 25  
ARG H      H N N 26  
ARG H2     H N N 27  
ARG HA     H N N 28  
ARG HB2    H N N 29  
ARG HB3    H N N 30  
ARG HG2    H N N 31  
ARG HG3    H N N 32  
ARG HD2    H N N 33  
ARG HD3    H N N 34  
ARG HE     H N N 35  
ARG HH11   H N N 36  
ARG HH12   H N N 37  
ARG HH21   H N N 38  
ARG HH22   H N N 39  
ARG HXT    H N N 40  
ASN N      N N N 41  
ASN CA     C N S 42  
ASN C      C N N 43  
ASN O      O N N 44  
ASN CB     C N N 45  
ASN CG     C N N 46  
ASN OD1    O N N 47  
ASN ND2    N N N 48  
ASN OXT    O N N 49  
ASN H      H N N 50  
ASN H2     H N N 51  
ASN HA     H N N 52  
ASN HB2    H N N 53  
ASN HB3    H N N 54  
ASN HD21   H N N 55  
ASN HD22   H N N 56  
ASN HXT    H N N 57  
ASP N      N N N 58  
ASP CA     C N S 59  
ASP C      C N N 60  
ASP O      O N N 61  
ASP CB     C N N 62  
ASP CG     C N N 63  
ASP OD1    O N N 64  
ASP OD2    O N N 65  
ASP OXT    O N N 66  
ASP H      H N N 67  
ASP H2     H N N 68  
ASP HA     H N N 69  
ASP HB2    H N N 70  
ASP HB3    H N N 71  
ASP HD2    H N N 72  
ASP HXT    H N N 73  
DA  OP3    O N N 74  
DA  P      P N N 75  
DA  OP1    O N N 76  
DA  OP2    O N N 77  
DA  "O5'"  O N N 78  
DA  "C5'"  C N N 79  
DA  "C4'"  C N R 80  
DA  "O4'"  O N N 81  
DA  "C3'"  C N S 82  
DA  "O3'"  O N N 83  
DA  "C2'"  C N N 84  
DA  "C1'"  C N R 85  
DA  N9     N Y N 86  
DA  C8     C Y N 87  
DA  N7     N Y N 88  
DA  C5     C Y N 89  
DA  C6     C Y N 90  
DA  N6     N N N 91  
DA  N1     N Y N 92  
DA  C2     C Y N 93  
DA  N3     N Y N 94  
DA  C4     C Y N 95  
DA  HOP3   H N N 96  
DA  HOP2   H N N 97  
DA  "H5'"  H N N 98  
DA  "H5''" H N N 99  
DA  "H4'"  H N N 100 
DA  "H3'"  H N N 101 
DA  "HO3'" H N N 102 
DA  "H2'"  H N N 103 
DA  "H2''" H N N 104 
DA  "H1'"  H N N 105 
DA  H8     H N N 106 
DA  H61    H N N 107 
DA  H62    H N N 108 
DA  H2     H N N 109 
DC  OP3    O N N 110 
DC  P      P N N 111 
DC  OP1    O N N 112 
DC  OP2    O N N 113 
DC  "O5'"  O N N 114 
DC  "C5'"  C N N 115 
DC  "C4'"  C N R 116 
DC  "O4'"  O N N 117 
DC  "C3'"  C N S 118 
DC  "O3'"  O N N 119 
DC  "C2'"  C N N 120 
DC  "C1'"  C N R 121 
DC  N1     N N N 122 
DC  C2     C N N 123 
DC  O2     O N N 124 
DC  N3     N N N 125 
DC  C4     C N N 126 
DC  N4     N N N 127 
DC  C5     C N N 128 
DC  C6     C N N 129 
DC  HOP3   H N N 130 
DC  HOP2   H N N 131 
DC  "H5'"  H N N 132 
DC  "H5''" H N N 133 
DC  "H4'"  H N N 134 
DC  "H3'"  H N N 135 
DC  "HO3'" H N N 136 
DC  "H2'"  H N N 137 
DC  "H2''" H N N 138 
DC  "H1'"  H N N 139 
DC  H41    H N N 140 
DC  H42    H N N 141 
DC  H5     H N N 142 
DC  H6     H N N 143 
DT  OP3    O N N 144 
DT  P      P N N 145 
DT  OP1    O N N 146 
DT  OP2    O N N 147 
DT  "O5'"  O N N 148 
DT  "C5'"  C N N 149 
DT  "C4'"  C N R 150 
DT  "O4'"  O N N 151 
DT  "C3'"  C N S 152 
DT  "O3'"  O N N 153 
DT  "C2'"  C N N 154 
DT  "C1'"  C N R 155 
DT  N1     N N N 156 
DT  C2     C N N 157 
DT  O2     O N N 158 
DT  N3     N N N 159 
DT  C4     C N N 160 
DT  O4     O N N 161 
DT  C5     C N N 162 
DT  C7     C N N 163 
DT  C6     C N N 164 
DT  HOP3   H N N 165 
DT  HOP2   H N N 166 
DT  "H5'"  H N N 167 
DT  "H5''" H N N 168 
DT  "H4'"  H N N 169 
DT  "H3'"  H N N 170 
DT  "HO3'" H N N 171 
DT  "H2'"  H N N 172 
DT  "H2''" H N N 173 
DT  "H1'"  H N N 174 
DT  H3     H N N 175 
DT  H71    H N N 176 
DT  H72    H N N 177 
DT  H73    H N N 178 
DT  H6     H N N 179 
GLN N      N N N 180 
GLN CA     C N S 181 
GLN C      C N N 182 
GLN O      O N N 183 
GLN CB     C N N 184 
GLN CG     C N N 185 
GLN CD     C N N 186 
GLN OE1    O N N 187 
GLN NE2    N N N 188 
GLN OXT    O N N 189 
GLN H      H N N 190 
GLN H2     H N N 191 
GLN HA     H N N 192 
GLN HB2    H N N 193 
GLN HB3    H N N 194 
GLN HG2    H N N 195 
GLN HG3    H N N 196 
GLN HE21   H N N 197 
GLN HE22   H N N 198 
GLN HXT    H N N 199 
GLU N      N N N 200 
GLU CA     C N S 201 
GLU C      C N N 202 
GLU O      O N N 203 
GLU CB     C N N 204 
GLU CG     C N N 205 
GLU CD     C N N 206 
GLU OE1    O N N 207 
GLU OE2    O N N 208 
GLU OXT    O N N 209 
GLU H      H N N 210 
GLU H2     H N N 211 
GLU HA     H N N 212 
GLU HB2    H N N 213 
GLU HB3    H N N 214 
GLU HG2    H N N 215 
GLU HG3    H N N 216 
GLU HE2    H N N 217 
GLU HXT    H N N 218 
GLY N      N N N 219 
GLY CA     C N N 220 
GLY C      C N N 221 
GLY O      O N N 222 
GLY OXT    O N N 223 
GLY H      H N N 224 
GLY H2     H N N 225 
GLY HA2    H N N 226 
GLY HA3    H N N 227 
GLY HXT    H N N 228 
HIS N      N N N 229 
HIS CA     C N S 230 
HIS C      C N N 231 
HIS O      O N N 232 
HIS CB     C N N 233 
HIS CG     C Y N 234 
HIS ND1    N Y N 235 
HIS CD2    C Y N 236 
HIS CE1    C Y N 237 
HIS NE2    N Y N 238 
HIS OXT    O N N 239 
HIS H      H N N 240 
HIS H2     H N N 241 
HIS HA     H N N 242 
HIS HB2    H N N 243 
HIS HB3    H N N 244 
HIS HD1    H N N 245 
HIS HD2    H N N 246 
HIS HE1    H N N 247 
HIS HE2    H N N 248 
HIS HXT    H N N 249 
ILE N      N N N 250 
ILE CA     C N S 251 
ILE C      C N N 252 
ILE O      O N N 253 
ILE CB     C N S 254 
ILE CG1    C N N 255 
ILE CG2    C N N 256 
ILE CD1    C N N 257 
ILE OXT    O N N 258 
ILE H      H N N 259 
ILE H2     H N N 260 
ILE HA     H N N 261 
ILE HB     H N N 262 
ILE HG12   H N N 263 
ILE HG13   H N N 264 
ILE HG21   H N N 265 
ILE HG22   H N N 266 
ILE HG23   H N N 267 
ILE HD11   H N N 268 
ILE HD12   H N N 269 
ILE HD13   H N N 270 
ILE HXT    H N N 271 
LEU N      N N N 272 
LEU CA     C N S 273 
LEU C      C N N 274 
LEU O      O N N 275 
LEU CB     C N N 276 
LEU CG     C N N 277 
LEU CD1    C N N 278 
LEU CD2    C N N 279 
LEU OXT    O N N 280 
LEU H      H N N 281 
LEU H2     H N N 282 
LEU HA     H N N 283 
LEU HB2    H N N 284 
LEU HB3    H N N 285 
LEU HG     H N N 286 
LEU HD11   H N N 287 
LEU HD12   H N N 288 
LEU HD13   H N N 289 
LEU HD21   H N N 290 
LEU HD22   H N N 291 
LEU HD23   H N N 292 
LEU HXT    H N N 293 
LYS N      N N N 294 
LYS CA     C N S 295 
LYS C      C N N 296 
LYS O      O N N 297 
LYS CB     C N N 298 
LYS CG     C N N 299 
LYS CD     C N N 300 
LYS CE     C N N 301 
LYS NZ     N N N 302 
LYS OXT    O N N 303 
LYS H      H N N 304 
LYS H2     H N N 305 
LYS HA     H N N 306 
LYS HB2    H N N 307 
LYS HB3    H N N 308 
LYS HG2    H N N 309 
LYS HG3    H N N 310 
LYS HD2    H N N 311 
LYS HD3    H N N 312 
LYS HE2    H N N 313 
LYS HE3    H N N 314 
LYS HZ1    H N N 315 
LYS HZ2    H N N 316 
LYS HZ3    H N N 317 
LYS HXT    H N N 318 
MET N      N N N 319 
MET CA     C N S 320 
MET C      C N N 321 
MET O      O N N 322 
MET CB     C N N 323 
MET CG     C N N 324 
MET SD     S N N 325 
MET CE     C N N 326 
MET OXT    O N N 327 
MET H      H N N 328 
MET H2     H N N 329 
MET HA     H N N 330 
MET HB2    H N N 331 
MET HB3    H N N 332 
MET HG2    H N N 333 
MET HG3    H N N 334 
MET HE1    H N N 335 
MET HE2    H N N 336 
MET HE3    H N N 337 
MET HXT    H N N 338 
PHE N      N N N 339 
PHE CA     C N S 340 
PHE C      C N N 341 
PHE O      O N N 342 
PHE CB     C N N 343 
PHE CG     C Y N 344 
PHE CD1    C Y N 345 
PHE CD2    C Y N 346 
PHE CE1    C Y N 347 
PHE CE2    C Y N 348 
PHE CZ     C Y N 349 
PHE OXT    O N N 350 
PHE H      H N N 351 
PHE H2     H N N 352 
PHE HA     H N N 353 
PHE HB2    H N N 354 
PHE HB3    H N N 355 
PHE HD1    H N N 356 
PHE HD2    H N N 357 
PHE HE1    H N N 358 
PHE HE2    H N N 359 
PHE HZ     H N N 360 
PHE HXT    H N N 361 
PRO N      N N N 362 
PRO CA     C N S 363 
PRO C      C N N 364 
PRO O      O N N 365 
PRO CB     C N N 366 
PRO CG     C N N 367 
PRO CD     C N N 368 
PRO OXT    O N N 369 
PRO H      H N N 370 
PRO HA     H N N 371 
PRO HB2    H N N 372 
PRO HB3    H N N 373 
PRO HG2    H N N 374 
PRO HG3    H N N 375 
PRO HD2    H N N 376 
PRO HD3    H N N 377 
PRO HXT    H N N 378 
SER N      N N N 379 
SER CA     C N S 380 
SER C      C N N 381 
SER O      O N N 382 
SER CB     C N N 383 
SER OG     O N N 384 
SER OXT    O N N 385 
SER H      H N N 386 
SER H2     H N N 387 
SER HA     H N N 388 
SER HB2    H N N 389 
SER HB3    H N N 390 
SER HG     H N N 391 
SER HXT    H N N 392 
THR N      N N N 393 
THR CA     C N S 394 
THR C      C N N 395 
THR O      O N N 396 
THR CB     C N R 397 
THR OG1    O N N 398 
THR CG2    C N N 399 
THR OXT    O N N 400 
THR H      H N N 401 
THR H2     H N N 402 
THR HA     H N N 403 
THR HB     H N N 404 
THR HG1    H N N 405 
THR HG21   H N N 406 
THR HG22   H N N 407 
THR HG23   H N N 408 
THR HXT    H N N 409 
TYR N      N N N 410 
TYR CA     C N S 411 
TYR C      C N N 412 
TYR O      O N N 413 
TYR CB     C N N 414 
TYR CG     C Y N 415 
TYR CD1    C Y N 416 
TYR CD2    C Y N 417 
TYR CE1    C Y N 418 
TYR CE2    C Y N 419 
TYR CZ     C Y N 420 
TYR OH     O N N 421 
TYR OXT    O N N 422 
TYR H      H N N 423 
TYR H2     H N N 424 
TYR HA     H N N 425 
TYR HB2    H N N 426 
TYR HB3    H N N 427 
TYR HD1    H N N 428 
TYR HD2    H N N 429 
TYR HE1    H N N 430 
TYR HE2    H N N 431 
TYR HH     H N N 432 
TYR HXT    H N N 433 
VAL N      N N N 434 
VAL CA     C N S 435 
VAL C      C N N 436 
VAL O      O N N 437 
VAL CB     C N N 438 
VAL CG1    C N N 439 
VAL CG2    C N N 440 
VAL OXT    O N N 441 
VAL H      H N N 442 
VAL H2     H N N 443 
VAL HA     H N N 444 
VAL HB     H N N 445 
VAL HG11   H N N 446 
VAL HG12   H N N 447 
VAL HG13   H N N 448 
VAL HG21   H N N 449 
VAL HG22   H N N 450 
VAL HG23   H N N 451 
VAL HXT    H N N 452 
# 
loop_
_chem_comp_bond.comp_id 
_chem_comp_bond.atom_id_1 
_chem_comp_bond.atom_id_2 
_chem_comp_bond.value_order 
_chem_comp_bond.pdbx_aromatic_flag 
_chem_comp_bond.pdbx_stereo_config 
_chem_comp_bond.pdbx_ordinal 
ALA N     CA     sing N N 1   
ALA N     H      sing N N 2   
ALA N     H2     sing N N 3   
ALA CA    C      sing N N 4   
ALA CA    CB     sing N N 5   
ALA CA    HA     sing N N 6   
ALA C     O      doub N N 7   
ALA C     OXT    sing N N 8   
ALA CB    HB1    sing N N 9   
ALA CB    HB2    sing N N 10  
ALA CB    HB3    sing N N 11  
ALA OXT   HXT    sing N N 12  
ARG N     CA     sing N N 13  
ARG N     H      sing N N 14  
ARG N     H2     sing N N 15  
ARG CA    C      sing N N 16  
ARG CA    CB     sing N N 17  
ARG CA    HA     sing N N 18  
ARG C     O      doub N N 19  
ARG C     OXT    sing N N 20  
ARG CB    CG     sing N N 21  
ARG CB    HB2    sing N N 22  
ARG CB    HB3    sing N N 23  
ARG CG    CD     sing N N 24  
ARG CG    HG2    sing N N 25  
ARG CG    HG3    sing N N 26  
ARG CD    NE     sing N N 27  
ARG CD    HD2    sing N N 28  
ARG CD    HD3    sing N N 29  
ARG NE    CZ     sing N N 30  
ARG NE    HE     sing N N 31  
ARG CZ    NH1    sing N N 32  
ARG CZ    NH2    doub N N 33  
ARG NH1   HH11   sing N N 34  
ARG NH1   HH12   sing N N 35  
ARG NH2   HH21   sing N N 36  
ARG NH2   HH22   sing N N 37  
ARG OXT   HXT    sing N N 38  
ASN N     CA     sing N N 39  
ASN N     H      sing N N 40  
ASN N     H2     sing N N 41  
ASN CA    C      sing N N 42  
ASN CA    CB     sing N N 43  
ASN CA    HA     sing N N 44  
ASN C     O      doub N N 45  
ASN C     OXT    sing N N 46  
ASN CB    CG     sing N N 47  
ASN CB    HB2    sing N N 48  
ASN CB    HB3    sing N N 49  
ASN CG    OD1    doub N N 50  
ASN CG    ND2    sing N N 51  
ASN ND2   HD21   sing N N 52  
ASN ND2   HD22   sing N N 53  
ASN OXT   HXT    sing N N 54  
ASP N     CA     sing N N 55  
ASP N     H      sing N N 56  
ASP N     H2     sing N N 57  
ASP CA    C      sing N N 58  
ASP CA    CB     sing N N 59  
ASP CA    HA     sing N N 60  
ASP C     O      doub N N 61  
ASP C     OXT    sing N N 62  
ASP CB    CG     sing N N 63  
ASP CB    HB2    sing N N 64  
ASP CB    HB3    sing N N 65  
ASP CG    OD1    doub N N 66  
ASP CG    OD2    sing N N 67  
ASP OD2   HD2    sing N N 68  
ASP OXT   HXT    sing N N 69  
DA  OP3   P      sing N N 70  
DA  OP3   HOP3   sing N N 71  
DA  P     OP1    doub N N 72  
DA  P     OP2    sing N N 73  
DA  P     "O5'"  sing N N 74  
DA  OP2   HOP2   sing N N 75  
DA  "O5'" "C5'"  sing N N 76  
DA  "C5'" "C4'"  sing N N 77  
DA  "C5'" "H5'"  sing N N 78  
DA  "C5'" "H5''" sing N N 79  
DA  "C4'" "O4'"  sing N N 80  
DA  "C4'" "C3'"  sing N N 81  
DA  "C4'" "H4'"  sing N N 82  
DA  "O4'" "C1'"  sing N N 83  
DA  "C3'" "O3'"  sing N N 84  
DA  "C3'" "C2'"  sing N N 85  
DA  "C3'" "H3'"  sing N N 86  
DA  "O3'" "HO3'" sing N N 87  
DA  "C2'" "C1'"  sing N N 88  
DA  "C2'" "H2'"  sing N N 89  
DA  "C2'" "H2''" sing N N 90  
DA  "C1'" N9     sing N N 91  
DA  "C1'" "H1'"  sing N N 92  
DA  N9    C8     sing Y N 93  
DA  N9    C4     sing Y N 94  
DA  C8    N7     doub Y N 95  
DA  C8    H8     sing N N 96  
DA  N7    C5     sing Y N 97  
DA  C5    C6     sing Y N 98  
DA  C5    C4     doub Y N 99  
DA  C6    N6     sing N N 100 
DA  C6    N1     doub Y N 101 
DA  N6    H61    sing N N 102 
DA  N6    H62    sing N N 103 
DA  N1    C2     sing Y N 104 
DA  C2    N3     doub Y N 105 
DA  C2    H2     sing N N 106 
DA  N3    C4     sing Y N 107 
DC  OP3   P      sing N N 108 
DC  OP3   HOP3   sing N N 109 
DC  P     OP1    doub N N 110 
DC  P     OP2    sing N N 111 
DC  P     "O5'"  sing N N 112 
DC  OP2   HOP2   sing N N 113 
DC  "O5'" "C5'"  sing N N 114 
DC  "C5'" "C4'"  sing N N 115 
DC  "C5'" "H5'"  sing N N 116 
DC  "C5'" "H5''" sing N N 117 
DC  "C4'" "O4'"  sing N N 118 
DC  "C4'" "C3'"  sing N N 119 
DC  "C4'" "H4'"  sing N N 120 
DC  "O4'" "C1'"  sing N N 121 
DC  "C3'" "O3'"  sing N N 122 
DC  "C3'" "C2'"  sing N N 123 
DC  "C3'" "H3'"  sing N N 124 
DC  "O3'" "HO3'" sing N N 125 
DC  "C2'" "C1'"  sing N N 126 
DC  "C2'" "H2'"  sing N N 127 
DC  "C2'" "H2''" sing N N 128 
DC  "C1'" N1     sing N N 129 
DC  "C1'" "H1'"  sing N N 130 
DC  N1    C2     sing N N 131 
DC  N1    C6     sing N N 132 
DC  C2    O2     doub N N 133 
DC  C2    N3     sing N N 134 
DC  N3    C4     doub N N 135 
DC  C4    N4     sing N N 136 
DC  C4    C5     sing N N 137 
DC  N4    H41    sing N N 138 
DC  N4    H42    sing N N 139 
DC  C5    C6     doub N N 140 
DC  C5    H5     sing N N 141 
DC  C6    H6     sing N N 142 
DT  OP3   P      sing N N 143 
DT  OP3   HOP3   sing N N 144 
DT  P     OP1    doub N N 145 
DT  P     OP2    sing N N 146 
DT  P     "O5'"  sing N N 147 
DT  OP2   HOP2   sing N N 148 
DT  "O5'" "C5'"  sing N N 149 
DT  "C5'" "C4'"  sing N N 150 
DT  "C5'" "H5'"  sing N N 151 
DT  "C5'" "H5''" sing N N 152 
DT  "C4'" "O4'"  sing N N 153 
DT  "C4'" "C3'"  sing N N 154 
DT  "C4'" "H4'"  sing N N 155 
DT  "O4'" "C1'"  sing N N 156 
DT  "C3'" "O3'"  sing N N 157 
DT  "C3'" "C2'"  sing N N 158 
DT  "C3'" "H3'"  sing N N 159 
DT  "O3'" "HO3'" sing N N 160 
DT  "C2'" "C1'"  sing N N 161 
DT  "C2'" "H2'"  sing N N 162 
DT  "C2'" "H2''" sing N N 163 
DT  "C1'" N1     sing N N 164 
DT  "C1'" "H1'"  sing N N 165 
DT  N1    C2     sing N N 166 
DT  N1    C6     sing N N 167 
DT  C2    O2     doub N N 168 
DT  C2    N3     sing N N 169 
DT  N3    C4     sing N N 170 
DT  N3    H3     sing N N 171 
DT  C4    O4     doub N N 172 
DT  C4    C5     sing N N 173 
DT  C5    C7     sing N N 174 
DT  C5    C6     doub N N 175 
DT  C7    H71    sing N N 176 
DT  C7    H72    sing N N 177 
DT  C7    H73    sing N N 178 
DT  C6    H6     sing N N 179 
GLN N     CA     sing N N 180 
GLN N     H      sing N N 181 
GLN N     H2     sing N N 182 
GLN CA    C      sing N N 183 
GLN CA    CB     sing N N 184 
GLN CA    HA     sing N N 185 
GLN C     O      doub N N 186 
GLN C     OXT    sing N N 187 
GLN CB    CG     sing N N 188 
GLN CB    HB2    sing N N 189 
GLN CB    HB3    sing N N 190 
GLN CG    CD     sing N N 191 
GLN CG    HG2    sing N N 192 
GLN CG    HG3    sing N N 193 
GLN CD    OE1    doub N N 194 
GLN CD    NE2    sing N N 195 
GLN NE2   HE21   sing N N 196 
GLN NE2   HE22   sing N N 197 
GLN OXT   HXT    sing N N 198 
GLU N     CA     sing N N 199 
GLU N     H      sing N N 200 
GLU N     H2     sing N N 201 
GLU CA    C      sing N N 202 
GLU CA    CB     sing N N 203 
GLU CA    HA     sing N N 204 
GLU C     O      doub N N 205 
GLU C     OXT    sing N N 206 
GLU CB    CG     sing N N 207 
GLU CB    HB2    sing N N 208 
GLU CB    HB3    sing N N 209 
GLU CG    CD     sing N N 210 
GLU CG    HG2    sing N N 211 
GLU CG    HG3    sing N N 212 
GLU CD    OE1    doub N N 213 
GLU CD    OE2    sing N N 214 
GLU OE2   HE2    sing N N 215 
GLU OXT   HXT    sing N N 216 
GLY N     CA     sing N N 217 
GLY N     H      sing N N 218 
GLY N     H2     sing N N 219 
GLY CA    C      sing N N 220 
GLY CA    HA2    sing N N 221 
GLY CA    HA3    sing N N 222 
GLY C     O      doub N N 223 
GLY C     OXT    sing N N 224 
GLY OXT   HXT    sing N N 225 
HIS N     CA     sing N N 226 
HIS N     H      sing N N 227 
HIS N     H2     sing N N 228 
HIS CA    C      sing N N 229 
HIS CA    CB     sing N N 230 
HIS CA    HA     sing N N 231 
HIS C     O      doub N N 232 
HIS C     OXT    sing N N 233 
HIS CB    CG     sing N N 234 
HIS CB    HB2    sing N N 235 
HIS CB    HB3    sing N N 236 
HIS CG    ND1    sing Y N 237 
HIS CG    CD2    doub Y N 238 
HIS ND1   CE1    doub Y N 239 
HIS ND1   HD1    sing N N 240 
HIS CD2   NE2    sing Y N 241 
HIS CD2   HD2    sing N N 242 
HIS CE1   NE2    sing Y N 243 
HIS CE1   HE1    sing N N 244 
HIS NE2   HE2    sing N N 245 
HIS OXT   HXT    sing N N 246 
ILE N     CA     sing N N 247 
ILE N     H      sing N N 248 
ILE N     H2     sing N N 249 
ILE CA    C      sing N N 250 
ILE CA    CB     sing N N 251 
ILE CA    HA     sing N N 252 
ILE C     O      doub N N 253 
ILE C     OXT    sing N N 254 
ILE CB    CG1    sing N N 255 
ILE CB    CG2    sing N N 256 
ILE CB    HB     sing N N 257 
ILE CG1   CD1    sing N N 258 
ILE CG1   HG12   sing N N 259 
ILE CG1   HG13   sing N N 260 
ILE CG2   HG21   sing N N 261 
ILE CG2   HG22   sing N N 262 
ILE CG2   HG23   sing N N 263 
ILE CD1   HD11   sing N N 264 
ILE CD1   HD12   sing N N 265 
ILE CD1   HD13   sing N N 266 
ILE OXT   HXT    sing N N 267 
LEU N     CA     sing N N 268 
LEU N     H      sing N N 269 
LEU N     H2     sing N N 270 
LEU CA    C      sing N N 271 
LEU CA    CB     sing N N 272 
LEU CA    HA     sing N N 273 
LEU C     O      doub N N 274 
LEU C     OXT    sing N N 275 
LEU CB    CG     sing N N 276 
LEU CB    HB2    sing N N 277 
LEU CB    HB3    sing N N 278 
LEU CG    CD1    sing N N 279 
LEU CG    CD2    sing N N 280 
LEU CG    HG     sing N N 281 
LEU CD1   HD11   sing N N 282 
LEU CD1   HD12   sing N N 283 
LEU CD1   HD13   sing N N 284 
LEU CD2   HD21   sing N N 285 
LEU CD2   HD22   sing N N 286 
LEU CD2   HD23   sing N N 287 
LEU OXT   HXT    sing N N 288 
LYS N     CA     sing N N 289 
LYS N     H      sing N N 290 
LYS N     H2     sing N N 291 
LYS CA    C      sing N N 292 
LYS CA    CB     sing N N 293 
LYS CA    HA     sing N N 294 
LYS C     O      doub N N 295 
LYS C     OXT    sing N N 296 
LYS CB    CG     sing N N 297 
LYS CB    HB2    sing N N 298 
LYS CB    HB3    sing N N 299 
LYS CG    CD     sing N N 300 
LYS CG    HG2    sing N N 301 
LYS CG    HG3    sing N N 302 
LYS CD    CE     sing N N 303 
LYS CD    HD2    sing N N 304 
LYS CD    HD3    sing N N 305 
LYS CE    NZ     sing N N 306 
LYS CE    HE2    sing N N 307 
LYS CE    HE3    sing N N 308 
LYS NZ    HZ1    sing N N 309 
LYS NZ    HZ2    sing N N 310 
LYS NZ    HZ3    sing N N 311 
LYS OXT   HXT    sing N N 312 
MET N     CA     sing N N 313 
MET N     H      sing N N 314 
MET N     H2     sing N N 315 
MET CA    C      sing N N 316 
MET CA    CB     sing N N 317 
MET CA    HA     sing N N 318 
MET C     O      doub N N 319 
MET C     OXT    sing N N 320 
MET CB    CG     sing N N 321 
MET CB    HB2    sing N N 322 
MET CB    HB3    sing N N 323 
MET CG    SD     sing N N 324 
MET CG    HG2    sing N N 325 
MET CG    HG3    sing N N 326 
MET SD    CE     sing N N 327 
MET CE    HE1    sing N N 328 
MET CE    HE2    sing N N 329 
MET CE    HE3    sing N N 330 
MET OXT   HXT    sing N N 331 
PHE N     CA     sing N N 332 
PHE N     H      sing N N 333 
PHE N     H2     sing N N 334 
PHE CA    C      sing N N 335 
PHE CA    CB     sing N N 336 
PHE CA    HA     sing N N 337 
PHE C     O      doub N N 338 
PHE C     OXT    sing N N 339 
PHE CB    CG     sing N N 340 
PHE CB    HB2    sing N N 341 
PHE CB    HB3    sing N N 342 
PHE CG    CD1    doub Y N 343 
PHE CG    CD2    sing Y N 344 
PHE CD1   CE1    sing Y N 345 
PHE CD1   HD1    sing N N 346 
PHE CD2   CE2    doub Y N 347 
PHE CD2   HD2    sing N N 348 
PHE CE1   CZ     doub Y N 349 
PHE CE1   HE1    sing N N 350 
PHE CE2   CZ     sing Y N 351 
PHE CE2   HE2    sing N N 352 
PHE CZ    HZ     sing N N 353 
PHE OXT   HXT    sing N N 354 
PRO N     CA     sing N N 355 
PRO N     CD     sing N N 356 
PRO N     H      sing N N 357 
PRO CA    C      sing N N 358 
PRO CA    CB     sing N N 359 
PRO CA    HA     sing N N 360 
PRO C     O      doub N N 361 
PRO C     OXT    sing N N 362 
PRO CB    CG     sing N N 363 
PRO CB    HB2    sing N N 364 
PRO CB    HB3    sing N N 365 
PRO CG    CD     sing N N 366 
PRO CG    HG2    sing N N 367 
PRO CG    HG3    sing N N 368 
PRO CD    HD2    sing N N 369 
PRO CD    HD3    sing N N 370 
PRO OXT   HXT    sing N N 371 
SER N     CA     sing N N 372 
SER N     H      sing N N 373 
SER N     H2     sing N N 374 
SER CA    C      sing N N 375 
SER CA    CB     sing N N 376 
SER CA    HA     sing N N 377 
SER C     O      doub N N 378 
SER C     OXT    sing N N 379 
SER CB    OG     sing N N 380 
SER CB    HB2    sing N N 381 
SER CB    HB3    sing N N 382 
SER OG    HG     sing N N 383 
SER OXT   HXT    sing N N 384 
THR N     CA     sing N N 385 
THR N     H      sing N N 386 
THR N     H2     sing N N 387 
THR CA    C      sing N N 388 
THR CA    CB     sing N N 389 
THR CA    HA     sing N N 390 
THR C     O      doub N N 391 
THR C     OXT    sing N N 392 
THR CB    OG1    sing N N 393 
THR CB    CG2    sing N N 394 
THR CB    HB     sing N N 395 
THR OG1   HG1    sing N N 396 
THR CG2   HG21   sing N N 397 
THR CG2   HG22   sing N N 398 
THR CG2   HG23   sing N N 399 
THR OXT   HXT    sing N N 400 
TYR N     CA     sing N N 401 
TYR N     H      sing N N 402 
TYR N     H2     sing N N 403 
TYR CA    C      sing N N 404 
TYR CA    CB     sing N N 405 
TYR CA    HA     sing N N 406 
TYR C     O      doub N N 407 
TYR C     OXT    sing N N 408 
TYR CB    CG     sing N N 409 
TYR CB    HB2    sing N N 410 
TYR CB    HB3    sing N N 411 
TYR CG    CD1    doub Y N 412 
TYR CG    CD2    sing Y N 413 
TYR CD1   CE1    sing Y N 414 
TYR CD1   HD1    sing N N 415 
TYR CD2   CE2    doub Y N 416 
TYR CD2   HD2    sing N N 417 
TYR CE1   CZ     doub Y N 418 
TYR CE1   HE1    sing N N 419 
TYR CE2   CZ     sing Y N 420 
TYR CE2   HE2    sing N N 421 
TYR CZ    OH     sing N N 422 
TYR OH    HH     sing N N 423 
TYR OXT   HXT    sing N N 424 
VAL N     CA     sing N N 425 
VAL N     H      sing N N 426 
VAL N     H2     sing N N 427 
VAL CA    C      sing N N 428 
VAL CA    CB     sing N N 429 
VAL CA    HA     sing N N 430 
VAL C     O      doub N N 431 
VAL C     OXT    sing N N 432 
VAL CB    CG1    sing N N 433 
VAL CB    CG2    sing N N 434 
VAL CB    HB     sing N N 435 
VAL CG1   HG11   sing N N 436 
VAL CG1   HG12   sing N N 437 
VAL CG1   HG13   sing N N 438 
VAL CG2   HG21   sing N N 439 
VAL CG2   HG22   sing N N 440 
VAL CG2   HG23   sing N N 441 
VAL OXT   HXT    sing N N 442 
# 
loop_
_pdbx_nmr_spectrometer.spectrometer_id 
_pdbx_nmr_spectrometer.model 
_pdbx_nmr_spectrometer.manufacturer 
_pdbx_nmr_spectrometer.field_strength 
_pdbx_nmr_spectrometer.type 
1 DMX Bruker 600 ? 
2 DRX Bruker 750 ? 
3 DRX Bruker 800 ? 
# 
_atom_sites.entry_id                    1J5K 
_atom_sites.fract_transf_matrix[1][1]   1.000000 
_atom_sites.fract_transf_matrix[1][2]   0.000000 
_atom_sites.fract_transf_matrix[1][3]   0.000000 
_atom_sites.fract_transf_matrix[2][1]   0.000000 
_atom_sites.fract_transf_matrix[2][2]   1.000000 
_atom_sites.fract_transf_matrix[2][3]   0.000000 
_atom_sites.fract_transf_matrix[3][1]   0.000000 
_atom_sites.fract_transf_matrix[3][2]   0.000000 
_atom_sites.fract_transf_matrix[3][3]   1.000000 
_atom_sites.fract_transf_vector[1]      0.00000 
_atom_sites.fract_transf_vector[2]      0.00000 
_atom_sites.fract_transf_vector[3]      0.00000 
# 
loop_
_atom_type.symbol 
C 
H 
N 
O 
P 
# 
loop_
_atom_site.group_PDB 
_atom_site.id 
_atom_site.type_symbol 
_atom_site.label_atom_id 
_atom_site.label_alt_id 
_atom_site.label_comp_id 
_atom_site.label_asym_id 
_atom_site.label_entity_id 
_atom_site.label_seq_id 
_atom_site.pdbx_PDB_ins_code 
_atom_site.Cartn_x 
_atom_site.Cartn_y 
_atom_site.Cartn_z 
_atom_site.occupancy 
_atom_site.B_iso_or_equiv 
_atom_site.pdbx_formal_charge 
_atom_site.auth_seq_id 
_atom_site.auth_comp_id 
_atom_site.auth_asym_id 
_atom_site.auth_atom_id 
_atom_site.pdbx_PDB_model_num 
ATOM 1    O "O5'"  . DT  A 1 5  ? 16.232  8.663   0.031   1.00 0.21 ? 105 DT  B "O5'"  1 
ATOM 2    C "C5'"  . DT  A 1 5  ? 16.359  10.043  0.370   1.00 0.22 ? 105 DT  B "C5'"  1 
ATOM 3    C "C4'"  . DT  A 1 5  ? 15.119  10.572  1.091   1.00 0.19 ? 105 DT  B "C4'"  1 
ATOM 4    O "O4'"  . DT  A 1 5  ? 13.990  10.352  0.223   1.00 0.18 ? 105 DT  B "O4'"  1 
ATOM 5    C "C3'"  . DT  A 1 5  ? 14.741  9.892   2.392   1.00 0.18 ? 105 DT  B "C3'"  1 
ATOM 6    O "O3'"  . DT  A 1 5  ? 14.398  10.936  3.312   1.00 0.19 ? 105 DT  B "O3'"  1 
ATOM 7    C "C2'"  . DT  A 1 5  ? 13.538  8.997   2.207   1.00 0.15 ? 105 DT  B "C2'"  1 
ATOM 8    C "C1'"  . DT  A 1 5  ? 13.053  9.410   0.810   1.00 0.15 ? 105 DT  B "C1'"  1 
ATOM 9    N N1     . DT  A 1 5  ? 12.889  8.273   -0.145  1.00 0.15 ? 105 DT  B N1     1 
ATOM 10   C C2     . DT  A 1 5  ? 11.756  8.279   -0.943  1.00 0.17 ? 105 DT  B C2     1 
ATOM 11   O O2     . DT  A 1 5  ? 10.915  9.173   -0.873  1.00 0.19 ? 105 DT  B O2     1 
ATOM 12   N N3     . DT  A 1 5  ? 11.618  7.221   -1.820  1.00 0.18 ? 105 DT  B N3     1 
ATOM 13   C C4     . DT  A 1 5  ? 12.498  6.167   -1.968  1.00 0.17 ? 105 DT  B C4     1 
ATOM 14   O O4     . DT  A 1 5  ? 12.294  5.289   -2.798  1.00 0.19 ? 105 DT  B O4     1 
ATOM 15   C C5     . DT  A 1 5  ? 13.644  6.229   -1.101  1.00 0.16 ? 105 DT  B C5     1 
ATOM 16   C C7     . DT  A 1 5  ? 14.668  5.101   -1.153  1.00 0.18 ? 105 DT  B C7     1 
ATOM 17   C C6     . DT  A 1 5  ? 13.813  7.251   -0.236  1.00 0.15 ? 105 DT  B C6     1 
ATOM 18   H "H5'"  . DT  A 1 5  ? 16.507  10.618  -0.539  1.00 0.24 ? 105 DT  B "H5'"  1 
ATOM 19   H "H5''" . DT  A 1 5  ? 17.229  10.171  1.018   1.00 0.25 ? 105 DT  B "H5''" 1 
ATOM 20   H "H4'"  . DT  A 1 5  ? 15.237  11.641  1.264   1.00 0.21 ? 105 DT  B "H4'"  1 
ATOM 21   H "H3'"  . DT  A 1 5  ? 15.576  9.318   2.769   1.00 0.20 ? 105 DT  B "H3'"  1 
ATOM 22   H "H2'"  . DT  A 1 5  ? 13.817  7.946   2.242   1.00 0.16 ? 105 DT  B "H2'"  1 
ATOM 23   H "H2''" . DT  A 1 5  ? 12.783  9.218   2.956   1.00 0.14 ? 105 DT  B "H2''" 1 
ATOM 24   H "H1'"  . DT  A 1 5  ? 12.090  9.914   0.924   1.00 0.15 ? 105 DT  B "H1'"  1 
ATOM 25   H H3     . DT  A 1 5  ? 10.793  7.214   -2.402  1.00 0.21 ? 105 DT  B H3     1 
ATOM 26   H H71    . DT  A 1 5  ? 14.977  4.843   -0.139  1.00 1.04 ? 105 DT  B H71    1 
ATOM 27   H H72    . DT  A 1 5  ? 15.536  5.425   -1.726  1.00 1.04 ? 105 DT  B H72    1 
ATOM 28   H H73    . DT  A 1 5  ? 14.222  4.226   -1.631  1.00 1.04 ? 105 DT  B H73    1 
ATOM 29   H H6     . DT  A 1 5  ? 14.706  7.272   0.382   1.00 0.16 ? 105 DT  B H6     1 
ATOM 30   P P      . DC  A 1 6  ? 14.078  10.638  4.867   1.00 0.19 ? 106 DC  B P      1 
ATOM 31   O OP1    . DC  A 1 6  ? 14.182  11.909  5.616   1.00 0.22 ? 106 DC  B OP1    1 
ATOM 32   O OP2    . DC  A 1 6  ? 14.870  9.460   5.288   1.00 0.21 ? 106 DC  B OP2    1 
ATOM 33   O "O5'"  . DC  A 1 6  ? 12.529  10.210  4.801   1.00 0.17 ? 106 DC  B "O5'"  1 
ATOM 34   C "C5'"  . DC  A 1 6  ? 11.582  11.094  4.200   1.00 0.16 ? 106 DC  B "C5'"  1 
ATOM 35   C "C4'"  . DC  A 1 6  ? 10.207  10.450  4.060   1.00 0.14 ? 106 DC  B "C4'"  1 
ATOM 36   O "O4'"  . DC  A 1 6  ? 10.316  9.190   3.379   1.00 0.12 ? 106 DC  B "O4'"  1 
ATOM 37   C "C3'"  . DC  A 1 6  ? 9.480   10.114  5.335   1.00 0.14 ? 106 DC  B "C3'"  1 
ATOM 38   O "O3'"  . DC  A 1 6  ? 8.678   11.253  5.672   1.00 0.14 ? 106 DC  B "O3'"  1 
ATOM 39   C "C2'"  . DC  A 1 6  ? 8.650   8.868   5.140   1.00 0.13 ? 106 DC  B "C2'"  1 
ATOM 40   C "C1'"  . DC  A 1 6  ? 9.282   8.294   3.861   1.00 0.11 ? 106 DC  B "C1'"  1 
ATOM 41   N N1     . DC  A 1 6  ? 9.901   6.963   4.062   1.00 0.12 ? 106 DC  B N1     1 
ATOM 42   C C2     . DC  A 1 6  ? 9.072   5.859   4.005   1.00 0.12 ? 106 DC  B C2     1 
ATOM 43   O O2     . DC  A 1 6  ? 7.878   6.004   3.787   1.00 0.13 ? 106 DC  B O2     1 
ATOM 44   N N3     . DC  A 1 6  ? 9.618   4.626   4.201   1.00 0.14 ? 106 DC  B N3     1 
ATOM 45   C C4     . DC  A 1 6  ? 10.926  4.486   4.443   1.00 0.16 ? 106 DC  B C4     1 
ATOM 46   N N4     . DC  A 1 6  ? 11.430  3.268   4.645   1.00 0.18 ? 106 DC  B N4     1 
ATOM 47   C C5     . DC  A 1 6  ? 11.786  5.623   4.500   1.00 0.15 ? 106 DC  B C5     1 
ATOM 48   C C6     . DC  A 1 6  ? 11.235  6.834   4.303   1.00 0.13 ? 106 DC  B C6     1 
ATOM 49   H "H5'"  . DC  A 1 6  ? 11.942  11.378  3.214   1.00 0.17 ? 106 DC  B "H5'"  1 
ATOM 50   H "H5''" . DC  A 1 6  ? 11.491  11.989  4.817   1.00 0.18 ? 106 DC  B "H5''" 1 
ATOM 51   H "H4'"  . DC  A 1 6  ? 9.572   11.107  3.470   1.00 0.14 ? 106 DC  B "H4'"  1 
ATOM 52   H "H3'"  . DC  A 1 6  ? 10.212  9.947   6.127   1.00 0.15 ? 106 DC  B "H3'"  1 
ATOM 53   H "H2'"  . DC  A 1 6  ? 8.773   8.179   5.978   1.00 0.14 ? 106 DC  B "H2'"  1 
ATOM 54   H "H2''" . DC  A 1 6  ? 7.603   9.115   4.984   1.00 0.13 ? 106 DC  B "H2''" 1 
ATOM 55   H "H1'"  . DC  A 1 6  ? 8.511   8.215   3.092   1.00 0.11 ? 106 DC  B "H1'"  1 
ATOM 56   H H41    . DC  A 1 6  ? 10.827  2.459   4.607   1.00 0.20 ? 106 DC  B H41    1 
ATOM 57   H H42    . DC  A 1 6  ? 12.415  3.154   4.840   1.00 0.20 ? 106 DC  B H42    1 
ATOM 58   H H5     . DC  A 1 6  ? 12.854  5.515   4.693   1.00 0.17 ? 106 DC  B H5     1 
ATOM 59   H H6     . DC  A 1 6  ? 11.859  7.717   4.329   1.00 0.14 ? 106 DC  B H6     1 
ATOM 60   P P      . DC  A 1 7  ? 7.808   11.328  7.029   1.00 0.15 ? 107 DC  B P      1 
ATOM 61   O OP1    . DC  A 1 7  ? 7.413   12.734  7.253   1.00 0.17 ? 107 DC  B OP1    1 
ATOM 62   O OP2    . DC  A 1 7  ? 8.522   10.575  8.086   1.00 0.16 ? 107 DC  B OP2    1 
ATOM 63   O "O5'"  . DC  A 1 7  ? 6.496   10.492  6.603   1.00 0.13 ? 107 DC  B "O5'"  1 
ATOM 64   C "C5'"  . DC  A 1 7  ? 5.740   10.913  5.458   1.00 0.13 ? 107 DC  B "C5'"  1 
ATOM 65   C "C4'"  . DC  A 1 7  ? 4.628   9.941   5.101   1.00 0.12 ? 107 DC  B "C4'"  1 
ATOM 66   O "O4'"  . DC  A 1 7  ? 5.143   8.617   4.921   1.00 0.11 ? 107 DC  B "O4'"  1 
ATOM 67   C "C3'"  . DC  A 1 7  ? 3.528   9.765   6.112   1.00 0.11 ? 107 DC  B "C3'"  1 
ATOM 68   O "O3'"  . DC  A 1 7  ? 2.512   10.739  5.833   1.00 0.12 ? 107 DC  B "O3'"  1 
ATOM 69   C "C2'"  . DC  A 1 7  ? 2.989   8.355   6.023   1.00 0.12 ? 107 DC  B "C2'"  1 
ATOM 70   C "C1'"  . DC  A 1 7  ? 4.073   7.673   5.182   1.00 0.11 ? 107 DC  B "C1'"  1 
ATOM 71   N N1     . DC  A 1 7  ? 4.656   6.497   5.850   1.00 0.12 ? 107 DC  B N1     1 
ATOM 72   C C2     . DC  A 1 7  ? 4.013   5.285   5.673   1.00 0.12 ? 107 DC  B C2     1 
ATOM 73   O O2     . DC  A 1 7  ? 3.020   5.222   4.953   1.00 0.12 ? 107 DC  B O2     1 
ATOM 74   N N3     . DC  A 1 7  ? 4.510   4.189   6.308   1.00 0.14 ? 107 DC  B N3     1 
ATOM 75   C C4     . DC  A 1 7  ? 5.598   4.283   7.082   1.00 0.15 ? 107 DC  B C4     1 
ATOM 76   N N4     . DC  A 1 7  ? 6.054   3.194   7.703   1.00 0.18 ? 107 DC  B N4     1 
ATOM 77   C C5     . DC  A 1 7  ? 6.267   5.535   7.262   1.00 0.15 ? 107 DC  B C5     1 
ATOM 78   C C6     . DC  A 1 7  ? 5.764   6.610   6.631   1.00 0.13 ? 107 DC  B C6     1 
ATOM 79   H "H5'"  . DC  A 1 7  ? 6.408   11.007  4.604   1.00 0.13 ? 107 DC  B "H5'"  1 
ATOM 80   H "H5''" . DC  A 1 7  ? 5.292   11.888  5.664   1.00 0.14 ? 107 DC  B "H5''" 1 
ATOM 81   H "H4'"  . DC  A 1 7  ? 4.185   10.266  4.169   1.00 0.12 ? 107 DC  B "H4'"  1 
ATOM 82   H "H3'"  . DC  A 1 7  ? 3.928   9.940   7.112   1.00 0.12 ? 107 DC  B "H3'"  1 
ATOM 83   H "H2'"  . DC  A 1 7  ? 2.918   7.897   7.008   1.00 0.13 ? 107 DC  B "H2'"  1 
ATOM 84   H "H2''" . DC  A 1 7  ? 2.038   8.334   5.506   1.00 0.12 ? 107 DC  B "H2''" 1 
ATOM 85   H "H1'"  . DC  A 1 7  ? 3.638   7.364   4.230   1.00 0.11 ? 107 DC  B "H1'"  1 
ATOM 86   H H41    . DC  A 1 7  ? 5.586   2.308   7.579   1.00 0.18 ? 107 DC  B H41    1 
ATOM 87   H H42    . DC  A 1 7  ? 6.866   3.256   8.301   1.00 0.19 ? 107 DC  B H42    1 
ATOM 88   H H5     . DC  A 1 7  ? 7.155   5.614   7.880   1.00 0.16 ? 107 DC  B H5     1 
ATOM 89   H H6     . DC  A 1 7  ? 6.243   7.582   6.749   1.00 0.13 ? 107 DC  B H6     1 
ATOM 90   P P      . DC  A 1 8  ? 1.369   11.095  6.913   1.00 0.14 ? 108 DC  B P      1 
ATOM 91   O OP1    . DC  A 1 8  ? 0.655   12.307  6.453   1.00 0.15 ? 108 DC  B OP1    1 
ATOM 92   O OP2    . DC  A 1 8  ? 1.974   11.059  8.264   1.00 0.18 ? 108 DC  B OP2    1 
ATOM 93   O "O5'"  . DC  A 1 8  ? 0.374   9.835   6.770   1.00 0.18 ? 108 DC  B "O5'"  1 
ATOM 94   C "C5'"  . DC  A 1 8  ? -0.287  9.570   5.524   1.00 0.21 ? 108 DC  B "C5'"  1 
ATOM 95   C "C4'"  . DC  A 1 8  ? -1.024  8.234   5.559   1.00 0.27 ? 108 DC  B "C4'"  1 
ATOM 96   O "O4'"  . DC  A 1 8  ? -0.133  7.173   5.921   1.00 0.28 ? 108 DC  B "O4'"  1 
ATOM 97   C "C3'"  . DC  A 1 8  ? -2.140  8.133   6.565   1.00 0.32 ? 108 DC  B "C3'"  1 
ATOM 98   O "O3'"  . DC  A 1 8  ? -3.357  8.558   5.932   1.00 0.34 ? 108 DC  B "O3'"  1 
ATOM 99   C "C2'"  . DC  A 1 8  ? -2.230  6.720   7.086   1.00 0.38 ? 108 DC  B "C2'"  1 
ATOM 100  C "C1'"  . DC  A 1 8  ? -0.862  6.168   6.675   1.00 0.32 ? 108 DC  B "C1'"  1 
ATOM 101  N N1     . DC  A 1 8  ? -0.024  5.798   7.829   1.00 0.30 ? 108 DC  B N1     1 
ATOM 102  C C2     . DC  A 1 8  ? -0.144  4.508   8.320   1.00 0.35 ? 108 DC  B C2     1 
ATOM 103  O O2     . DC  A 1 8  ? -0.888  3.705   7.764   1.00 0.39 ? 108 DC  B O2     1 
ATOM 104  N N3     . DC  A 1 8  ? 0.588   4.166   9.415   1.00 0.36 ? 108 DC  B N3     1 
ATOM 105  C C4     . DC  A 1 8  ? 1.400   5.054   10.001  1.00 0.35 ? 108 DC  B C4     1 
ATOM 106  N N4     . DC  A 1 8  ? 2.092   4.694   11.077  1.00 0.40 ? 108 DC  B N4     1 
ATOM 107  C C5     . DC  A 1 8  ? 1.527   6.384   9.495   1.00 0.30 ? 108 DC  B C5     1 
ATOM 108  C C6     . DC  A 1 8  ? 0.801   6.712   8.412   1.00 0.27 ? 108 DC  B C6     1 
ATOM 109  H "H5'"  . DC  A 1 8  ? 0.442   9.561   4.715   1.00 0.20 ? 108 DC  B "H5'"  1 
ATOM 110  H "H5''" . DC  A 1 8  ? -1.010  10.362  5.336   1.00 0.23 ? 108 DC  B "H5''" 1 
ATOM 111  H "H4'"  . DC  A 1 8  ? -1.421  8.027   4.567   1.00 0.30 ? 108 DC  B "H4'"  1 
ATOM 112  H "H3'"  . DC  A 1 8  ? -1.919  8.807   7.387   1.00 0.30 ? 108 DC  B "H3'"  1 
ATOM 113  H "H2'"  . DC  A 1 8  ? -2.347  6.705   8.170   1.00 0.42 ? 108 DC  B "H2'"  1 
ATOM 114  H "H2''" . DC  A 1 8  ? -3.026  6.172   6.599   1.00 0.45 ? 108 DC  B "H2''" 1 
ATOM 115  H "H1'"  . DC  A 1 8  ? -1.017  5.292   6.047   1.00 0.35 ? 108 DC  B "H1'"  1 
ATOM 116  H H41    . DC  A 1 8  ? 2.009   3.755   11.440  1.00 0.44 ? 108 DC  B H41    1 
ATOM 117  H H42    . DC  A 1 8  ? 2.698   5.360   11.532  1.00 0.42 ? 108 DC  B H42    1 
ATOM 118  H H5     . DC  A 1 8  ? 2.189   7.108   9.970   1.00 0.32 ? 108 DC  B H5     1 
ATOM 119  H H6     . DC  A 1 8  ? 0.870   7.719   7.998   1.00 0.25 ? 108 DC  B H6     1 
ATOM 120  P P      . DT  A 1 9  ? -4.678  8.958   6.768   1.00 0.37 ? 109 DT  B P      1 
ATOM 121  O OP1    . DT  A 1 9  ? -5.606  9.651   5.848   1.00 0.41 ? 109 DT  B OP1    1 
ATOM 122  O OP2    . DT  A 1 9  ? -4.246  9.630   8.016   1.00 0.38 ? 109 DT  B OP2    1 
ATOM 123  O "O5'"  . DT  A 1 9  ? -5.340  7.531   7.164   1.00 0.36 ? 109 DT  B "O5'"  1 
ATOM 124  C "C5'"  . DT  A 1 9  ? -5.771  6.596   6.156   1.00 0.36 ? 109 DT  B "C5'"  1 
ATOM 125  C "C4'"  . DT  A 1 9  ? -6.411  5.351   6.758   1.00 0.36 ? 109 DT  B "C4'"  1 
ATOM 126  O "O4'"  . DT  A 1 9  ? -5.491  4.750   7.688   1.00 0.36 ? 109 DT  B "O4'"  1 
ATOM 127  C "C3'"  . DT  A 1 9  ? -7.652  5.626   7.562   1.00 0.38 ? 109 DT  B "C3'"  1 
ATOM 128  O "O3'"  . DT  A 1 9  ? -8.580  4.571   7.305   1.00 0.41 ? 109 DT  B "O3'"  1 
ATOM 129  C "C2'"  . DT  A 1 9  ? -7.315  5.661   9.028   1.00 0.39 ? 109 DT  B "C2'"  1 
ATOM 130  C "C1'"  . DT  A 1 9  ? -6.012  4.858   9.037   1.00 0.38 ? 109 DT  B "C1'"  1 
ATOM 131  N N1     . DT  A 1 9  ? -4.946  5.448   9.881   1.00 0.38 ? 109 DT  B N1     1 
ATOM 132  C C2     . DT  A 1 9  ? -4.396  4.656   10.870  1.00 0.39 ? 109 DT  B C2     1 
ATOM 133  O O2     . DT  A 1 9  ? -4.784  3.516   11.065  1.00 0.42 ? 109 DT  B O2     1 
ATOM 134  N N3     . DT  A 1 9  ? -3.405  5.232   11.639  1.00 0.41 ? 109 DT  B N3     1 
ATOM 135  C C4     . DT  A 1 9  ? -2.926  6.521   11.510  1.00 0.40 ? 109 DT  B C4     1 
ATOM 136  O O4     . DT  A 1 9  ? -2.035  6.936   12.249  1.00 0.43 ? 109 DT  B O4     1 
ATOM 137  C C5     . DT  A 1 9  ? -3.559  7.278   10.454  1.00 0.39 ? 109 DT  B C5     1 
ATOM 138  C C7     . DT  A 1 9  ? -3.154  8.730   10.238  1.00 0.42 ? 109 DT  B C7     1 
ATOM 139  C C6     . DT  A 1 9  ? -4.525  6.728   9.683   1.00 0.38 ? 109 DT  B C6     1 
ATOM 140  H "H5'"  . DT  A 1 9  ? -4.928  6.285   5.564   1.00 0.35 ? 109 DT  B "H5'"  1 
ATOM 141  H "H5''" . DT  A 1 9  ? -6.498  7.086   5.505   1.00 0.38 ? 109 DT  B "H5''" 1 
ATOM 142  H "H4'"  . DT  A 1 9  ? -6.642  4.640   5.965   1.00 0.37 ? 109 DT  B "H4'"  1 
ATOM 143  H "H3'"  . DT  A 1 9  ? -8.087  6.573   7.256   1.00 0.39 ? 109 DT  B "H3'"  1 
ATOM 144  H "H2'"  . DT  A 1 9  ? -7.148  6.683   9.367   1.00 0.39 ? 109 DT  B "H2'"  1 
ATOM 145  H "H2''" . DT  A 1 9  ? -8.086  5.168   9.621   1.00 0.41 ? 109 DT  B "H2''" 1 
ATOM 146  H "H1'"  . DT  A 1 9  ? -6.233  3.856   9.396   1.00 0.39 ? 109 DT  B "H1'"  1 
ATOM 147  H H3     . DT  A 1 9  ? -2.995  4.659   12.362  1.00 0.43 ? 109 DT  B H3     1 
ATOM 148  H H71    . DT  A 1 9  ? -3.850  9.383   10.763  1.00 1.07 ? 109 DT  B H71    1 
ATOM 149  H H72    . DT  A 1 9  ? -3.177  8.958   9.178   1.00 1.15 ? 109 DT  B H72    1 
ATOM 150  H H73    . DT  A 1 9  ? -2.145  8.887   10.625  1.00 1.10 ? 109 DT  B H73    1 
ATOM 151  H H6     . DT  A 1 9  ? -4.952  7.300   8.861   1.00 0.38 ? 109 DT  B H6     1 
ATOM 152  N N      . GLY B 2 10 ? -23.009 0.946   -3.168  1.00 3.61 ? 10  GLY A N      1 
ATOM 153  C CA     . GLY B 2 10 ? -21.534 0.772   -3.045  1.00 2.92 ? 10  GLY A CA     1 
ATOM 154  C C      . GLY B 2 10 ? -21.171 -0.695  -3.278  1.00 1.82 ? 10  GLY A C      1 
ATOM 155  O O      . GLY B 2 10 ? -21.994 -1.488  -3.691  1.00 2.11 ? 10  GLY A O      1 
ATOM 156  H H      . GLY B 2 10 ? -23.401 1.843   -3.129  1.00 4.04 ? 10  GLY A H      1 
ATOM 157  H HA2    . GLY B 2 10 ? -21.037 1.388   -3.780  1.00 3.32 ? 10  GLY A HA2    1 
ATOM 158  H HA3    . GLY B 2 10 ? -21.217 1.065   -2.056  1.00 3.35 ? 10  GLY A HA3    1 
ATOM 159  N N      . GLY B 2 11 ? -19.943 -1.062  -3.018  1.00 1.24 ? 11  GLY A N      1 
ATOM 160  C CA     . GLY B 2 11 ? -19.518 -2.478  -3.227  1.00 0.60 ? 11  GLY A CA     1 
ATOM 161  C C      . GLY B 2 11 ? -19.214 -3.131  -1.879  1.00 0.49 ? 11  GLY A C      1 
ATOM 162  O O      . GLY B 2 11 ? -19.108 -2.469  -0.865  1.00 0.52 ? 11  GLY A O      1 
ATOM 163  H H      . GLY B 2 11 ? -19.297 -0.403  -2.687  1.00 1.90 ? 11  GLY A H      1 
ATOM 164  H HA2    . GLY B 2 11 ? -20.307 -3.027  -3.722  1.00 1.14 ? 11  GLY A HA2    1 
ATOM 165  H HA3    . GLY B 2 11 ? -18.629 -2.498  -3.838  1.00 1.15 ? 11  GLY A HA3    1 
ATOM 166  N N      . PRO B 2 12 ? -19.074 -4.427  -1.877  1.00 0.41 ? 12  PRO A N      1 
ATOM 167  C CA     . PRO B 2 12 ? -18.774 -5.197  -0.642  1.00 0.36 ? 12  PRO A CA     1 
ATOM 168  C C      . PRO B 2 12 ? -17.578 -4.605  0.114   1.00 0.35 ? 12  PRO A C      1 
ATOM 169  O O      . PRO B 2 12 ? -16.672 -4.059  -0.479  1.00 0.37 ? 12  PRO A O      1 
ATOM 170  C CB     . PRO B 2 12 ? -18.454 -6.624  -1.129  1.00 0.38 ? 12  PRO A CB     1 
ATOM 171  C CG     . PRO B 2 12 ? -18.756 -6.677  -2.603  1.00 0.58 ? 12  PRO A CG     1 
ATOM 172  C CD     . PRO B 2 12 ? -19.192 -5.281  -3.063  1.00 0.45 ? 12  PRO A CD     1 
ATOM 173  H HA     . PRO B 2 12 ? -19.641 -5.220  -0.002  1.00 0.38 ? 12  PRO A HA     1 
ATOM 174  H HB2    . PRO B 2 12 ? -17.409 -6.852  -0.954  1.00 0.48 ? 12  PRO A HB2    1 
ATOM 175  H HB3    . PRO B 2 12 ? -19.073 -7.338  -0.603  1.00 0.49 ? 12  PRO A HB3    1 
ATOM 176  H HG2    . PRO B 2 12 ? -17.870 -6.979  -3.147  1.00 0.90 ? 12  PRO A HG2    1 
ATOM 177  H HG3    . PRO B 2 12 ? -19.553 -7.381  -2.792  1.00 0.86 ? 12  PRO A HG3    1 
ATOM 178  H HD2    . PRO B 2 12 ? -18.540 -4.924  -3.848  1.00 0.56 ? 12  PRO A HD2    1 
ATOM 179  H HD3    . PRO B 2 12 ? -20.215 -5.298  -3.405  1.00 0.50 ? 12  PRO A HD3    1 
ATOM 180  N N      . ILE B 2 13 ? -17.560 -4.734  1.413   1.00 0.33 ? 13  ILE A N      1 
ATOM 181  C CA     . ILE B 2 13 ? -16.408 -4.200  2.198   1.00 0.32 ? 13  ILE A CA     1 
ATOM 182  C C      . ILE B 2 13 ? -15.564 -5.379  2.675   1.00 0.28 ? 13  ILE A C      1 
ATOM 183  O O      . ILE B 2 13 ? -16.001 -6.167  3.491   1.00 0.27 ? 13  ILE A O      1 
ATOM 184  C CB     . ILE B 2 13 ? -16.920 -3.436  3.423   1.00 0.34 ? 13  ILE A CB     1 
ATOM 185  C CG1    . ILE B 2 13 ? -18.016 -2.431  3.013   1.00 0.39 ? 13  ILE A CG1    1 
ATOM 186  C CG2    . ILE B 2 13 ? -15.746 -2.717  4.106   1.00 0.33 ? 13  ILE A CG2    1 
ATOM 187  C CD1    . ILE B 2 13 ? -17.452 -1.318  2.118   1.00 0.85 ? 13  ILE A CD1    1 
ATOM 188  H H      . ILE B 2 13 ? -18.289 -5.207  1.864   1.00 0.32 ? 13  ILE A H      1 
ATOM 189  H HA     . ILE B 2 13 ? -15.804 -3.552  1.582   1.00 0.34 ? 13  ILE A HA     1 
ATOM 190  H HB     . ILE B 2 13 ? -17.339 -4.149  4.122   1.00 0.34 ? 13  ILE A HB     1 
ATOM 191  H HG12   . ILE B 2 13 ? -18.791 -2.955  2.476   1.00 0.96 ? 13  ILE A HG12   1 
ATOM 192  H HG13   . ILE B 2 13 ? -18.440 -1.990  3.903   1.00 1.07 ? 13  ILE A HG13   1 
ATOM 193  H HG21   . ILE B 2 13 ? -15.529 -1.793  3.598   1.00 1.07 ? 13  ILE A HG21   1 
ATOM 194  H HG22   . ILE B 2 13 ? -14.873 -3.352  4.076   1.00 1.07 ? 13  ILE A HG22   1 
ATOM 195  H HG23   . ILE B 2 13 ? -16.001 -2.512  5.135   1.00 1.07 ? 13  ILE A HG23   1 
ATOM 196  H HD11   . ILE B 2 13 ? -18.239 -0.619  1.880   1.00 1.48 ? 13  ILE A HD11   1 
ATOM 197  H HD12   . ILE B 2 13 ? -17.063 -1.744  1.207   1.00 1.50 ? 13  ILE A HD12   1 
ATOM 198  H HD13   . ILE B 2 13 ? -16.662 -0.801  2.642   1.00 1.51 ? 13  ILE A HD13   1 
ATOM 199  N N      . ILE B 2 14 ? -14.370 -5.525  2.164   1.00 0.27 ? 14  ILE A N      1 
ATOM 200  C CA     . ILE B 2 14 ? -13.513 -6.674  2.575   1.00 0.23 ? 14  ILE A CA     1 
ATOM 201  C C      . ILE B 2 14 ? -12.169 -6.160  3.099   1.00 0.22 ? 14  ILE A C      1 
ATOM 202  O O      . ILE B 2 14 ? -11.743 -5.067  2.783   1.00 0.23 ? 14  ILE A O      1 
ATOM 203  C CB     . ILE B 2 14 ? -13.296 -7.580  1.354   1.00 0.23 ? 14  ILE A CB     1 
ATOM 204  C CG1    . ILE B 2 14 ? -12.537 -6.791  0.274   1.00 0.25 ? 14  ILE A CG1    1 
ATOM 205  C CG2    . ILE B 2 14 ? -14.663 -8.060  0.810   1.00 0.26 ? 14  ILE A CG2    1 
ATOM 206  C CD1    . ILE B 2 14 ? -12.333 -7.648  -0.983  1.00 0.26 ? 14  ILE A CD1    1 
ATOM 207  H H      . ILE B 2 14 ? -14.042 -4.907  1.480   1.00 0.28 ? 14  ILE A H      1 
ATOM 208  H HA     . ILE B 2 14 ? -14.004 -7.239  3.353   1.00 0.23 ? 14  ILE A HA     1 
ATOM 209  H HB     . ILE B 2 14 ? -12.706 -8.437  1.649   1.00 0.21 ? 14  ILE A HB     1 
ATOM 210  H HG12   . ILE B 2 14 ? -13.097 -5.905  0.016   1.00 0.26 ? 14  ILE A HG12   1 
ATOM 211  H HG13   . ILE B 2 14 ? -11.572 -6.501  0.663   1.00 0.25 ? 14  ILE A HG13   1 
ATOM 212  H HG21   . ILE B 2 14 ? -14.791 -7.725  -0.210  1.00 1.05 ? 14  ILE A HG21   1 
ATOM 213  H HG22   . ILE B 2 14 ? -15.465 -7.660  1.416   1.00 1.06 ? 14  ILE A HG22   1 
ATOM 214  H HG23   . ILE B 2 14 ? -14.703 -9.139  0.839   1.00 1.05 ? 14  ILE A HG23   1 
ATOM 215  H HD11   . ILE B 2 14 ? -13.238 -8.188  -1.214  1.00 1.02 ? 14  ILE A HD11   1 
ATOM 216  H HD12   . ILE B 2 14 ? -11.530 -8.349  -0.814  1.00 1.05 ? 14  ILE A HD12   1 
ATOM 217  H HD13   . ILE B 2 14 ? -12.078 -7.006  -1.814  1.00 1.06 ? 14  ILE A HD13   1 
ATOM 218  N N      . THR B 2 15 ? -11.506 -6.952  3.899   1.00 0.19 ? 15  THR A N      1 
ATOM 219  C CA     . THR B 2 15 ? -10.187 -6.525  4.459   1.00 0.18 ? 15  THR A CA     1 
ATOM 220  C C      . THR B 2 15 ? -9.069  -7.392  3.868   1.00 0.16 ? 15  THR A C      1 
ATOM 221  O O      . THR B 2 15 ? -9.199  -8.591  3.724   1.00 0.15 ? 15  THR A O      1 
ATOM 222  C CB     . THR B 2 15 ? -10.205 -6.643  5.994   1.00 0.19 ? 15  THR A CB     1 
ATOM 223  O OG1    . THR B 2 15 ? -8.968  -6.180  6.513   1.00 0.20 ? 15  THR A OG1    1 
ATOM 224  C CG2    . THR B 2 15 ? -10.430 -8.095  6.434   1.00 0.20 ? 15  THR A CG2    1 
ATOM 225  H H      . THR B 2 15 ? -11.904 -7.819  4.122   1.00 0.18 ? 15  THR A H      1 
ATOM 226  H HA     . THR B 2 15 ? -10.005 -5.489  4.191   1.00 0.18 ? 15  THR A HA     1 
ATOM 227  H HB     . THR B 2 15 ? -11.005 -6.031  6.384   1.00 0.21 ? 15  THR A HB     1 
ATOM 228  H HG1    . THR B 2 15 ? -9.009  -6.237  7.471   1.00 0.92 ? 15  THR A HG1    1 
ATOM 229  H HG21   . THR B 2 15 ? -11.467 -8.360  6.288   1.00 1.03 ? 15  THR A HG21   1 
ATOM 230  H HG22   . THR B 2 15 ? -10.181 -8.191  7.480   1.00 1.06 ? 15  THR A HG22   1 
ATOM 231  H HG23   . THR B 2 15 ? -9.805  -8.756  5.860   1.00 1.02 ? 15  THR A HG23   1 
ATOM 232  N N      . THR B 2 16 ? -7.969  -6.786  3.523   1.00 0.14 ? 16  THR A N      1 
ATOM 233  C CA     . THR B 2 16 ? -6.834  -7.569  2.953   1.00 0.13 ? 16  THR A CA     1 
ATOM 234  C C      . THR B 2 16 ? -5.523  -7.060  3.552   1.00 0.12 ? 16  THR A C      1 
ATOM 235  O O      . THR B 2 16 ? -5.412  -5.909  3.926   1.00 0.13 ? 16  THR A O      1 
ATOM 236  C CB     . THR B 2 16 ? -6.800  -7.403  1.430   1.00 0.14 ? 16  THR A CB     1 
ATOM 237  O OG1    . THR B 2 16 ? -6.519  -6.047  1.112   1.00 0.14 ? 16  THR A OG1    1 
ATOM 238  C CG2    . THR B 2 16 ? -8.152  -7.801  0.831   1.00 0.16 ? 16  THR A CG2    1 
ATOM 239  H H      . THR B 2 16 ? -7.878  -5.815  3.660   1.00 0.15 ? 16  THR A H      1 
ATOM 240  H HA     . THR B 2 16 ? -6.956  -8.615  3.199   1.00 0.13 ? 16  THR A HA     1 
ATOM 241  H HB     . THR B 2 16 ? -6.029  -8.035  1.019   1.00 0.13 ? 16  THR A HB     1 
ATOM 242  H HG1    . THR B 2 16 ? -5.619  -6.002  0.779   1.00 0.90 ? 16  THR A HG1    1 
ATOM 243  H HG21   . THR B 2 16 ? -8.652  -8.499  1.488   1.00 1.01 ? 16  THR A HG21   1 
ATOM 244  H HG22   . THR B 2 16 ? -7.993  -8.266  -0.131  1.00 1.04 ? 16  THR A HG22   1 
ATOM 245  H HG23   . THR B 2 16 ? -8.762  -6.921  0.709   1.00 0.99 ? 16  THR A HG23   1 
ATOM 246  N N      . GLN B 2 17 ? -4.525  -7.901  3.645   1.00 0.11 ? 17  GLN A N      1 
ATOM 247  C CA     . GLN B 2 17 ? -3.219  -7.458  4.215   1.00 0.11 ? 17  GLN A CA     1 
ATOM 248  C C      . GLN B 2 17 ? -2.098  -7.809  3.238   1.00 0.09 ? 17  GLN A C      1 
ATOM 249  O O      . GLN B 2 17 ? -2.092  -8.866  2.641   1.00 0.09 ? 17  GLN A O      1 
ATOM 250  C CB     . GLN B 2 17 ? -2.979  -8.178  5.543   1.00 0.12 ? 17  GLN A CB     1 
ATOM 251  C CG     . GLN B 2 17 ? -4.011  -7.714  6.572   1.00 0.16 ? 17  GLN A CG     1 
ATOM 252  C CD     . GLN B 2 17 ? -3.880  -8.559  7.840   1.00 0.70 ? 17  GLN A CD     1 
ATOM 253  O OE1    . GLN B 2 17 ? -3.215  -9.577  7.838   1.00 1.26 ? 17  GLN A OE1    1 
ATOM 254  N NE2    . GLN B 2 17 ? -4.492  -8.182  8.928   1.00 1.23 ? 17  GLN A NE2    1 
ATOM 255  H H      . GLN B 2 17 ? -4.621  -8.827  3.341   1.00 0.11 ? 17  GLN A H      1 
ATOM 256  H HA     . GLN B 2 17 ? -3.231  -6.392  4.379   1.00 0.12 ? 17  GLN A HA     1 
ATOM 257  H HB2    . GLN B 2 17 ? -3.072  -9.243  5.394   1.00 0.14 ? 17  GLN A HB2    1 
ATOM 258  H HB3    . GLN B 2 17 ? -1.987  -7.949  5.902   1.00 0.13 ? 17  GLN A HB3    1 
ATOM 259  H HG2    . GLN B 2 17 ? -3.835  -6.674  6.812   1.00 0.52 ? 17  GLN A HG2    1 
ATOM 260  H HG3    . GLN B 2 17 ? -5.004  -7.827  6.165   1.00 0.46 ? 17  GLN A HG3    1 
ATOM 261  H HE21   . GLN B 2 17 ? -5.031  -7.363  8.928   1.00 1.58 ? 17  GLN A HE21   1 
ATOM 262  H HE22   . GLN B 2 17 ? -4.416  -8.718  9.745   1.00 1.57 ? 17  GLN A HE22   1 
ATOM 263  N N      . VAL B 2 18 ? -1.148  -6.933  3.069   1.00 0.09 ? 18  VAL A N      1 
ATOM 264  C CA     . VAL B 2 18 ? -0.027  -7.219  2.128   1.00 0.08 ? 18  VAL A CA     1 
ATOM 265  C C      . VAL B 2 18 ? 1.289   -6.823  2.795   1.00 0.08 ? 18  VAL A C      1 
ATOM 266  O O      . VAL B 2 18 ? 1.348   -5.856  3.529   1.00 0.09 ? 18  VAL A O      1 
ATOM 267  C CB     . VAL B 2 18 ? -0.195  -6.396  0.838   1.00 0.09 ? 18  VAL A CB     1 
ATOM 268  C CG1    . VAL B 2 18 ? 0.610   -7.043  -0.308  1.00 0.27 ? 18  VAL A CG1    1 
ATOM 269  C CG2    . VAL B 2 18 ? -1.680  -6.320  0.459   1.00 0.29 ? 18  VAL A CG2    1 
ATOM 270  H H      . VAL B 2 18 ? -1.165  -6.080  3.558   1.00 0.09 ? 18  VAL A H      1 
ATOM 271  H HA     . VAL B 2 18 ? -0.008  -8.272  1.888   1.00 0.09 ? 18  VAL A HA     1 
ATOM 272  H HB     . VAL B 2 18 ? 0.179   -5.393  1.007   1.00 0.23 ? 18  VAL A HB     1 
ATOM 273  H HG11   . VAL B 2 18 ? 1.164   -6.278  -0.833  1.00 1.07 ? 18  VAL A HG11   1 
ATOM 274  H HG12   . VAL B 2 18 ? -0.061  -7.535  -0.998  1.00 1.08 ? 18  VAL A HG12   1 
ATOM 275  H HG13   . VAL B 2 18 ? 1.303   -7.771  0.093   1.00 1.05 ? 18  VAL A HG13   1 
ATOM 276  H HG21   . VAL B 2 18 ? -2.252  -5.946  1.295   1.00 1.08 ? 18  VAL A HG21   1 
ATOM 277  H HG22   . VAL B 2 18 ? -2.034  -7.304  0.188   1.00 1.08 ? 18  VAL A HG22   1 
ATOM 278  H HG23   . VAL B 2 18 ? -1.798  -5.653  -0.381  1.00 1.06 ? 18  VAL A HG23   1 
ATOM 279  N N      . THR B 2 19 ? 2.357   -7.539  2.536   1.00 0.09 ? 19  THR A N      1 
ATOM 280  C CA     . THR B 2 19 ? 3.672   -7.182  3.141   1.00 0.09 ? 19  THR A CA     1 
ATOM 281  C C      . THR B 2 19 ? 4.648   -6.863  2.010   1.00 0.10 ? 19  THR A C      1 
ATOM 282  O O      . THR B 2 19 ? 4.649   -7.514  0.984   1.00 0.10 ? 19  THR A O      1 
ATOM 283  C CB     . THR B 2 19 ? 4.205   -8.361  3.964   1.00 0.11 ? 19  THR A CB     1 
ATOM 284  O OG1    . THR B 2 19 ? 4.162   -9.539  3.172   1.00 0.14 ? 19  THR A OG1    1 
ATOM 285  C CG2    . THR B 2 19 ? 3.353   -8.559  5.228   1.00 0.13 ? 19  THR A CG2    1 
ATOM 286  H H      . THR B 2 19 ? 2.300   -8.305  1.933   1.00 0.09 ? 19  THR A H      1 
ATOM 287  H HA     . THR B 2 19 ? 3.562   -6.316  3.776   1.00 0.09 ? 19  THR A HA     1 
ATOM 288  H HB     . THR B 2 19 ? 5.228   -8.162  4.250   1.00 0.13 ? 19  THR A HB     1 
ATOM 289  H HG1    . THR B 2 19 ? 3.992   -9.279  2.263   1.00 0.81 ? 19  THR A HG1    1 
ATOM 290  H HG21   . THR B 2 19 ? 2.499   -7.896  5.210   1.00 1.02 ? 19  THR A HG21   1 
ATOM 291  H HG22   . THR B 2 19 ? 3.949   -8.348  6.105   1.00 1.02 ? 19  THR A HG22   1 
ATOM 292  H HG23   . THR B 2 19 ? 3.009   -9.583  5.270   1.00 1.03 ? 19  THR A HG23   1 
ATOM 293  N N      . ILE B 2 20 ? 5.462   -5.862  2.179   1.00 0.10 ? 20  ILE A N      1 
ATOM 294  C CA     . ILE B 2 20 ? 6.425   -5.494  1.100   1.00 0.11 ? 20  ILE A CA     1 
ATOM 295  C C      . ILE B 2 20 ? 7.851   -5.437  1.663   1.00 0.11 ? 20  ILE A C      1 
ATOM 296  O O      . ILE B 2 20 ? 8.060   -5.004  2.779   1.00 0.12 ? 20  ILE A O      1 
ATOM 297  C CB     . ILE B 2 20 ? 6.064   -4.101  0.584   1.00 0.10 ? 20  ILE A CB     1 
ATOM 298  C CG1    . ILE B 2 20 ? 5.791   -3.192  1.796   1.00 0.10 ? 20  ILE A CG1    1 
ATOM 299  C CG2    . ILE B 2 20 ? 4.816   -4.180  -0.308  1.00 0.12 ? 20  ILE A CG2    1 
ATOM 300  C CD1    . ILE B 2 20 ? 5.868   -1.710  1.404   1.00 0.12 ? 20  ILE A CD1    1 
ATOM 301  H H      . ILE B 2 20 ? 5.445   -5.341  3.013   1.00 0.10 ? 20  ILE A H      1 
ATOM 302  H HA     . ILE B 2 20 ? 6.363   -6.204  0.293   1.00 0.12 ? 20  ILE A HA     1 
ATOM 303  H HB     . ILE B 2 20 ? 6.892   -3.711  0.012   1.00 0.11 ? 20  ILE A HB     1 
ATOM 304  H HG12   . ILE B 2 20 ? 4.810   -3.408  2.186   1.00 0.11 ? 20  ILE A HG12   1 
ATOM 305  H HG13   . ILE B 2 20 ? 6.523   -3.389  2.562   1.00 0.11 ? 20  ILE A HG13   1 
ATOM 306  H HG21   . ILE B 2 20 ? 5.119   -4.262  -1.342  1.00 1.03 ? 20  ILE A HG21   1 
ATOM 307  H HG22   . ILE B 2 20 ? 4.220   -3.287  -0.180  1.00 1.03 ? 20  ILE A HG22   1 
ATOM 308  H HG23   . ILE B 2 20 ? 4.226   -5.045  -0.038  1.00 1.02 ? 20  ILE A HG23   1 
ATOM 309  H HD11   . ILE B 2 20 ? 6.425   -1.172  2.157   1.00 1.02 ? 20  ILE A HD11   1 
ATOM 310  H HD12   . ILE B 2 20 ? 4.872   -1.304  1.342   1.00 1.02 ? 20  ILE A HD12   1 
ATOM 311  H HD13   . ILE B 2 20 ? 6.359   -1.600  0.453   1.00 1.03 ? 20  ILE A HD13   1 
ATOM 312  N N      . PRO B 2 21 ? 8.841   -5.824  0.894   1.00 0.13 ? 21  PRO A N      1 
ATOM 313  C CA     . PRO B 2 21 ? 10.247  -5.739  1.357   1.00 0.14 ? 21  PRO A CA     1 
ATOM 314  C C      . PRO B 2 21 ? 10.541  -4.324  1.861   1.00 0.13 ? 21  PRO A C      1 
ATOM 315  O O      . PRO B 2 21 ? 10.213  -3.350  1.214   1.00 0.11 ? 21  PRO A O      1 
ATOM 316  C CB     . PRO B 2 21 ? 11.093  -6.052  0.116   1.00 0.16 ? 21  PRO A CB     1 
ATOM 317  C CG     . PRO B 2 21 ? 10.168  -6.655  -0.899  1.00 0.18 ? 21  PRO A CG     1 
ATOM 318  C CD     . PRO B 2 21 ? 8.725   -6.388  -0.456  1.00 0.15 ? 21  PRO A CD     1 
ATOM 319  H HA     . PRO B 2 21 ? 10.438  -6.466  2.130   1.00 0.16 ? 21  PRO A HA     1 
ATOM 320  H HB2    . PRO B 2 21 ? 11.533  -5.143  -0.275  1.00 0.17 ? 21  PRO A HB2    1 
ATOM 321  H HB3    . PRO B 2 21 ? 11.871  -6.757  0.371   1.00 0.20 ? 21  PRO A HB3    1 
ATOM 322  H HG2    . PRO B 2 21 ? 10.343  -6.200  -1.863  1.00 0.23 ? 21  PRO A HG2    1 
ATOM 323  H HG3    . PRO B 2 21 ? 10.334  -7.720  -0.961  1.00 0.24 ? 21  PRO A HG3    1 
ATOM 324  H HD2    . PRO B 2 21 ? 8.248   -5.685  -1.121  1.00 0.15 ? 21  PRO A HD2    1 
ATOM 325  H HD3    . PRO B 2 21 ? 8.170   -7.314  -0.424  1.00 0.17 ? 21  PRO A HD3    1 
ATOM 326  N N      . LYS B 2 22 ? 11.125  -4.195  3.011   1.00 0.15 ? 22  LYS A N      1 
ATOM 327  C CA     . LYS B 2 22 ? 11.399  -2.838  3.550   1.00 0.16 ? 22  LYS A CA     1 
ATOM 328  C C      . LYS B 2 22 ? 12.210  -1.998  2.554   1.00 0.14 ? 22  LYS A C      1 
ATOM 329  O O      . LYS B 2 22 ? 11.942  -0.829  2.360   1.00 0.14 ? 22  LYS A O      1 
ATOM 330  C CB     . LYS B 2 22 ? 12.185  -2.987  4.848   1.00 0.19 ? 22  LYS A CB     1 
ATOM 331  C CG     . LYS B 2 22 ? 12.363  -1.617  5.493   1.00 0.21 ? 22  LYS A CG     1 
ATOM 332  C CD     . LYS B 2 22 ? 13.121  -1.771  6.816   1.00 0.34 ? 22  LYS A CD     1 
ATOM 333  C CE     . LYS B 2 22 ? 12.690  -0.671  7.782   1.00 0.86 ? 22  LYS A CE     1 
ATOM 334  N NZ     . LYS B 2 22 ? 13.681  -0.558  8.888   1.00 1.78 ? 22  LYS A NZ     1 
ATOM 335  H H      . LYS B 2 22 ? 11.369  -4.979  3.547   1.00 0.17 ? 22  LYS A H      1 
ATOM 336  H HA     . LYS B 2 22 ? 10.463  -2.340  3.759   1.00 0.15 ? 22  LYS A HA     1 
ATOM 337  H HB2    . LYS B 2 22 ? 11.645  -3.636  5.522   1.00 0.24 ? 22  LYS A HB2    1 
ATOM 338  H HB3    . LYS B 2 22 ? 13.154  -3.413  4.634   1.00 0.18 ? 22  LYS A HB3    1 
ATOM 339  H HG2    . LYS B 2 22 ? 12.927  -0.980  4.824   1.00 0.28 ? 22  LYS A HG2    1 
ATOM 340  H HG3    . LYS B 2 22 ? 11.394  -1.179  5.678   1.00 0.35 ? 22  LYS A HG3    1 
ATOM 341  H HD2    . LYS B 2 22 ? 12.902  -2.736  7.250   1.00 0.68 ? 22  LYS A HD2    1 
ATOM 342  H HD3    . LYS B 2 22 ? 14.182  -1.689  6.634   1.00 0.92 ? 22  LYS A HD3    1 
ATOM 343  H HE2    . LYS B 2 22 ? 12.634  0.267   7.253   1.00 1.36 ? 22  LYS A HE2    1 
ATOM 344  H HE3    . LYS B 2 22 ? 11.721  -0.915  8.190   1.00 1.46 ? 22  LYS A HE3    1 
ATOM 345  H HZ1    . LYS B 2 22 ? 13.783  0.439   9.158   1.00 2.28 ? 22  LYS A HZ1    1 
ATOM 346  H HZ2    . LYS B 2 22 ? 14.600  -0.930  8.571   1.00 2.28 ? 22  LYS A HZ2    1 
ATOM 347  H HZ3    . LYS B 2 22 ? 13.349  -1.105  9.708   1.00 2.30 ? 22  LYS A HZ3    1 
ATOM 348  N N      . ASP B 2 23 ? 13.196  -2.573  1.917   1.00 0.14 ? 23  ASP A N      1 
ATOM 349  C CA     . ASP B 2 23 ? 14.016  -1.803  0.932   1.00 0.13 ? 23  ASP A CA     1 
ATOM 350  C C      . ASP B 2 23 ? 13.105  -1.061  -0.052  1.00 0.11 ? 23  ASP A C      1 
ATOM 351  O O      . ASP B 2 23 ? 13.540  -0.167  -0.749  1.00 0.11 ? 23  ASP A O      1 
ATOM 352  C CB     . ASP B 2 23 ? 14.913  -2.782  0.150   1.00 0.14 ? 23  ASP A CB     1 
ATOM 353  C CG     . ASP B 2 23 ? 16.302  -2.879  0.793   1.00 1.22 ? 23  ASP A CG     1 
ATOM 354  O OD1    . ASP B 2 23 ? 16.531  -2.216  1.790   1.00 1.97 ? 23  ASP A OD1    1 
ATOM 355  O OD2    . ASP B 2 23 ? 17.119  -3.620  0.269   1.00 1.57 ? 23  ASP A OD2    1 
ATOM 356  H H      . ASP B 2 23 ? 13.390  -3.516  2.071   1.00 0.14 ? 23  ASP A H      1 
ATOM 357  H HA     . ASP B 2 23 ? 14.629  -1.088  1.456   1.00 0.13 ? 23  ASP A HA     1 
ATOM 358  H HB2    . ASP B 2 23 ? 14.454  -3.759  0.155   1.00 0.89 ? 23  ASP A HB2    1 
ATOM 359  H HB3    . ASP B 2 23 ? 15.018  -2.444  -0.872  1.00 0.88 ? 23  ASP A HB3    1 
ATOM 360  N N      . LEU B 2 24 ? 11.859  -1.418  -0.111  1.00 0.11 ? 24  LEU A N      1 
ATOM 361  C CA     . LEU B 2 24 ? 10.940  -0.712  -1.058  1.00 0.11 ? 24  LEU A CA     1 
ATOM 362  C C      . LEU B 2 24 ? 10.010  0.221   -0.278  1.00 0.10 ? 24  LEU A C      1 
ATOM 363  O O      . LEU B 2 24 ? 9.300   1.020   -0.856  1.00 0.11 ? 24  LEU A O      1 
ATOM 364  C CB     . LEU B 2 24 ? 10.088  -1.738  -1.815  1.00 0.12 ? 24  LEU A CB     1 
ATOM 365  C CG     . LEU B 2 24 ? 10.975  -2.821  -2.444  1.00 0.13 ? 24  LEU A CG     1 
ATOM 366  C CD1    . LEU B 2 24 ? 10.079  -3.849  -3.137  1.00 0.17 ? 24  LEU A CD1    1 
ATOM 367  C CD2    . LEU B 2 24 ? 11.942  -2.203  -3.476  1.00 0.15 ? 24  LEU A CD2    1 
ATOM 368  H H      . LEU B 2 24 ? 11.512  -2.134  0.476   1.00 0.11 ? 24  LEU A H      1 
ATOM 369  H HA     . LEU B 2 24 ? 11.517  -0.127  -1.765  1.00 0.11 ? 24  LEU A HA     1 
ATOM 370  H HB2    . LEU B 2 24 ? 9.394   -2.202  -1.127  1.00 0.15 ? 24  LEU A HB2    1 
ATOM 371  H HB3    . LEU B 2 24 ? 9.534   -1.236  -2.593  1.00 0.14 ? 24  LEU A HB3    1 
ATOM 372  H HG     . LEU B 2 24 ? 11.543  -3.311  -1.665  1.00 0.15 ? 24  LEU A HG     1 
ATOM 373  H HD11   . LEU B 2 24 ? 9.573   -3.381  -3.967  1.00 1.02 ? 24  LEU A HD11   1 
ATOM 374  H HD12   . LEU B 2 24 ? 9.350   -4.222  -2.436  1.00 1.03 ? 24  LEU A HD12   1 
ATOM 375  H HD13   . LEU B 2 24 ? 10.684  -4.667  -3.500  1.00 1.03 ? 24  LEU A HD13   1 
ATOM 376  H HD21   . LEU B 2 24 ? 12.945  -2.215  -3.074  1.00 1.02 ? 24  LEU A HD21   1 
ATOM 377  H HD22   . LEU B 2 24 ? 11.655  -1.187  -3.695  1.00 1.03 ? 24  LEU A HD22   1 
ATOM 378  H HD23   . LEU B 2 24 ? 11.922  -2.779  -4.391  1.00 1.03 ? 24  LEU A HD23   1 
ATOM 379  N N      . ALA B 2 25 ? 9.990   0.127   1.027   1.00 0.11 ? 25  ALA A N      1 
ATOM 380  C CA     . ALA B 2 25 ? 9.088   1.007   1.829   1.00 0.12 ? 25  ALA A CA     1 
ATOM 381  C C      . ALA B 2 25 ? 9.225   2.464   1.370   1.00 0.12 ? 25  ALA A C      1 
ATOM 382  O O      . ALA B 2 25 ? 8.242   3.138   1.133   1.00 0.13 ? 25  ALA A O      1 
ATOM 383  C CB     . ALA B 2 25 ? 9.469   0.902   3.312   1.00 0.14 ? 25  ALA A CB     1 
ATOM 384  H H      . ALA B 2 25 ? 10.558  -0.530  1.481   1.00 0.11 ? 25  ALA A H      1 
ATOM 385  H HA     . ALA B 2 25 ? 8.065   0.682   1.697   1.00 0.13 ? 25  ALA A HA     1 
ATOM 386  H HB1    . ALA B 2 25 ? 9.280   1.845   3.805   1.00 1.03 ? 25  ALA A HB1    1 
ATOM 387  H HB2    . ALA B 2 25 ? 10.517  0.656   3.396   1.00 1.03 ? 25  ALA A HB2    1 
ATOM 388  H HB3    . ALA B 2 25 ? 8.881   0.128   3.780   1.00 1.03 ? 25  ALA A HB3    1 
ATOM 389  N N      . GLY B 2 26 ? 10.426  2.954   1.230   1.00 0.12 ? 26  GLY A N      1 
ATOM 390  C CA     . GLY B 2 26 ? 10.586  4.366   0.772   1.00 0.13 ? 26  GLY A CA     1 
ATOM 391  C C      . GLY B 2 26 ? 10.131  4.461   -0.686  1.00 0.12 ? 26  GLY A C      1 
ATOM 392  O O      . GLY B 2 26 ? 9.618   5.470   -1.127  1.00 0.12 ? 26  GLY A O      1 
ATOM 393  H H      . GLY B 2 26 ? 11.223  2.410   1.408   1.00 0.12 ? 26  GLY A H      1 
ATOM 394  H HA2    . GLY B 2 26 ? 9.983   5.018   1.389   1.00 0.13 ? 26  GLY A HA2    1 
ATOM 395  H HA3    . GLY B 2 26 ? 11.627  4.664   0.846   1.00 0.14 ? 26  GLY A HA3    1 
ATOM 396  N N      . SER B 2 27 ? 10.339  3.416   -1.442  1.00 0.12 ? 27  SER A N      1 
ATOM 397  C CA     . SER B 2 27 ? 9.945   3.443   -2.879  1.00 0.12 ? 27  SER A CA     1 
ATOM 398  C C      . SER B 2 27 ? 8.426   3.400   -3.046  1.00 0.12 ? 27  SER A C      1 
ATOM 399  O O      . SER B 2 27 ? 7.880   4.064   -3.904  1.00 0.12 ? 27  SER A O      1 
ATOM 400  C CB     . SER B 2 27 ? 10.583  2.259   -3.606  1.00 0.14 ? 27  SER A CB     1 
ATOM 401  O OG     . SER B 2 27 ? 9.626   1.222   -3.798  1.00 1.23 ? 27  SER A OG     1 
ATOM 402  H H      . SER B 2 27 ? 10.770  2.618   -1.066  1.00 0.12 ? 27  SER A H      1 
ATOM 403  H HA     . SER B 2 27 ? 10.306  4.352   -3.320  1.00 0.14 ? 27  SER A HA     1 
ATOM 404  H HB2    . SER B 2 27 ? 10.943  2.591   -4.562  1.00 0.86 ? 27  SER A HB2    1 
ATOM 405  H HB3    . SER B 2 27 ? 11.417  1.889   -3.021  1.00 0.91 ? 27  SER A HB3    1 
ATOM 406  H HG     . SER B 2 27 ? 8.785   1.518   -3.449  1.00 1.68 ? 27  SER A HG     1 
ATOM 407  N N      . ILE B 2 28 ? 7.727   2.639   -2.252  1.00 0.11 ? 28  ILE A N      1 
ATOM 408  C CA     . ILE B 2 28 ? 6.246   2.593   -2.412  1.00 0.11 ? 28  ILE A CA     1 
ATOM 409  C C      . ILE B 2 28 ? 5.605   3.719   -1.604  1.00 0.11 ? 28  ILE A C      1 
ATOM 410  O O      . ILE B 2 28 ? 4.657   4.344   -2.036  1.00 0.11 ? 28  ILE A O      1 
ATOM 411  C CB     . ILE B 2 28 ? 5.714   1.247   -1.920  1.00 0.12 ? 28  ILE A CB     1 
ATOM 412  C CG1    . ILE B 2 28 ? 6.325   0.120   -2.766  1.00 0.15 ? 28  ILE A CG1    1 
ATOM 413  C CG2    . ILE B 2 28 ? 4.178   1.212   -2.044  1.00 0.16 ? 28  ILE A CG2    1 
ATOM 414  C CD1    . ILE B 2 28 ? 5.925   -1.243  -2.188  1.00 0.15 ? 28  ILE A CD1    1 
ATOM 415  H H      . ILE B 2 28 ? 8.155   2.099   -1.557  1.00 0.11 ? 28  ILE A H      1 
ATOM 416  H HA     . ILE B 2 28 ? 5.996   2.715   -3.455  1.00 0.12 ? 28  ILE A HA     1 
ATOM 417  H HB     . ILE B 2 28 ? 5.993   1.110   -0.886  1.00 0.11 ? 28  ILE A HB     1 
ATOM 418  H HG12   . ILE B 2 28 ? 5.966   0.199   -3.781  1.00 0.19 ? 28  ILE A HG12   1 
ATOM 419  H HG13   . ILE B 2 28 ? 7.402   0.210   -2.758  1.00 0.16 ? 28  ILE A HG13   1 
ATOM 420  H HG21   . ILE B 2 28 ? 3.737   1.348   -1.067  1.00 1.01 ? 28  ILE A HG21   1 
ATOM 421  H HG22   . ILE B 2 28 ? 3.865   0.259   -2.445  1.00 1.02 ? 28  ILE A HG22   1 
ATOM 422  H HG23   . ILE B 2 28 ? 3.843   2.003   -2.701  1.00 1.04 ? 28  ILE A HG23   1 
ATOM 423  H HD11   . ILE B 2 28 ? 5.174   -1.115  -1.420  1.00 1.04 ? 28  ILE A HD11   1 
ATOM 424  H HD12   . ILE B 2 28 ? 6.797   -1.719  -1.762  1.00 1.02 ? 28  ILE A HD12   1 
ATOM 425  H HD13   . ILE B 2 28 ? 5.526   -1.864  -2.975  1.00 1.01 ? 28  ILE A HD13   1 
ATOM 426  N N      . ILE B 2 29 ? 6.108   3.984   -0.432  1.00 0.10 ? 29  ILE A N      1 
ATOM 427  C CA     . ILE B 2 29 ? 5.512   5.074   0.386   1.00 0.11 ? 29  ILE A CA     1 
ATOM 428  C C      . ILE B 2 29 ? 5.840   6.424   -0.243  1.00 0.10 ? 29  ILE A C      1 
ATOM 429  O O      . ILE B 2 29 ? 5.008   7.306   -0.304  1.00 0.11 ? 29  ILE A O      1 
ATOM 430  C CB     . ILE B 2 29 ? 6.060   5.029   1.809   1.00 0.11 ? 29  ILE A CB     1 
ATOM 431  C CG1    . ILE B 2 29 ? 5.648   3.714   2.469   1.00 0.12 ? 29  ILE A CG1    1 
ATOM 432  C CG2    . ILE B 2 29 ? 5.482   6.202   2.603   1.00 0.11 ? 29  ILE A CG2    1 
ATOM 433  C CD1    . ILE B 2 29 ? 6.331   3.594   3.830   1.00 0.13 ? 29  ILE A CD1    1 
ATOM 434  H H      . ILE B 2 29 ? 6.871   3.471   -0.096  1.00 0.10 ? 29  ILE A H      1 
ATOM 435  H HA     . ILE B 2 29 ? 4.442   4.948   0.413   1.00 0.12 ? 29  ILE A HA     1 
ATOM 436  H HB     . ILE B 2 29 ? 7.137   5.103   1.782   1.00 0.11 ? 29  ILE A HB     1 
ATOM 437  H HG12   . ILE B 2 29 ? 4.576   3.698   2.600   1.00 0.12 ? 29  ILE A HG12   1 
ATOM 438  H HG13   . ILE B 2 29 ? 5.947   2.886   1.843   1.00 0.12 ? 29  ILE A HG13   1 
ATOM 439  H HG21   . ILE B 2 29 ? 4.436   6.299   2.377   1.00 1.02 ? 29  ILE A HG21   1 
ATOM 440  H HG22   . ILE B 2 29 ? 5.996   7.114   2.329   1.00 1.02 ? 29  ILE A HG22   1 
ATOM 441  H HG23   . ILE B 2 29 ? 5.602   6.025   3.659   1.00 1.02 ? 29  ILE A HG23   1 
ATOM 442  H HD11   . ILE B 2 29 ? 6.178   4.505   4.391   1.00 1.03 ? 29  ILE A HD11   1 
ATOM 443  H HD12   . ILE B 2 29 ? 7.389   3.432   3.689   1.00 1.02 ? 29  ILE A HD12   1 
ATOM 444  H HD13   . ILE B 2 29 ? 5.907   2.763   4.374   1.00 1.02 ? 29  ILE A HD13   1 
ATOM 445  N N      . GLY B 2 30 ? 7.049   6.605   -0.690  1.00 0.10 ? 30  GLY A N      1 
ATOM 446  C CA     . GLY B 2 30 ? 7.412   7.904   -1.312  1.00 0.10 ? 30  GLY A CA     1 
ATOM 447  C C      . GLY B 2 30 ? 7.776   8.906   -0.231  1.00 0.10 ? 30  GLY A C      1 
ATOM 448  O O      . GLY B 2 30 ? 7.581   8.668   0.945   1.00 0.11 ? 30  GLY A O      1 
ATOM 449  H H      . GLY B 2 30 ? 7.725   5.896   -0.629  1.00 0.10 ? 30  GLY A H      1 
ATOM 450  H HA2    . GLY B 2 30 ? 8.258   7.764   -1.972  1.00 0.10 ? 30  GLY A HA2    1 
ATOM 451  H HA3    . GLY B 2 30 ? 6.575   8.280   -1.879  1.00 0.11 ? 30  GLY A HA3    1 
ATOM 452  N N      . LYS B 2 31 ? 8.295   10.031  -0.617  1.00 0.11 ? 31  LYS A N      1 
ATOM 453  C CA     . LYS B 2 31 ? 8.660   11.056  0.388   1.00 0.12 ? 31  LYS A CA     1 
ATOM 454  C C      . LYS B 2 31 ? 7.402   11.823  0.811   1.00 0.12 ? 31  LYS A C      1 
ATOM 455  O O      . LYS B 2 31 ? 6.542   12.122  0.007   1.00 0.12 ? 31  LYS A O      1 
ATOM 456  C CB     . LYS B 2 31 ? 9.680   12.019  -0.213  1.00 0.13 ? 31  LYS A CB     1 
ATOM 457  C CG     . LYS B 2 31 ? 10.243  12.904  0.899   1.00 0.16 ? 31  LYS A CG     1 
ATOM 458  C CD     . LYS B 2 31 ? 11.553  13.542  0.439   1.00 0.40 ? 31  LYS A CD     1 
ATOM 459  C CE     . LYS B 2 31 ? 12.289  14.165  1.640   1.00 0.35 ? 31  LYS A CE     1 
ATOM 460  N NZ     . LYS B 2 31 ? 12.459  15.626  1.414   1.00 1.22 ? 31  LYS A NZ     1 
ATOM 461  H H      . LYS B 2 31 ? 8.427   10.216  -1.572  1.00 0.11 ? 31  LYS A H      1 
ATOM 462  H HA     . LYS B 2 31 ? 9.098   10.566  1.251   1.00 0.12 ? 31  LYS A HA     1 
ATOM 463  H HB2    . LYS B 2 31 ? 10.478  11.455  -0.673  1.00 0.14 ? 31  LYS A HB2    1 
ATOM 464  H HB3    . LYS B 2 31 ? 9.199   12.637  -0.956  1.00 0.13 ? 31  LYS A HB3    1 
ATOM 465  H HG2    . LYS B 2 31 ? 9.529   13.680  1.135   1.00 0.33 ? 31  LYS A HG2    1 
ATOM 466  H HG3    . LYS B 2 31 ? 10.427  12.308  1.775   1.00 0.43 ? 31  LYS A HG3    1 
ATOM 467  H HD2    . LYS B 2 31 ? 12.176  12.783  -0.009  1.00 0.69 ? 31  LYS A HD2    1 
ATOM 468  H HD3    . LYS B 2 31 ? 11.340  14.309  -0.288  1.00 0.80 ? 31  LYS A HD3    1 
ATOM 469  H HE2    . LYS B 2 31 ? 11.721  14.010  2.547   1.00 0.94 ? 31  LYS A HE2    1 
ATOM 470  H HE3    . LYS B 2 31 ? 13.261  13.705  1.746   1.00 0.87 ? 31  LYS A HE3    1 
ATOM 471  H HZ1    . LYS B 2 31 ? 13.468  15.843  1.296   1.00 1.74 ? 31  LYS A HZ1    1 
ATOM 472  H HZ2    . LYS B 2 31 ? 12.083  16.148  2.232   1.00 1.76 ? 31  LYS A HZ2    1 
ATOM 473  H HZ3    . LYS B 2 31 ? 11.943  15.906  0.555   1.00 1.80 ? 31  LYS A HZ3    1 
ATOM 474  N N      . GLY B 2 32 ? 7.301   12.149  2.064   1.00 0.12 ? 32  GLY A N      1 
ATOM 475  C CA     . GLY B 2 32 ? 6.108   12.906  2.544   1.00 0.12 ? 32  GLY A CA     1 
ATOM 476  C C      . GLY B 2 32 ? 4.835   12.088  2.310   1.00 0.12 ? 32  GLY A C      1 
ATOM 477  O O      . GLY B 2 32 ? 3.751   12.494  2.681   1.00 0.12 ? 32  GLY A O      1 
ATOM 478  H H      . GLY B 2 32 ? 8.020   11.904  2.688   1.00 0.12 ? 32  GLY A H      1 
ATOM 479  H HA2    . GLY B 2 32 ? 6.216   13.111  3.599   1.00 0.13 ? 32  GLY A HA2    1 
ATOM 480  H HA3    . GLY B 2 32 ? 6.034   13.838  2.004   1.00 0.14 ? 32  GLY A HA3    1 
ATOM 481  N N      . GLY B 2 33 ? 4.952   10.934  1.716   1.00 0.11 ? 33  GLY A N      1 
ATOM 482  C CA     . GLY B 2 33 ? 3.746   10.085  1.481   1.00 0.11 ? 33  GLY A CA     1 
ATOM 483  C C      . GLY B 2 33 ? 3.047   10.483  0.180   1.00 0.12 ? 33  GLY A C      1 
ATOM 484  O O      . GLY B 2 33 ? 2.002   9.956   -0.146  1.00 0.12 ? 33  GLY A O      1 
ATOM 485  H H      . GLY B 2 33 ? 5.830   10.600  1.439   1.00 0.11 ? 33  GLY A H      1 
ATOM 486  H HA2    . GLY B 2 33 ? 4.057   9.055   1.415   1.00 0.10 ? 33  GLY A HA2    1 
ATOM 487  H HA3    . GLY B 2 33 ? 3.052   10.194  2.303   1.00 0.12 ? 33  GLY A HA3    1 
ATOM 488  N N      . GLN B 2 34 ? 3.592   11.405  -0.574  1.00 0.14 ? 34  GLN A N      1 
ATOM 489  C CA     . GLN B 2 34 ? 2.928   11.816  -1.844  1.00 0.17 ? 34  GLN A CA     1 
ATOM 490  C C      . GLN B 2 34 ? 2.583   10.585  -2.675  1.00 0.17 ? 34  GLN A C      1 
ATOM 491  O O      . GLN B 2 34 ? 1.699   10.619  -3.508  1.00 0.18 ? 34  GLN A O      1 
ATOM 492  C CB     . GLN B 2 34 ? 3.858   12.721  -2.656  1.00 0.21 ? 34  GLN A CB     1 
ATOM 493  C CG     . GLN B 2 34 ? 3.859   14.131  -2.066  1.00 1.00 ? 34  GLN A CG     1 
ATOM 494  C CD     . GLN B 2 34 ? 4.769   15.028  -2.908  1.00 1.50 ? 34  GLN A CD     1 
ATOM 495  O OE1    . GLN B 2 34 ? 5.509   14.547  -3.744  1.00 1.94 ? 34  GLN A OE1    1 
ATOM 496  N NE2    . GLN B 2 34 ? 4.745   16.321  -2.725  1.00 2.31 ? 34  GLN A NE2    1 
ATOM 497  H H      . GLN B 2 34 ? 4.425   11.834  -0.300  1.00 0.15 ? 34  GLN A H      1 
ATOM 498  H HA     . GLN B 2 34 ? 2.021   12.355  -1.614  1.00 0.18 ? 34  GLN A HA     1 
ATOM 499  H HB2    . GLN B 2 34 ? 4.862   12.319  -2.625  1.00 0.76 ? 34  GLN A HB2    1 
ATOM 500  H HB3    . GLN B 2 34 ? 3.520   12.760  -3.680  1.00 0.71 ? 34  GLN A HB3    1 
ATOM 501  H HG2    . GLN B 2 34 ? 2.853   14.525  -2.078  1.00 1.63 ? 34  GLN A HG2    1 
ATOM 502  H HG3    . GLN B 2 34 ? 4.225   14.101  -1.051  1.00 1.62 ? 34  GLN A HG3    1 
ATOM 503  H HE21   . GLN B 2 34 ? 4.147   16.709  -2.052  1.00 2.67 ? 34  GLN A HE21   1 
ATOM 504  H HE22   . GLN B 2 34 ? 5.324   16.902  -3.261  1.00 2.86 ? 34  GLN A HE22   1 
ATOM 505  N N      . ARG B 2 35 ? 3.260   9.495   -2.460  1.00 0.16 ? 35  ARG A N      1 
ATOM 506  C CA     . ARG B 2 35 ? 2.946   8.275   -3.247  1.00 0.19 ? 35  ARG A CA     1 
ATOM 507  C C      . ARG B 2 35 ? 1.780   7.536   -2.588  1.00 0.19 ? 35  ARG A C      1 
ATOM 508  O O      . ARG B 2 35 ? 0.746   7.327   -3.189  1.00 0.21 ? 35  ARG A O      1 
ATOM 509  C CB     . ARG B 2 35 ? 4.170   7.356   -3.279  1.00 0.19 ? 35  ARG A CB     1 
ATOM 510  C CG     . ARG B 2 35 ? 3.970   6.267   -4.328  1.00 0.21 ? 35  ARG A CG     1 
ATOM 511  C CD     . ARG B 2 35 ? 4.453   6.762   -5.685  1.00 0.30 ? 35  ARG A CD     1 
ATOM 512  N NE     . ARG B 2 35 ? 3.828   5.917   -6.738  1.00 1.22 ? 35  ARG A NE     1 
ATOM 513  C CZ     . ARG B 2 35 ? 4.006   6.194   -7.994  1.00 1.71 ? 35  ARG A CZ     1 
ATOM 514  N NH1    . ARG B 2 35 ? 4.838   7.137   -8.340  1.00 2.01 ? 35  ARG A NH1    1 
ATOM 515  N NH2    . ARG B 2 35 ? 3.373   5.511   -8.906  1.00 2.57 ? 35  ARG A NH2    1 
ATOM 516  H H      . ARG B 2 35 ? 3.962   9.468   -1.777  1.00 0.16 ? 35  ARG A H      1 
ATOM 517  H HA     . ARG B 2 35 ? 2.675   8.555   -4.253  1.00 0.21 ? 35  ARG A HA     1 
ATOM 518  H HB2    . ARG B 2 35 ? 5.049   7.934   -3.520  1.00 0.20 ? 35  ARG A HB2    1 
ATOM 519  H HB3    . ARG B 2 35 ? 4.293   6.896   -2.319  1.00 0.21 ? 35  ARG A HB3    1 
ATOM 520  H HG2    . ARG B 2 35 ? 4.537   5.393   -4.046  1.00 0.24 ? 35  ARG A HG2    1 
ATOM 521  H HG3    . ARG B 2 35 ? 2.924   6.010   -4.391  1.00 0.27 ? 35  ARG A HG3    1 
ATOM 522  H HD2    . ARG B 2 35 ? 4.160   7.784   -5.830  1.00 0.81 ? 35  ARG A HD2    1 
ATOM 523  H HD3    . ARG B 2 35 ? 5.536   6.694   -5.727  1.00 0.80 ? 35  ARG A HD3    1 
ATOM 524  H HE     . ARG B 2 35 ? 3.245   5.173   -6.480  1.00 1.92 ? 35  ARG A HE     1 
ATOM 525  H HH11   . ARG B 2 35 ? 5.339   7.645   -7.638  1.00 1.87 ? 35  ARG A HH11   1 
ATOM 526  H HH12   . ARG B 2 35 ? 4.981   7.349   -9.307  1.00 2.77 ? 35  ARG A HH12   1 
ATOM 527  H HH21   . ARG B 2 35 ? 2.751   4.776   -8.637  1.00 2.96 ? 35  ARG A HH21   1 
ATOM 528  H HH22   . ARG B 2 35 ? 3.510   5.722   -9.873  1.00 3.08 ? 35  ARG A HH22   1 
ATOM 529  N N      . ILE B 2 36 ? 1.940   7.136   -1.354  1.00 0.17 ? 36  ILE A N      1 
ATOM 530  C CA     . ILE B 2 36 ? 0.842   6.406   -0.659  1.00 0.19 ? 36  ILE A CA     1 
ATOM 531  C C      . ILE B 2 36 ? -0.393  7.299   -0.541  1.00 0.18 ? 36  ILE A C      1 
ATOM 532  O O      . ILE B 2 36 ? -1.508  6.823   -0.470  1.00 0.19 ? 36  ILE A O      1 
ATOM 533  C CB     . ILE B 2 36 ? 1.313   5.951   0.733   1.00 0.20 ? 36  ILE A CB     1 
ATOM 534  C CG1    . ILE B 2 36 ? 0.248   5.044   1.350   1.00 0.22 ? 36  ILE A CG1    1 
ATOM 535  C CG2    . ILE B 2 36 ? 1.582   7.150   1.665   1.00 0.19 ? 36  ILE A CG2    1 
ATOM 536  C CD1    . ILE B 2 36 ? 0.819   4.367   2.597   1.00 0.26 ? 36  ILE A CD1    1 
ATOM 537  H H      . ILE B 2 36 ? 2.784   7.312   -0.886  1.00 0.16 ? 36  ILE A H      1 
ATOM 538  H HA     . ILE B 2 36 ? 0.582   5.534   -1.238  1.00 0.22 ? 36  ILE A HA     1 
ATOM 539  H HB     . ILE B 2 36 ? 2.227   5.387   0.620   1.00 0.22 ? 36  ILE A HB     1 
ATOM 540  H HG12   . ILE B 2 36 ? -0.615  5.634   1.622   1.00 0.20 ? 36  ILE A HG12   1 
ATOM 541  H HG13   . ILE B 2 36 ? -0.042  4.289   0.634   1.00 0.25 ? 36  ILE A HG13   1 
ATOM 542  H HG21   . ILE B 2 36 ? 1.274   6.907   2.673   1.00 1.04 ? 36  ILE A HG21   1 
ATOM 543  H HG22   . ILE B 2 36 ? 1.043   8.017   1.330   1.00 1.02 ? 36  ILE A HG22   1 
ATOM 544  H HG23   . ILE B 2 36 ? 2.632   7.369   1.664   1.00 1.04 ? 36  ILE A HG23   1 
ATOM 545  H HD11   . ILE B 2 36 ? 1.366   3.481   2.308   1.00 1.04 ? 36  ILE A HD11   1 
ATOM 546  H HD12   . ILE B 2 36 ? 0.012   4.091   3.260   1.00 1.04 ? 36  ILE A HD12   1 
ATOM 547  H HD13   . ILE B 2 36 ? 1.484   5.050   3.105   1.00 1.05 ? 36  ILE A HD13   1 
ATOM 548  N N      . LYS B 2 37 ? -0.206  8.588   -0.515  1.00 0.18 ? 37  LYS A N      1 
ATOM 549  C CA     . LYS B 2 37 ? -1.369  9.503   -0.396  1.00 0.19 ? 37  LYS A CA     1 
ATOM 550  C C      . LYS B 2 37 ? -2.066  9.607   -1.751  1.00 0.18 ? 37  LYS A C      1 
ATOM 551  O O      . LYS B 2 37 ? -3.216  9.240   -1.888  1.00 0.18 ? 37  LYS A O      1 
ATOM 552  C CB     . LYS B 2 37 ? -0.855  10.864  0.092   1.00 0.21 ? 37  LYS A CB     1 
ATOM 553  C CG     . LYS B 2 37 ? -2.042  11.815  0.363   1.00 0.22 ? 37  LYS A CG     1 
ATOM 554  C CD     . LYS B 2 37 ? -1.819  12.771  1.574   1.00 0.85 ? 37  LYS A CD     1 
ATOM 555  C CE     . LYS B 2 37 ? -0.344  12.890  2.008   1.00 0.41 ? 37  LYS A CE     1 
ATOM 556  N NZ     . LYS B 2 37 ? -0.166  14.163  2.761   1.00 1.45 ? 37  LYS A NZ     1 
ATOM 557  H H      . LYS B 2 37 ? 0.699   8.960   -0.572  1.00 0.18 ? 37  LYS A H      1 
ATOM 558  H HA     . LYS B 2 37 ? -2.069  9.106   0.321   1.00 0.20 ? 37  LYS A HA     1 
ATOM 559  H HB2    . LYS B 2 37 ? -0.292  10.697  0.989   1.00 0.23 ? 37  LYS A HB2    1 
ATOM 560  H HB3    . LYS B 2 37 ? -0.211  11.294  -0.662  1.00 0.22 ? 37  LYS A HB3    1 
ATOM 561  H HG2    . LYS B 2 37 ? -2.211  12.414  -0.520  1.00 0.74 ? 37  LYS A HG2    1 
ATOM 562  H HG3    . LYS B 2 37 ? -2.927  11.222  0.553   1.00 0.73 ? 37  LYS A HG3    1 
ATOM 563  H HD2    . LYS B 2 37 ? -2.172  13.755  1.304   1.00 1.62 ? 37  LYS A HD2    1 
ATOM 564  H HD3    . LYS B 2 37 ? -2.403  12.416  2.411   1.00 1.58 ? 37  LYS A HD3    1 
ATOM 565  H HE2    . LYS B 2 37 ? -0.083  12.066  2.660   1.00 0.86 ? 37  LYS A HE2    1 
ATOM 566  H HE3    . LYS B 2 37 ? 0.300   12.889  1.142   1.00 0.84 ? 37  LYS A HE3    1 
ATOM 567  H HZ1    . LYS B 2 37 ? -0.743  14.909  2.327   1.00 1.99 ? 37  LYS A HZ1    1 
ATOM 568  H HZ2    . LYS B 2 37 ? 0.837   14.440  2.742   1.00 2.00 ? 37  LYS A HZ2    1 
ATOM 569  H HZ3    . LYS B 2 37 ? -0.469  14.025  3.747   1.00 1.98 ? 37  LYS A HZ3    1 
ATOM 570  N N      . GLN B 2 38 ? -1.391  10.082  -2.760  1.00 0.18 ? 38  GLN A N      1 
ATOM 571  C CA     . GLN B 2 38 ? -2.051  10.179  -4.091  1.00 0.19 ? 38  GLN A CA     1 
ATOM 572  C C      . GLN B 2 38 ? -2.686  8.836   -4.456  1.00 0.17 ? 38  GLN A C      1 
ATOM 573  O O      . GLN B 2 38 ? -3.721  8.781   -5.089  1.00 0.18 ? 38  GLN A O      1 
ATOM 574  C CB     . GLN B 2 38 ? -1.024  10.556  -5.155  1.00 0.21 ? 38  GLN A CB     1 
ATOM 575  C CG     . GLN B 2 38 ? -1.731  10.653  -6.507  1.00 0.26 ? 38  GLN A CG     1 
ATOM 576  C CD     . GLN B 2 38 ? -0.903  11.505  -7.465  1.00 1.27 ? 38  GLN A CD     1 
ATOM 577  O OE1    . GLN B 2 38 ? 0.214   11.874  -7.160  1.00 1.98 ? 38  GLN A OE1    1 
ATOM 578  N NE2    . GLN B 2 38 ? -1.415  11.848  -8.614  1.00 1.98 ? 38  GLN A NE2    1 
ATOM 579  H H      . GLN B 2 38 ? -0.469  10.381  -2.655  1.00 0.18 ? 38  GLN A H      1 
ATOM 580  H HA     . GLN B 2 38 ? -2.820  10.938  -4.053  1.00 0.20 ? 38  GLN A HA     1 
ATOM 581  H HB2    . GLN B 2 38 ? -0.578  11.509  -4.908  1.00 0.24 ? 38  GLN A HB2    1 
ATOM 582  H HB3    . GLN B 2 38 ? -0.258  9.797   -5.204  1.00 0.23 ? 38  GLN A HB3    1 
ATOM 583  H HG2    . GLN B 2 38 ? -1.848  9.660   -6.919  1.00 0.83 ? 38  GLN A HG2    1 
ATOM 584  H HG3    . GLN B 2 38 ? -2.704  11.103  -6.374  1.00 0.80 ? 38  GLN A HG3    1 
ATOM 585  H HE21   . GLN B 2 38 ? -2.321  11.557  -8.852  1.00 2.14 ? 38  GLN A HE21   1 
ATOM 586  H HE22   . GLN B 2 38 ? -0.897  12.399  -9.237  1.00 2.65 ? 38  GLN A HE22   1 
ATOM 587  N N      . ILE B 2 39 ? -2.087  7.751   -4.048  1.00 0.17 ? 39  ILE A N      1 
ATOM 588  C CA     . ILE B 2 39 ? -2.678  6.422   -4.363  1.00 0.17 ? 39  ILE A CA     1 
ATOM 589  C C      . ILE B 2 39 ? -4.056  6.315   -3.704  1.00 0.17 ? 39  ILE A C      1 
ATOM 590  O O      . ILE B 2 39 ? -5.022  5.922   -4.323  1.00 0.19 ? 39  ILE A O      1 
ATOM 591  C CB     . ILE B 2 39 ? -1.734  5.324   -3.855  1.00 0.19 ? 39  ILE A CB     1 
ATOM 592  C CG1    . ILE B 2 39 ? -0.541  5.229   -4.812  1.00 0.20 ? 39  ILE A CG1    1 
ATOM 593  C CG2    . ILE B 2 39 ? -2.460  3.976   -3.795  1.00 0.21 ? 39  ILE A CG2    1 
ATOM 594  C CD1    . ILE B 2 39 ? 0.546   4.338   -4.211  1.00 0.22 ? 39  ILE A CD1    1 
ATOM 595  H H      . ILE B 2 39 ? -1.270  7.807   -3.514  1.00 0.17 ? 39  ILE A H      1 
ATOM 596  H HA     . ILE B 2 39 ? -2.790  6.329   -5.433  1.00 0.19 ? 39  ILE A HA     1 
ATOM 597  H HB     . ILE B 2 39 ? -1.383  5.584   -2.867  1.00 0.18 ? 39  ILE A HB     1 
ATOM 598  H HG12   . ILE B 2 39 ? -0.869  4.810   -5.752  1.00 0.22 ? 39  ILE A HG12   1 
ATOM 599  H HG13   . ILE B 2 39 ? -0.140  6.217   -4.983  1.00 0.19 ? 39  ILE A HG13   1 
ATOM 600  H HG21   . ILE B 2 39 ? -1.748  3.194   -3.569  1.00 1.04 ? 39  ILE A HG21   1 
ATOM 601  H HG22   . ILE B 2 39 ? -2.924  3.774   -4.746  1.00 1.05 ? 39  ILE A HG22   1 
ATOM 602  H HG23   . ILE B 2 39 ? -3.215  4.008   -3.025  1.00 1.02 ? 39  ILE A HG23   1 
ATOM 603  H HD11   . ILE B 2 39 ? 0.966   4.817   -3.342  1.00 1.02 ? 39  ILE A HD11   1 
ATOM 604  H HD12   . ILE B 2 39 ? 1.326   4.179   -4.943  1.00 1.00 ? 39  ILE A HD12   1 
ATOM 605  H HD13   . ILE B 2 39 ? 0.119   3.387   -3.929  1.00 1.02 ? 39  ILE A HD13   1 
ATOM 606  N N      . ARG B 2 40 ? -4.150  6.667   -2.455  1.00 0.17 ? 40  ARG A N      1 
ATOM 607  C CA     . ARG B 2 40 ? -5.455  6.598   -1.733  1.00 0.19 ? 40  ARG A CA     1 
ATOM 608  C C      . ARG B 2 40 ? -6.414  7.681   -2.218  1.00 0.19 ? 40  ARG A C      1 
ATOM 609  O O      . ARG B 2 40 ? -7.586  7.660   -1.904  1.00 0.19 ? 40  ARG A O      1 
ATOM 610  C CB     . ARG B 2 40 ? -5.204  6.822   -0.260  1.00 0.23 ? 40  ARG A CB     1 
ATOM 611  C CG     . ARG B 2 40 ? -4.397  5.657   0.281   1.00 0.25 ? 40  ARG A CG     1 
ATOM 612  C CD     . ARG B 2 40 ? -4.064  5.939   1.729   1.00 0.48 ? 40  ARG A CD     1 
ATOM 613  N NE     . ARG B 2 40 ? -3.499  7.309   1.827   1.00 0.94 ? 40  ARG A NE     1 
ATOM 614  C CZ     . ARG B 2 40 ? -3.366  7.840   2.989   1.00 1.16 ? 40  ARG A CZ     1 
ATOM 615  N NH1    . ARG B 2 40 ? -3.652  7.124   4.024   1.00 1.64 ? 40  ARG A NH1    1 
ATOM 616  N NH2    . ARG B 2 40 ? -2.936  9.065   3.122   1.00 1.90 ? 40  ARG A NH2    1 
ATOM 617  H H      . ARG B 2 40 ? -3.357  6.979   -1.973  1.00 0.18 ? 40  ARG A H      1 
ATOM 618  H HA     . ARG B 2 40 ? -5.897  5.622   -1.874  1.00 0.21 ? 40  ARG A HA     1 
ATOM 619  H HB2    . ARG B 2 40 ? -4.653  7.742   -0.131  1.00 0.23 ? 40  ARG A HB2    1 
ATOM 620  H HB3    . ARG B 2 40 ? -6.146  6.887   0.264   1.00 0.26 ? 40  ARG A HB3    1 
ATOM 621  H HG2    . ARG B 2 40 ? -4.984  4.753   0.212   1.00 0.32 ? 40  ARG A HG2    1 
ATOM 622  H HG3    . ARG B 2 40 ? -3.487  5.547   -0.286  1.00 0.29 ? 40  ARG A HG3    1 
ATOM 623  H HD2    . ARG B 2 40 ? -4.957  5.874   2.329   1.00 1.07 ? 40  ARG A HD2    1 
ATOM 624  H HD3    . ARG B 2 40 ? -3.345  5.220   2.077   1.00 0.89 ? 40  ARG A HD3    1 
ATOM 625  H HE     . ARG B 2 40 ? -3.258  7.807   1.019   1.00 1.77 ? 40  ARG A HE     1 
ATOM 626  H HH11   . ARG B 2 40 ? -3.969  6.183   3.906   1.00 1.72 ? 40  ARG A HH11   1 
ATOM 627  H HH12   . ARG B 2 40 ? -3.560  7.499   4.934   1.00 2.37 ? 40  ARG A HH12   1 
ATOM 628  H HH21   . ARG B 2 40 ? -2.705  9.604   2.313   1.00 2.37 ? 40  ARG A HH21   1 
ATOM 629  H HH22   . ARG B 2 40 ? -2.840  9.465   4.034   1.00 2.31 ? 40  ARG A HH22   1 
ATOM 630  N N      . HIS B 2 41 ? -5.944  8.621   -2.981  1.00 0.00 ? 41  HIS A N      1 
ATOM 631  C CA     . HIS B 2 41 ? -6.854  9.687   -3.474  1.00 0.00 ? 41  HIS A CA     1 
ATOM 632  C C      . HIS B 2 41 ? -7.315  9.314   -4.876  1.00 0.00 ? 41  HIS A C      1 
ATOM 633  O O      . HIS B 2 41 ? -8.478  9.422   -5.213  1.00 0.00 ? 41  HIS A O      1 
ATOM 634  C CB     . HIS B 2 41 ? -6.100  11.016  -3.507  1.00 0.00 ? 41  HIS A CB     1 
ATOM 635  C CG     . HIS B 2 41 ? -6.029  11.587  -2.120  1.00 0.00 ? 41  HIS A CG     1 
ATOM 636  N ND1    . HIS B 2 41 ? -7.125  12.155  -1.486  1.00 0.00 ? 41  HIS A ND1    1 
ATOM 637  C CD2    . HIS B 2 41 ? -4.991  11.680  -1.233  1.00 0.00 ? 41  HIS A CD2    1 
ATOM 638  C CE1    . HIS B 2 41 ? -6.721  12.561  -0.267  1.00 0.00 ? 41  HIS A CE1    1 
ATOM 639  N NE2    . HIS B 2 41 ? -5.430  12.294  -0.066  1.00 0.00 ? 41  HIS A NE2    1 
ATOM 640  H H      . HIS B 2 41 ? -5.004  8.612   -3.260  1.00 0.00 ? 41  HIS A H      1 
ATOM 641  H HA     . HIS B 2 41 ? -7.710  9.770   -2.818  1.00 0.00 ? 41  HIS A HA     1 
ATOM 642  H HB2    . HIS B 2 41 ? -5.096  10.848  -3.870  1.00 0.00 ? 41  HIS A HB2    1 
ATOM 643  H HB3    . HIS B 2 41 ? -6.612  11.708  -4.157  1.00 0.00 ? 41  HIS A HB3    1 
ATOM 644  H HD2    . HIS B 2 41 ? -3.989  11.335  -1.420  1.00 0.00 ? 41  HIS A HD2    1 
ATOM 645  H HE1    . HIS B 2 41 ? -7.361  13.044  0.457   1.00 0.00 ? 41  HIS A HE1    1 
ATOM 646  H HE2    . HIS B 2 41 ? -4.902  12.487  0.737   1.00 0.00 ? 41  HIS A HE2    1 
ATOM 647  N N      . GLU B 2 42 ? -6.409  8.850   -5.687  1.00 0.23 ? 42  GLU A N      1 
ATOM 648  C CA     . GLU B 2 42 ? -6.775  8.435   -7.063  1.00 0.25 ? 42  GLU A CA     1 
ATOM 649  C C      . GLU B 2 42 ? -7.652  7.178   -6.987  1.00 0.23 ? 42  GLU A C      1 
ATOM 650  O O      . GLU B 2 42 ? -8.536  6.976   -7.795  1.00 0.25 ? 42  GLU A O      1 
ATOM 651  C CB     . GLU B 2 42 ? -5.496  8.157   -7.867  1.00 0.27 ? 42  GLU A CB     1 
ATOM 652  C CG     . GLU B 2 42 ? -5.659  8.680   -9.298  1.00 1.04 ? 42  GLU A CG     1 
ATOM 653  C CD     . GLU B 2 42 ? -4.381  8.410   -10.095 1.00 1.65 ? 42  GLU A CD     1 
ATOM 654  O OE1    . GLU B 2 42 ? -3.406  7.999   -9.490  1.00 2.12 ? 42  GLU A OE1    1 
ATOM 655  O OE2    . GLU B 2 42 ? -4.401  8.620   -11.296 1.00 2.35 ? 42  GLU A OE2    1 
ATOM 656  H H      . GLU B 2 42 ? -5.486  8.747   -5.378  1.00 0.23 ? 42  GLU A H      1 
ATOM 657  H HA     . GLU B 2 42 ? -7.335  9.231   -7.533  1.00 0.26 ? 42  GLU A HA     1 
ATOM 658  H HB2    . GLU B 2 42 ? -4.661  8.655   -7.396  1.00 0.86 ? 42  GLU A HB2    1 
ATOM 659  H HB3    . GLU B 2 42 ? -5.306  7.093   -7.896  1.00 0.86 ? 42  GLU A HB3    1 
ATOM 660  H HG2    . GLU B 2 42 ? -6.494  8.180   -9.771  1.00 1.80 ? 42  GLU A HG2    1 
ATOM 661  H HG3    . GLU B 2 42 ? -5.846  9.743   -9.271  1.00 1.67 ? 42  GLU A HG3    1 
ATOM 662  N N      . SER B 2 43 ? -7.410  6.333   -6.015  1.00 0.21 ? 43  SER A N      1 
ATOM 663  C CA     . SER B 2 43 ? -8.221  5.089   -5.871  1.00 0.21 ? 43  SER A CA     1 
ATOM 664  C C      . SER B 2 43 ? -9.299  5.296   -4.803  1.00 0.19 ? 43  SER A C      1 
ATOM 665  O O      . SER B 2 43 ? -10.372 4.729   -4.875  1.00 0.20 ? 43  SER A O      1 
ATOM 666  C CB     . SER B 2 43 ? -7.307  3.931   -5.459  1.00 0.21 ? 43  SER A CB     1 
ATOM 667  O OG     . SER B 2 43 ? -8.073  2.938   -4.790  1.00 1.34 ? 43  SER A OG     1 
ATOM 668  H H      . SER B 2 43 ? -6.701  6.526   -5.367  1.00 0.20 ? 43  SER A H      1 
ATOM 669  H HA     . SER B 2 43 ? -8.690  4.856   -6.815  1.00 0.23 ? 43  SER A HA     1 
ATOM 670  H HB2    . SER B 2 43 ? -6.853  3.498   -6.334  1.00 1.03 ? 43  SER A HB2    1 
ATOM 671  H HB3    . SER B 2 43 ? -6.531  4.302   -4.804  1.00 1.05 ? 43  SER A HB3    1 
ATOM 672  H HG     . SER B 2 43 ? -7.464  2.305   -4.403  1.00 1.78 ? 43  SER A HG     1 
ATOM 673  N N      . GLY B 2 44 ? -9.025  6.101   -3.810  1.00 0.19 ? 44  GLY A N      1 
ATOM 674  C CA     . GLY B 2 44 ? -10.037 6.338   -2.738  1.00 0.18 ? 44  GLY A CA     1 
ATOM 675  C C      . GLY B 2 44 ? -10.023 5.169   -1.750  1.00 0.17 ? 44  GLY A C      1 
ATOM 676  O O      . GLY B 2 44 ? -10.964 4.955   -1.011  1.00 0.17 ? 44  GLY A O      1 
ATOM 677  H H      . GLY B 2 44 ? -8.153  6.546   -3.767  1.00 0.21 ? 44  GLY A H      1 
ATOM 678  H HA2    . GLY B 2 44 ? -9.805  7.255   -2.217  1.00 0.18 ? 44  GLY A HA2    1 
ATOM 679  H HA3    . GLY B 2 44 ? -11.018 6.415   -3.182  1.00 0.19 ? 44  GLY A HA3    1 
ATOM 680  N N      . ALA B 2 45 ? -8.960  4.415   -1.724  1.00 0.17 ? 45  ALA A N      1 
ATOM 681  C CA     . ALA B 2 45 ? -8.882  3.266   -0.777  1.00 0.17 ? 45  ALA A CA     1 
ATOM 682  C C      . ALA B 2 45 ? -8.275  3.729   0.549   1.00 0.16 ? 45  ALA A C      1 
ATOM 683  O O      . ALA B 2 45 ? -7.674  4.781   0.637   1.00 0.16 ? 45  ALA A O      1 
ATOM 684  C CB     . ALA B 2 45 ? -8.010  2.156   -1.374  1.00 0.17 ? 45  ALA A CB     1 
ATOM 685  H H      . ALA B 2 45 ? -8.201  4.617   -2.314  1.00 0.17 ? 45  ALA A H      1 
ATOM 686  H HA     . ALA B 2 45 ? -9.875  2.883   -0.600  1.00 0.17 ? 45  ALA A HA     1 
ATOM 687  H HB1    . ALA B 2 45 ? -8.396  1.195   -1.066  1.00 1.02 ? 45  ALA A HB1    1 
ATOM 688  H HB2    . ALA B 2 45 ? -6.992  2.263   -1.024  1.00 1.03 ? 45  ALA A HB2    1 
ATOM 689  H HB3    . ALA B 2 45 ? -8.028  2.222   -2.451  1.00 1.03 ? 45  ALA A HB3    1 
ATOM 690  N N      . SER B 2 46 ? -8.397  2.924   1.569   1.00 0.16 ? 46  SER A N      1 
ATOM 691  C CA     . SER B 2 46 ? -7.797  3.281   2.884   1.00 0.16 ? 46  SER A CA     1 
ATOM 692  C C      . SER B 2 46 ? -6.583  2.378   3.100   1.00 0.15 ? 46  SER A C      1 
ATOM 693  O O      . SER B 2 46 ? -6.569  1.240   2.678   1.00 0.15 ? 46  SER A O      1 
ATOM 694  C CB     . SER B 2 46 ? -8.813  3.056   4.005   1.00 0.19 ? 46  SER A CB     1 
ATOM 695  O OG     . SER B 2 46 ? -10.064 3.616   3.628   1.00 1.21 ? 46  SER A OG     1 
ATOM 696  H H      . SER B 2 46 ? -8.850  2.063   1.447   1.00 0.17 ? 46  SER A H      1 
ATOM 697  H HA     . SER B 2 46 ? -7.484  4.316   2.876   1.00 0.16 ? 46  SER A HA     1 
ATOM 698  H HB2    . SER B 2 46 ? -8.933  1.999   4.175   1.00 0.82 ? 46  SER A HB2    1 
ATOM 699  H HB3    . SER B 2 46 ? -8.455  3.532   4.915   1.00 0.81 ? 46  SER A HB3    1 
ATOM 700  H HG     . SER B 2 46 ? -9.900  4.287   2.963   1.00 1.74 ? 46  SER A HG     1 
ATOM 701  N N      . ILE B 2 47 ? -5.570  2.866   3.751   1.00 0.14 ? 47  ILE A N      1 
ATOM 702  C CA     . ILE B 2 47 ? -4.370  2.005   3.980   1.00 0.13 ? 47  ILE A CA     1 
ATOM 703  C C      . ILE B 2 47 ? -3.813  2.241   5.378   1.00 0.13 ? 47  ILE A C      1 
ATOM 704  O O      . ILE B 2 47 ? -3.558  3.361   5.776   1.00 0.13 ? 47  ILE A O      1 
ATOM 705  C CB     . ILE B 2 47 ? -3.290  2.324   2.946   1.00 0.13 ? 47  ILE A CB     1 
ATOM 706  C CG1    . ILE B 2 47 ? -3.881  2.196   1.538   1.00 0.13 ? 47  ILE A CG1    1 
ATOM 707  C CG2    . ILE B 2 47 ? -2.129  1.339   3.100   1.00 0.16 ? 47  ILE A CG2    1 
ATOM 708  C CD1    . ILE B 2 47 ? -2.830  2.581   0.497   1.00 0.15 ? 47  ILE A CD1    1 
ATOM 709  H H      . ILE B 2 47 ? -5.603  3.789   4.098   1.00 0.14 ? 47  ILE A H      1 
ATOM 710  H HA     . ILE B 2 47 ? -4.651  0.966   3.887   1.00 0.14 ? 47  ILE A HA     1 
ATOM 711  H HB     . ILE B 2 47 ? -2.928  3.325   3.103   1.00 0.15 ? 47  ILE A HB     1 
ATOM 712  H HG12   . ILE B 2 47 ? -4.194  1.176   1.372   1.00 0.17 ? 47  ILE A HG12   1 
ATOM 713  H HG13   . ILE B 2 47 ? -4.731  2.852   1.444   1.00 0.15 ? 47  ILE A HG13   1 
ATOM 714  H HG21   . ILE B 2 47 ? -2.464  0.346   2.844   1.00 1.04 ? 47  ILE A HG21   1 
ATOM 715  H HG22   . ILE B 2 47 ? -1.781  1.351   4.122   1.00 1.02 ? 47  ILE A HG22   1 
ATOM 716  H HG23   . ILE B 2 47 ? -1.322  1.629   2.443   1.00 1.02 ? 47  ILE A HG23   1 
ATOM 717  H HD11   . ILE B 2 47 ? -2.559  3.619   0.625   1.00 1.04 ? 47  ILE A HD11   1 
ATOM 718  H HD12   . ILE B 2 47 ? -3.236  2.435   -0.493  1.00 1.01 ? 47  ILE A HD12   1 
ATOM 719  H HD13   . ILE B 2 47 ? -1.954  1.961   0.623   1.00 1.03 ? 47  ILE A HD13   1 
ATOM 720  N N      . LYS B 2 48 ? -3.606  1.190   6.119   1.00 0.14 ? 48  LYS A N      1 
ATOM 721  C CA     . LYS B 2 48 ? -3.041  1.330   7.490   1.00 0.14 ? 48  LYS A CA     1 
ATOM 722  C C      . LYS B 2 48 ? -1.775  0.484   7.569   1.00 0.14 ? 48  LYS A C      1 
ATOM 723  O O      . LYS B 2 48 ? -1.747  -0.646  7.123   1.00 0.14 ? 48  LYS A O      1 
ATOM 724  C CB     . LYS B 2 48 ? -4.057  0.851   8.529   1.00 0.16 ? 48  LYS A CB     1 
ATOM 725  C CG     . LYS B 2 48 ? -3.490  1.100   9.928   1.00 0.20 ? 48  LYS A CG     1 
ATOM 726  C CD     . LYS B 2 48 ? -4.576  0.869   10.995  1.00 0.25 ? 48  LYS A CD     1 
ATOM 727  C CE     . LYS B 2 48 ? -4.638  -0.594  11.442  1.00 1.16 ? 48  LYS A CE     1 
ATOM 728  N NZ     . LYS B 2 48 ? -4.991  -0.618  12.891  1.00 2.14 ? 48  LYS A NZ     1 
ATOM 729  H H      . LYS B 2 48 ? -3.815  0.298   5.769   1.00 0.14 ? 48  LYS A H      1 
ATOM 730  H HA     . LYS B 2 48 ? -2.791  2.364   7.678   1.00 0.14 ? 48  LYS A HA     1 
ATOM 731  H HB2    . LYS B 2 48 ? -4.978  1.399   8.405   1.00 0.17 ? 48  LYS A HB2    1 
ATOM 732  H HB3    . LYS B 2 48 ? -4.242  -0.203  8.397   1.00 0.22 ? 48  LYS A HB3    1 
ATOM 733  H HG2    . LYS B 2 48 ? -2.657  0.436   10.099  1.00 0.30 ? 48  LYS A HG2    1 
ATOM 734  H HG3    . LYS B 2 48 ? -3.144  2.121   9.991   1.00 0.27 ? 48  LYS A HG3    1 
ATOM 735  H HD2    . LYS B 2 48 ? -4.357  1.477   11.859  1.00 1.02 ? 48  LYS A HD2    1 
ATOM 736  H HD3    . LYS B 2 48 ? -5.537  1.157   10.593  1.00 1.06 ? 48  LYS A HD3    1 
ATOM 737  H HE2    . LYS B 2 48 ? -5.396  -1.116  10.877  1.00 1.73 ? 48  LYS A HE2    1 
ATOM 738  H HE3    . LYS B 2 48 ? -3.683  -1.073  11.299  1.00 1.75 ? 48  LYS A HE3    1 
ATOM 739  H HZ1    . LYS B 2 48 ? -5.414  -1.534  13.134  1.00 2.63 ? 48  LYS A HZ1    1 
ATOM 740  H HZ2    . LYS B 2 48 ? -5.670  0.146   13.092  1.00 2.63 ? 48  LYS A HZ2    1 
ATOM 741  H HZ3    . LYS B 2 48 ? -4.131  -0.473  13.459  1.00 2.61 ? 48  LYS A HZ3    1 
ATOM 742  N N      . ILE B 2 49 ? -0.718  1.025   8.112   1.00 0.14 ? 49  ILE A N      1 
ATOM 743  C CA     . ILE B 2 49 ? 0.558   0.258   8.197   1.00 0.14 ? 49  ILE A CA     1 
ATOM 744  C C      . ILE B 2 49 ? 0.935   0.040   9.659   1.00 0.14 ? 49  ILE A C      1 
ATOM 745  O O      . ILE B 2 49 ? 1.098   0.978   10.413  1.00 0.15 ? 49  ILE A O      1 
ATOM 746  C CB     . ILE B 2 49 ? 1.654   1.069   7.506   1.00 0.15 ? 49  ILE A CB     1 
ATOM 747  C CG1    . ILE B 2 49 ? 1.217   1.365   6.070   1.00 0.14 ? 49  ILE A CG1    1 
ATOM 748  C CG2    . ILE B 2 49 ? 2.962   0.274   7.495   1.00 0.19 ? 49  ILE A CG2    1 
ATOM 749  C CD1    . ILE B 2 49 ? 2.209   2.322   5.405   1.00 0.18 ? 49  ILE A CD1    1 
ATOM 750  H H      . ILE B 2 49 ? -0.753  1.942   8.456   1.00 0.14 ? 49  ILE A H      1 
ATOM 751  H HA     . ILE B 2 49 ? 0.452   -0.697  7.704   1.00 0.14 ? 49  ILE A HA     1 
ATOM 752  H HB     . ILE B 2 49 ? 1.802   1.997   8.037   1.00 0.15 ? 49  ILE A HB     1 
ATOM 753  H HG12   . ILE B 2 49 ? 1.176   0.444   5.512   1.00 0.19 ? 49  ILE A HG12   1 
ATOM 754  H HG13   . ILE B 2 49 ? 0.237   1.820   6.081   1.00 0.14 ? 49  ILE A HG13   1 
ATOM 755  H HG21   . ILE B 2 49 ? 2.748   -0.769  7.337   1.00 1.03 ? 49  ILE A HG21   1 
ATOM 756  H HG22   . ILE B 2 49 ? 3.467   0.399   8.441   1.00 1.01 ? 49  ILE A HG22   1 
ATOM 757  H HG23   . ILE B 2 49 ? 3.596   0.635   6.699   1.00 1.02 ? 49  ILE A HG23   1 
ATOM 758  H HD11   . ILE B 2 49 ? 1.843   3.330   5.500   1.00 1.00 ? 49  ILE A HD11   1 
ATOM 759  H HD12   . ILE B 2 49 ? 2.304   2.071   4.359   1.00 1.03 ? 49  ILE A HD12   1 
ATOM 760  H HD13   . ILE B 2 49 ? 3.174   2.240   5.883   1.00 1.07 ? 49  ILE A HD13   1 
ATOM 761  N N      . ASP B 2 50 ? 1.097   -1.187  10.063  1.00 0.14 ? 50  ASP A N      1 
ATOM 762  C CA     . ASP B 2 50 ? 1.487   -1.450  11.474  1.00 0.15 ? 50  ASP A CA     1 
ATOM 763  C C      . ASP B 2 50 ? 2.843   -0.793  11.719  1.00 0.15 ? 50  ASP A C      1 
ATOM 764  O O      . ASP B 2 50 ? 3.566   -0.477  10.794  1.00 0.15 ? 50  ASP A O      1 
ATOM 765  C CB     . ASP B 2 50 ? 1.591   -2.973  11.699  1.00 0.17 ? 50  ASP A CB     1 
ATOM 766  C CG     . ASP B 2 50 ? 0.442   -3.492  12.575  1.00 1.23 ? 50  ASP A CG     1 
ATOM 767  O OD1    . ASP B 2 50 ? -0.436  -2.716  12.909  1.00 2.00 ? 50  ASP A OD1    1 
ATOM 768  O OD2    . ASP B 2 50 ? 0.464   -4.669  12.897  1.00 1.70 ? 50  ASP A OD2    1 
ATOM 769  H H      . ASP B 2 50 ? 0.975   -1.939  9.445   1.00 0.14 ? 50  ASP A H      1 
ATOM 770  H HA     . ASP B 2 50 ? 0.756   -1.021  12.139  1.00 0.16 ? 50  ASP A HA     1 
ATOM 771  H HB2    . ASP B 2 50 ? 1.544   -3.464  10.746  1.00 0.90 ? 50  ASP A HB2    1 
ATOM 772  H HB3    . ASP B 2 50 ? 2.534   -3.212  12.173  1.00 0.93 ? 50  ASP A HB3    1 
ATOM 773  N N      . GLU B 2 51 ? 3.198   -0.587  12.951  1.00 0.17 ? 51  GLU A N      1 
ATOM 774  C CA     . GLU B 2 51 ? 4.509   0.048   13.230  1.00 0.19 ? 51  GLU A CA     1 
ATOM 775  C C      . GLU B 2 51 ? 5.598   -0.758  12.505  1.00 0.19 ? 51  GLU A C      1 
ATOM 776  O O      . GLU B 2 51 ? 5.531   -1.969  12.444  1.00 0.28 ? 51  GLU A O      1 
ATOM 777  C CB     . GLU B 2 51 ? 4.760   0.053   14.737  1.00 0.22 ? 51  GLU A CB     1 
ATOM 778  C CG     . GLU B 2 51 ? 3.655   0.865   15.418  1.00 0.30 ? 51  GLU A CG     1 
ATOM 779  C CD     . GLU B 2 51 ? 4.110   1.287   16.814  1.00 1.42 ? 51  GLU A CD     1 
ATOM 780  O OE1    . GLU B 2 51 ? 5.131   0.790   17.258  1.00 2.15 ? 51  GLU A OE1    1 
ATOM 781  O OE2    . GLU B 2 51 ? 3.428   2.101   17.417  1.00 2.05 ? 51  GLU A OE2    1 
ATOM 782  H H      . GLU B 2 51 ? 2.601   -0.849  13.682  1.00 0.17 ? 51  GLU A H      1 
ATOM 783  H HA     . GLU B 2 51 ? 4.490   1.062   12.862  1.00 0.21 ? 51  GLU A HA     1 
ATOM 784  H HB2    . GLU B 2 51 ? 4.747   -0.962  15.108  1.00 0.25 ? 51  GLU A HB2    1 
ATOM 785  H HB3    . GLU B 2 51 ? 5.717   0.505   14.944  1.00 0.29 ? 51  GLU A HB3    1 
ATOM 786  H HG2    . GLU B 2 51 ? 3.441   1.744   14.827  1.00 1.04 ? 51  GLU A HG2    1 
ATOM 787  H HG3    . GLU B 2 51 ? 2.763   0.262   15.497  1.00 0.97 ? 51  GLU A HG3    1 
ATOM 788  N N      . PRO B 2 52 ? 6.577   -0.100  11.932  1.00 0.24 ? 52  PRO A N      1 
ATOM 789  C CA     . PRO B 2 52 ? 7.657   -0.793  11.179  1.00 0.24 ? 52  PRO A CA     1 
ATOM 790  C C      . PRO B 2 52 ? 8.247   -1.975  11.951  1.00 0.23 ? 52  PRO A C      1 
ATOM 791  O O      . PRO B 2 52 ? 8.442   -1.920  13.148  1.00 0.24 ? 52  PRO A O      1 
ATOM 792  C CB     . PRO B 2 52 ? 8.734   0.283   10.941  1.00 0.27 ? 52  PRO A CB     1 
ATOM 793  C CG     . PRO B 2 52 ? 8.167   1.598   11.403  1.00 0.67 ? 52  PRO A CG     1 
ATOM 794  C CD     . PRO B 2 52 ? 6.752   1.358   11.941  1.00 0.41 ? 52  PRO A CD     1 
ATOM 795  H HA     . PRO B 2 52 ? 7.275   -1.137  10.231  1.00 0.24 ? 52  PRO A HA     1 
ATOM 796  H HB2    . PRO B 2 52 ? 9.628   0.047   11.505  1.00 0.43 ? 52  PRO A HB2    1 
ATOM 797  H HB3    . PRO B 2 52 ? 8.973   0.336   9.889   1.00 0.41 ? 52  PRO A HB3    1 
ATOM 798  H HG2    . PRO B 2 52 ? 8.789   2.011   12.187  1.00 1.02 ? 52  PRO A HG2    1 
ATOM 799  H HG3    . PRO B 2 52 ? 8.122   2.293   10.576  1.00 1.00 ? 52  PRO A HG3    1 
ATOM 800  H HD2    . PRO B 2 52 ? 6.664   1.741   12.948  1.00 0.45 ? 52  PRO A HD2    1 
ATOM 801  H HD3    . PRO B 2 52 ? 6.020   1.821   11.297  1.00 0.44 ? 52  PRO A HD3    1 
ATOM 802  N N      . LEU B 2 53 ? 8.522   -3.050  11.264  1.00 0.24 ? 53  LEU A N      1 
ATOM 803  C CA     . LEU B 2 53 ? 9.089   -4.242  11.945  1.00 0.25 ? 53  LEU A CA     1 
ATOM 804  C C      . LEU B 2 53 ? 10.613  -4.132  11.999  1.00 0.25 ? 53  LEU A C      1 
ATOM 805  O O      . LEU B 2 53 ? 11.265  -3.778  11.036  1.00 0.26 ? 53  LEU A O      1 
ATOM 806  C CB     . LEU B 2 53 ? 8.695   -5.504  11.178  1.00 0.28 ? 53  LEU A CB     1 
ATOM 807  C CG     . LEU B 2 53 ? 7.181   -5.520  10.964  1.00 0.31 ? 53  LEU A CG     1 
ATOM 808  C CD1    . LEU B 2 53 ? 6.775   -6.847  10.320  1.00 1.27 ? 53  LEU A CD1    1 
ATOM 809  C CD2    . LEU B 2 53 ? 6.468   -5.370  12.312  1.00 1.22 ? 53  LEU A CD2    1 
ATOM 810  H H      . LEU B 2 53 ? 8.339   -3.072  10.301  1.00 0.24 ? 53  LEU A H      1 
ATOM 811  H HA     . LEU B 2 53 ? 8.701   -4.299  12.951  1.00 0.26 ? 53  LEU A HA     1 
ATOM 812  H HB2    . LEU B 2 53 ? 9.194   -5.514  10.221  1.00 0.35 ? 53  LEU A HB2    1 
ATOM 813  H HB3    . LEU B 2 53 ? 8.984   -6.375  11.746  1.00 0.38 ? 53  LEU A HB3    1 
ATOM 814  H HG     . LEU B 2 53 ? 6.901   -4.705  10.313  1.00 1.21 ? 53  LEU A HG     1 
ATOM 815  H HD11   . LEU B 2 53 ? 7.189   -7.665  10.892  1.00 1.86 ? 53  LEU A HD11   1 
ATOM 816  H HD12   . LEU B 2 53 ? 7.152   -6.886  9.309   1.00 1.89 ? 53  LEU A HD12   1 
ATOM 817  H HD13   . LEU B 2 53 ? 5.700   -6.926  10.308  1.00 1.87 ? 53  LEU A HD13   1 
ATOM 818  H HD21   . LEU B 2 53 ? 5.453   -5.721  12.224  1.00 1.83 ? 53  LEU A HD21   1 
ATOM 819  H HD22   . LEU B 2 53 ? 6.463   -4.329  12.603  1.00 1.79 ? 53  LEU A HD22   1 
ATOM 820  H HD23   . LEU B 2 53 ? 6.986   -5.951  13.060  1.00 1.84 ? 53  LEU A HD23   1 
ATOM 821  N N      . GLU B 2 54 ? 11.172  -4.453  13.127  1.00 0.26 ? 54  GLU A N      1 
ATOM 822  C CA     . GLU B 2 54 ? 12.652  -4.400  13.291  1.00 0.26 ? 54  GLU A CA     1 
ATOM 823  C C      . GLU B 2 54 ? 13.181  -5.830  13.325  1.00 0.26 ? 54  GLU A C      1 
ATOM 824  O O      . GLU B 2 54 ? 12.543  -6.714  13.862  1.00 0.26 ? 54  GLU A O      1 
ATOM 825  C CB     . GLU B 2 54 ? 12.969  -3.675  14.594  1.00 0.29 ? 54  GLU A CB     1 
ATOM 826  C CG     . GLU B 2 54 ? 12.412  -2.254  14.502  1.00 0.30 ? 54  GLU A CG     1 
ATOM 827  C CD     . GLU B 2 54 ? 12.597  -1.536  15.838  1.00 1.42 ? 54  GLU A CD     1 
ATOM 828  O OE1    . GLU B 2 54 ? 12.997  -2.189  16.787  1.00 2.20 ? 54  GLU A OE1    1 
ATOM 829  O OE2    . GLU B 2 54 ? 12.326  -0.348  15.890  1.00 1.69 ? 54  GLU A OE2    1 
ATOM 830  H H      . GLU B 2 54 ? 10.602  -4.751  13.865  1.00 0.26 ? 54  GLU A H      1 
ATOM 831  H HA     . GLU B 2 54 ? 13.094  -3.869  12.459  1.00 0.27 ? 54  GLU A HA     1 
ATOM 832  H HB2    . GLU B 2 54 ? 12.507  -4.197  15.420  1.00 0.29 ? 54  GLU A HB2    1 
ATOM 833  H HB3    . GLU B 2 54 ? 14.038  -3.635  14.738  1.00 0.29 ? 54  GLU A HB3    1 
ATOM 834  H HG2    . GLU B 2 54 ? 12.939  -1.714  13.729  1.00 0.99 ? 54  GLU A HG2    1 
ATOM 835  H HG3    . GLU B 2 54 ? 11.361  -2.294  14.257  1.00 1.01 ? 54  GLU A HG3    1 
ATOM 836  N N      . GLY B 2 55 ? 14.318  -6.093  12.743  1.00 0.26 ? 55  GLY A N      1 
ATOM 837  C CA     . GLY B 2 55 ? 14.827  -7.489  12.748  1.00 0.27 ? 55  GLY A CA     1 
ATOM 838  C C      . GLY B 2 55 ? 14.166  -8.229  11.592  1.00 0.26 ? 55  GLY A C      1 
ATOM 839  O O      . GLY B 2 55 ? 14.349  -9.416  11.404  1.00 0.27 ? 55  GLY A O      1 
ATOM 840  H H      . GLY B 2 55 ? 14.849  -5.401  12.292  1.00 0.27 ? 55  GLY A H      1 
ATOM 841  H HA2    . GLY B 2 55 ? 15.902  -7.488  12.619  1.00 0.29 ? 55  GLY A HA2    1 
ATOM 842  H HA3    . GLY B 2 55 ? 14.570  -7.972  13.678  1.00 0.28 ? 55  GLY A HA3    1 
ATOM 843  N N      . SER B 2 56 ? 13.399  -7.520  10.805  1.00 0.26 ? 56  SER A N      1 
ATOM 844  C CA     . SER B 2 56 ? 12.716  -8.139  9.641   1.00 0.27 ? 56  SER A CA     1 
ATOM 845  C C      . SER B 2 56 ? 12.833  -7.180  8.449   1.00 0.27 ? 56  SER A C      1 
ATOM 846  O O      . SER B 2 56 ? 12.896  -5.978  8.617   1.00 0.34 ? 56  SER A O      1 
ATOM 847  C CB     . SER B 2 56 ? 11.241  -8.372  9.986   1.00 0.28 ? 56  SER A CB     1 
ATOM 848  O OG     . SER B 2 56 ? 10.789  -9.554  9.338   1.00 1.09 ? 56  SER A OG     1 
ATOM 849  H H      . SER B 2 56 ? 13.284  -6.562  10.968  1.00 0.26 ? 56  SER A H      1 
ATOM 850  H HA     . SER B 2 56 ? 13.188  -9.081  9.399   1.00 0.30 ? 56  SER A HA     1 
ATOM 851  H HB2    . SER B 2 56 ? 11.134  -8.490  11.051  1.00 0.88 ? 56  SER A HB2    1 
ATOM 852  H HB3    . SER B 2 56 ? 10.652  -7.524  9.661   1.00 0.82 ? 56  SER A HB3    1 
ATOM 853  H HG     . SER B 2 56 ? 9.878   -9.417  9.071   1.00 1.62 ? 56  SER A HG     1 
ATOM 854  N N      . GLU B 2 57 ? 12.870  -7.695  7.251   1.00 0.26 ? 57  GLU A N      1 
ATOM 855  C CA     . GLU B 2 57 ? 12.988  -6.807  6.052   1.00 0.27 ? 57  GLU A CA     1 
ATOM 856  C C      . GLU B 2 57 ? 11.637  -6.739  5.336   1.00 0.25 ? 57  GLU A C      1 
ATOM 857  O O      . GLU B 2 57 ? 11.560  -6.737  4.125   1.00 0.33 ? 57  GLU A O      1 
ATOM 858  C CB     . GLU B 2 57 ? 14.054  -7.374  5.113   1.00 0.31 ? 57  GLU A CB     1 
ATOM 859  C CG     . GLU B 2 57 ? 15.399  -7.397  5.842   1.00 0.34 ? 57  GLU A CG     1 
ATOM 860  C CD     . GLU B 2 57 ? 16.491  -7.896  4.894   1.00 1.31 ? 57  GLU A CD     1 
ATOM 861  O OE1    . GLU B 2 57 ? 16.150  -8.337  3.809   1.00 2.02 ? 57  GLU A OE1    1 
ATOM 862  O OE2    . GLU B 2 57 ? 17.650  -7.828  5.271   1.00 1.58 ? 57  GLU A OE2    1 
ATOM 863  H H      . GLU B 2 57 ? 12.816  -8.667  7.141   1.00 0.30 ? 57  GLU A H      1 
ATOM 864  H HA     . GLU B 2 57 ? 13.278  -5.811  6.365   1.00 0.28 ? 57  GLU A HA     1 
ATOM 865  H HB2    . GLU B 2 57 ? 13.782  -8.379  4.821   1.00 0.31 ? 57  GLU A HB2    1 
ATOM 866  H HB3    . GLU B 2 57 ? 14.132  -6.751  4.235   1.00 0.32 ? 57  GLU A HB3    1 
ATOM 867  H HG2    . GLU B 2 57 ? 15.642  -6.400  6.180   1.00 0.92 ? 57  GLU A HG2    1 
ATOM 868  H HG3    . GLU B 2 57 ? 15.336  -8.059  6.694   1.00 0.92 ? 57  GLU A HG3    1 
ATOM 869  N N      . ASP B 2 58 ? 10.582  -6.667  6.097   1.00 0.19 ? 58  ASP A N      1 
ATOM 870  C CA     . ASP B 2 58 ? 9.221   -6.590  5.488   1.00 0.17 ? 58  ASP A CA     1 
ATOM 871  C C      . ASP B 2 58 ? 8.289   -5.754  6.364   1.00 0.16 ? 58  ASP A C      1 
ATOM 872  O O      . ASP B 2 58 ? 8.279   -5.881  7.572   1.00 0.16 ? 58  ASP A O      1 
ATOM 873  C CB     . ASP B 2 58 ? 8.631   -8.000  5.363   1.00 0.18 ? 58  ASP A CB     1 
ATOM 874  C CG     . ASP B 2 58 ? 9.463   -8.842  4.394   1.00 0.24 ? 58  ASP A CG     1 
ATOM 875  O OD1    . ASP B 2 58 ? 10.016  -8.275  3.468   1.00 1.00 ? 58  ASP A OD1    1 
ATOM 876  O OD2    . ASP B 2 58 ? 9.529   -10.044 4.593   1.00 1.02 ? 58  ASP A OD2    1 
ATOM 877  H H      . ASP B 2 58 ? 10.716  -6.653  7.067   1.00 0.21 ? 58  ASP A H      1 
ATOM 878  H HA     . ASP B 2 58 ? 9.291   -6.144  4.508   1.00 0.17 ? 58  ASP A HA     1 
ATOM 879  H HB2    . ASP B 2 58 ? 8.624   -8.473  6.334   1.00 0.20 ? 58  ASP A HB2    1 
ATOM 880  H HB3    . ASP B 2 58 ? 7.619   -7.930  4.994   1.00 0.21 ? 58  ASP A HB3    1 
ATOM 881  N N      . ARG B 2 59 ? 7.485   -4.921  5.761   1.00 0.15 ? 59  ARG A N      1 
ATOM 882  C CA     . ARG B 2 59 ? 6.524   -4.102  6.553   1.00 0.15 ? 59  ARG A CA     1 
ATOM 883  C C      . ARG B 2 59 ? 5.124   -4.660  6.320   1.00 0.14 ? 59  ARG A C      1 
ATOM 884  O O      . ARG B 2 59 ? 4.883   -5.362  5.361   1.00 0.16 ? 59  ARG A O      1 
ATOM 885  C CB     . ARG B 2 59 ? 6.569   -2.635  6.112   1.00 0.16 ? 59  ARG A CB     1 
ATOM 886  C CG     . ARG B 2 59 ? 7.912   -2.017  6.506   1.00 0.18 ? 59  ARG A CG     1 
ATOM 887  C CD     . ARG B 2 59 ? 7.793   -0.490  6.496   1.00 0.34 ? 59  ARG A CD     1 
ATOM 888  N NE     . ARG B 2 59 ? 9.129   0.109   6.778   1.00 0.29 ? 59  ARG A NE     1 
ATOM 889  C CZ     . ARG B 2 59 ? 9.324   1.390   6.609   1.00 0.49 ? 59  ARG A CZ     1 
ATOM 890  N NH1    . ARG B 2 59 ? 8.345   2.153   6.207   1.00 1.01 ? 59  ARG A NH1    1 
ATOM 891  N NH2    . ARG B 2 59 ? 10.497  1.907   6.849   1.00 0.55 ? 59  ARG A NH2    1 
ATOM 892  H H      . ARG B 2 59 ? 7.494   -4.840  4.781   1.00 0.16 ? 59  ARG A H      1 
ATOM 893  H HA     . ARG B 2 59 ? 6.766   -4.170  7.605   1.00 0.15 ? 59  ARG A HA     1 
ATOM 894  H HB2    . ARG B 2 59 ? 6.448   -2.579  5.040   1.00 0.17 ? 59  ARG A HB2    1 
ATOM 895  H HB3    . ARG B 2 59 ? 5.770   -2.091  6.592   1.00 0.17 ? 59  ARG A HB3    1 
ATOM 896  H HG2    . ARG B 2 59 ? 8.186   -2.351  7.496   1.00 0.26 ? 59  ARG A HG2    1 
ATOM 897  H HG3    . ARG B 2 59 ? 8.670   -2.321  5.800   1.00 0.22 ? 59  ARG A HG3    1 
ATOM 898  H HD2    . ARG B 2 59 ? 7.448   -0.158  5.531   1.00 0.46 ? 59  ARG A HD2    1 
ATOM 899  H HD3    . ARG B 2 59 ? 7.083   -0.182  7.253   1.00 0.52 ? 59  ARG A HD3    1 
ATOM 900  H HE     . ARG B 2 59 ? 9.864   -0.460  7.087   1.00 0.65 ? 59  ARG A HE     1 
ATOM 901  H HH11   . ARG B 2 59 ? 7.444   1.759   6.029   1.00 0.99 ? 59  ARG A HH11   1 
ATOM 902  H HH12   . ARG B 2 59 ? 8.496   3.134   6.081   1.00 1.45 ? 59  ARG A HH12   1 
ATOM 903  H HH21   . ARG B 2 59 ? 11.246  1.325   7.162   1.00 0.36 ? 59  ARG A HH21   1 
ATOM 904  H HH22   . ARG B 2 59 ? 10.647  2.888   6.721   1.00 0.97 ? 59  ARG A HH22   1 
ATOM 905  N N      . ILE B 2 60 ? 4.204   -4.372  7.193   1.00 0.11 ? 60  ILE A N      1 
ATOM 906  C CA     . ILE B 2 60 ? 2.823   -4.908  7.023   1.00 0.11 ? 60  ILE A CA     1 
ATOM 907  C C      . ILE B 2 60 ? 1.886   -3.799  6.565   1.00 0.10 ? 60  ILE A C      1 
ATOM 908  O O      . ILE B 2 60 ? 1.735   -2.790  7.221   1.00 0.11 ? 60  ILE A O      1 
ATOM 909  C CB     . ILE B 2 60 ? 2.336   -5.443  8.360   1.00 0.12 ? 60  ILE A CB     1 
ATOM 910  C CG1    . ILE B 2 60 ? 3.286   -6.534  8.842   1.00 0.13 ? 60  ILE A CG1    1 
ATOM 911  C CG2    . ILE B 2 60 ? 0.922   -6.014  8.213   1.00 0.12 ? 60  ILE A CG2    1 
ATOM 912  C CD1    . ILE B 2 60 ? 3.068   -6.767  10.334  1.00 0.16 ? 60  ILE A CD1    1 
ATOM 913  H H      . ILE B 2 60 ? 4.426   -3.809  7.964   1.00 0.11 ? 60  ILE A H      1 
ATOM 914  H HA     . ILE B 2 60 ? 2.824   -5.707  6.296   1.00 0.11 ? 60  ILE A HA     1 
ATOM 915  H HB     . ILE B 2 60 ? 2.324   -4.641  9.073   1.00 0.12 ? 60  ILE A HB     1 
ATOM 916  H HG12   . ILE B 2 60 ? 3.092   -7.448  8.298   1.00 0.14 ? 60  ILE A HG12   1 
ATOM 917  H HG13   . ILE B 2 60 ? 4.304   -6.222  8.671   1.00 0.15 ? 60  ILE A HG13   1 
ATOM 918  H HG21   . ILE B 2 60 ? 0.199   -5.223  8.351   1.00 1.02 ? 60  ILE A HG21   1 
ATOM 919  H HG22   . ILE B 2 60 ? 0.762   -6.780  8.958   1.00 1.02 ? 60  ILE A HG22   1 
ATOM 920  H HG23   . ILE B 2 60 ? 0.804   -6.439  7.228   1.00 1.02 ? 60  ILE A HG23   1 
ATOM 921  H HD11   . ILE B 2 60 ? 2.022   -6.638  10.572  1.00 1.02 ? 60  ILE A HD11   1 
ATOM 922  H HD12   . ILE B 2 60 ? 3.654   -6.052  10.895  1.00 1.04 ? 60  ILE A HD12   1 
ATOM 923  H HD13   . ILE B 2 60 ? 3.375   -7.769  10.591  1.00 1.01 ? 60  ILE A HD13   1 
ATOM 924  N N      . ILE B 2 61 ? 1.222   -3.997  5.460   1.00 0.10 ? 61  ILE A N      1 
ATOM 925  C CA     . ILE B 2 61 ? 0.256   -2.975  4.973   1.00 0.10 ? 61  ILE A CA     1 
ATOM 926  C C      . ILE B 2 61 ? -1.144  -3.564  5.064   1.00 0.11 ? 61  ILE A C      1 
ATOM 927  O O      . ILE B 2 61 ? -1.394  -4.652  4.584   1.00 0.11 ? 61  ILE A O      1 
ATOM 928  C CB     . ILE B 2 61 ? 0.545   -2.630  3.509   1.00 0.11 ? 61  ILE A CB     1 
ATOM 929  C CG1    . ILE B 2 61 ? 1.908   -1.934  3.394   1.00 0.11 ? 61  ILE A CG1    1 
ATOM 930  C CG2    . ILE B 2 61 ? -0.569  -1.720  2.974   1.00 0.13 ? 61  ILE A CG2    1 
ATOM 931  C CD1    . ILE B 2 61 ? 2.244   -1.662  1.920   1.00 0.12 ? 61  ILE A CD1    1 
ATOM 932  H H      . ILE B 2 61 ? 1.318   -4.833  4.962   1.00 0.10 ? 61  ILE A H      1 
ATOM 933  H HA     . ILE B 2 61 ? 0.317   -2.082  5.579   1.00 0.11 ? 61  ILE A HA     1 
ATOM 934  H HB     . ILE B 2 61 ? 0.560   -3.543  2.930   1.00 0.13 ? 61  ILE A HB     1 
ATOM 935  H HG12   . ILE B 2 61 ? 1.879   -1.000  3.931   1.00 0.11 ? 61  ILE A HG12   1 
ATOM 936  H HG13   . ILE B 2 61 ? 2.670   -2.568  3.823   1.00 0.12 ? 61  ILE A HG13   1 
ATOM 937  H HG21   . ILE B 2 61 ? -0.988  -1.140  3.784   1.00 1.03 ? 61  ILE A HG21   1 
ATOM 938  H HG22   . ILE B 2 61 ? -1.344  -2.330  2.530   1.00 1.02 ? 61  ILE A HG22   1 
ATOM 939  H HG23   . ILE B 2 61 ? -0.169  -1.052  2.226   1.00 1.03 ? 61  ILE A HG23   1 
ATOM 940  H HD11   . ILE B 2 61 ? 2.744   -0.708  1.837   1.00 1.02 ? 61  ILE A HD11   1 
ATOM 941  H HD12   . ILE B 2 61 ? 1.338   -1.640  1.330   1.00 1.03 ? 61  ILE A HD12   1 
ATOM 942  H HD13   . ILE B 2 61 ? 2.891   -2.440  1.548   1.00 1.02 ? 61  ILE A HD13   1 
ATOM 943  N N      . THR B 2 62 ? -2.074  -2.858  5.649   1.00 0.11 ? 62  THR A N      1 
ATOM 944  C CA     . THR B 2 62 ? -3.463  -3.375  5.738   1.00 0.12 ? 62  THR A CA     1 
ATOM 945  C C      . THR B 2 62 ? -4.345  -2.515  4.843   1.00 0.11 ? 62  THR A C      1 
ATOM 946  O O      . THR B 2 62 ? -4.334  -1.304  4.939   1.00 0.11 ? 62  THR A O      1 
ATOM 947  C CB     . THR B 2 62 ? -3.955  -3.281  7.184   1.00 0.12 ? 62  THR A CB     1 
ATOM 948  O OG1    . THR B 2 62 ? -3.116  -4.065  8.021   1.00 0.13 ? 62  THR A OG1    1 
ATOM 949  C CG2    . THR B 2 62 ? -5.394  -3.788  7.272   1.00 0.15 ? 62  THR A CG2    1 
ATOM 950  H H      . THR B 2 62 ? -1.866  -1.974  6.008   1.00 0.10 ? 62  THR A H      1 
ATOM 951  H HA     . THR B 2 62 ? -3.501  -4.401  5.408   1.00 0.13 ? 62  THR A HA     1 
ATOM 952  H HB     . THR B 2 62 ? -3.921  -2.254  7.507   1.00 0.14 ? 62  THR A HB     1 
ATOM 953  H HG1    . THR B 2 62 ? -2.208  -3.923  7.748   1.00 0.81 ? 62  THR A HG1    1 
ATOM 954  H HG21   . THR B 2 62 ? -5.614  -4.076  8.289   1.00 1.01 ? 62  THR A HG21   1 
ATOM 955  H HG22   . THR B 2 62 ? -5.515  -4.643  6.622   1.00 1.03 ? 62  THR A HG22   1 
ATOM 956  H HG23   . THR B 2 62 ? -6.071  -3.005  6.966   1.00 1.04 ? 62  THR A HG23   1 
ATOM 957  N N      . ILE B 2 63 ? -5.101  -3.116  3.967   1.00 0.12 ? 63  ILE A N      1 
ATOM 958  C CA     . ILE B 2 63 ? -5.971  -2.316  3.062   1.00 0.13 ? 63  ILE A CA     1 
ATOM 959  C C      . ILE B 2 63 ? -7.427  -2.517  3.473   1.00 0.14 ? 63  ILE A C      1 
ATOM 960  O O      . ILE B 2 63 ? -7.829  -3.595  3.864   1.00 0.16 ? 63  ILE A O      1 
ATOM 961  C CB     . ILE B 2 63 ? -5.772  -2.775  1.617   1.00 0.15 ? 63  ILE A CB     1 
ATOM 962  C CG1    . ILE B 2 63 ? -4.273  -2.821  1.299   1.00 0.18 ? 63  ILE A CG1    1 
ATOM 963  C CG2    . ILE B 2 63 ? -6.449  -1.776  0.677   1.00 0.15 ? 63  ILE A CG2    1 
ATOM 964  C CD1    . ILE B 2 63 ? -4.048  -3.318  -0.137  1.00 0.20 ? 63  ILE A CD1    1 
ATOM 965  H H      . ILE B 2 63 ? -5.094  -4.092  3.887   1.00 0.13 ? 63  ILE A H      1 
ATOM 966  H HA     . ILE B 2 63 ? -5.720  -1.269  3.140   1.00 0.13 ? 63  ILE A HA     1 
ATOM 967  H HB     . ILE B 2 63 ? -6.207  -3.757  1.482   1.00 0.16 ? 63  ILE A HB     1 
ATOM 968  H HG12   . ILE B 2 63 ? -3.854  -1.831  1.405   1.00 0.19 ? 63  ILE A HG12   1 
ATOM 969  H HG13   . ILE B 2 63 ? -3.781  -3.492  1.988   1.00 0.20 ? 63  ILE A HG13   1 
ATOM 970  H HG21   . ILE B 2 63 ? -7.484  -1.660  0.959   1.00 1.02 ? 63  ILE A HG21   1 
ATOM 971  H HG22   . ILE B 2 63 ? -6.391  -2.141  -0.338  1.00 1.04 ? 63  ILE A HG22   1 
ATOM 972  H HG23   . ILE B 2 63 ? -5.948  -0.821  0.746   1.00 1.03 ? 63  ILE A HG23   1 
ATOM 973  H HD11   . ILE B 2 63 ? -3.621  -4.309  -0.108  1.00 1.06 ? 63  ILE A HD11   1 
ATOM 974  H HD12   . ILE B 2 63 ? -3.367  -2.650  -0.643  1.00 1.04 ? 63  ILE A HD12   1 
ATOM 975  H HD13   . ILE B 2 63 ? -4.986  -3.346  -0.672  1.00 1.00 ? 63  ILE A HD13   1 
ATOM 976  N N      . THR B 2 64 ? -8.220  -1.489  3.382   1.00 0.14 ? 64  THR A N      1 
ATOM 977  C CA     . THR B 2 64 ? -9.653  -1.621  3.760   1.00 0.15 ? 64  THR A CA     1 
ATOM 978  C C      . THR B 2 64 ? -10.506 -0.737  2.852   1.00 0.16 ? 64  THR A C      1 
ATOM 979  O O      . THR B 2 64 ? -10.390 0.473   2.858   1.00 0.17 ? 64  THR A O      1 
ATOM 980  C CB     . THR B 2 64 ? -9.839  -1.182  5.216   1.00 0.18 ? 64  THR A CB     1 
ATOM 981  O OG1    . THR B 2 64 ? -8.935  -1.902  6.043   1.00 0.22 ? 64  THR A OG1    1 
ATOM 982  C CG2    . THR B 2 64 ? -11.276 -1.467  5.663   1.00 0.19 ? 64  THR A CG2    1 
ATOM 983  H H      . THR B 2 64 ? -7.862  -0.644  3.044   1.00 0.14 ? 64  THR A H      1 
ATOM 984  H HA     . THR B 2 64 ? -9.960  -2.657  3.654   1.00 0.16 ? 64  THR A HA     1 
ATOM 985  H HB     . THR B 2 64 ? -9.643  -0.126  5.302   1.00 0.20 ? 64  THR A HB     1 
ATOM 986  H HG1    . THR B 2 64 ? -8.053  -1.801  5.677   1.00 0.71 ? 64  THR A HG1    1 
ATOM 987  H HG21   . THR B 2 64 ? -11.356 -2.497  5.980   1.00 1.05 ? 64  THR A HG21   1 
ATOM 988  H HG22   . THR B 2 64 ? -11.954 -1.292  4.841   1.00 1.03 ? 64  THR A HG22   1 
ATOM 989  H HG23   . THR B 2 64 ? -11.532 -0.817  6.485   1.00 1.03 ? 64  THR A HG23   1 
ATOM 990  N N      . GLY B 2 65 ? -11.356 -1.328  2.073   1.00 0.16 ? 65  GLY A N      1 
ATOM 991  C CA     . GLY B 2 65 ? -12.217 -0.526  1.161   1.00 0.17 ? 65  GLY A CA     1 
ATOM 992  C C      . GLY B 2 65 ? -12.997 -1.484  0.267   1.00 0.17 ? 65  GLY A C      1 
ATOM 993  O O      . GLY B 2 65 ? -12.959 -2.684  0.456   1.00 0.17 ? 65  GLY A O      1 
ATOM 994  H H      . GLY B 2 65 ? -11.427 -2.310  2.062   1.00 0.15 ? 65  GLY A H      1 
ATOM 995  H HA2    . GLY B 2 65 ? -12.902 0.074   1.743   1.00 0.18 ? 65  GLY A HA2    1 
ATOM 996  H HA3    . GLY B 2 65 ? -11.601 0.115   0.548   1.00 0.17 ? 65  GLY A HA3    1 
ATOM 997  N N      . THR B 2 66 ? -13.695 -0.984  -0.711  1.00 0.18 ? 66  THR A N      1 
ATOM 998  C CA     . THR B 2 66 ? -14.450 -1.905  -1.599  1.00 0.19 ? 66  THR A CA     1 
ATOM 999  C C      . THR B 2 66 ? -13.450 -2.631  -2.497  1.00 0.18 ? 66  THR A C      1 
ATOM 1000 O O      . THR B 2 66 ? -12.341 -2.176  -2.697  1.00 0.17 ? 66  THR A O      1 
ATOM 1001 C CB     . THR B 2 66 ? -15.451 -1.120  -2.457  1.00 0.21 ? 66  THR A CB     1 
ATOM 1002 O OG1    . THR B 2 66 ? -14.750 -0.334  -3.407  1.00 0.35 ? 66  THR A OG1    1 
ATOM 1003 C CG2    . THR B 2 66 ? -16.309 -0.210  -1.570  1.00 0.31 ? 66  THR A CG2    1 
ATOM 1004 H H      . THR B 2 66 ? -13.712 -0.016  -0.865  1.00 0.19 ? 66  THR A H      1 
ATOM 1005 H HA     . THR B 2 66 ? -14.978 -2.627  -0.996  1.00 0.21 ? 66  THR A HA     1 
ATOM 1006 H HB     . THR B 2 66 ? -16.096 -1.813  -2.974  1.00 0.28 ? 66  THR A HB     1 
ATOM 1007 H HG1    . THR B 2 66 ? -13.813 -0.515  -3.308  1.00 0.92 ? 66  THR A HG1    1 
ATOM 1008 H HG21   . THR B 2 66 ? -17.223 -0.721  -1.308  1.00 1.09 ? 66  THR A HG21   1 
ATOM 1009 H HG22   . THR B 2 66 ? -16.548 0.696   -2.109  1.00 1.06 ? 66  THR A HG22   1 
ATOM 1010 H HG23   . THR B 2 66 ? -15.768 0.043   -0.670  1.00 1.09 ? 66  THR A HG23   1 
ATOM 1011 N N      . GLN B 2 67 ? -13.813 -3.769  -3.007  1.00 0.19 ? 67  GLN A N      1 
ATOM 1012 C CA     . GLN B 2 67 ? -12.843 -4.520  -3.849  1.00 0.19 ? 67  GLN A CA     1 
ATOM 1013 C C      . GLN B 2 67 ? -12.264 -3.595  -4.917  1.00 0.18 ? 67  GLN A C      1 
ATOM 1014 O O      . GLN B 2 67 ? -11.087 -3.638  -5.209  1.00 0.18 ? 67  GLN A O      1 
ATOM 1015 C CB     . GLN B 2 67 ? -13.518 -5.713  -4.516  1.00 0.21 ? 67  GLN A CB     1 
ATOM 1016 C CG     . GLN B 2 67 ? -12.433 -6.599  -5.130  1.00 0.26 ? 67  GLN A CG     1 
ATOM 1017 C CD     . GLN B 2 67 ? -13.075 -7.756  -5.889  1.00 1.23 ? 67  GLN A CD     1 
ATOM 1018 O OE1    . GLN B 2 67 ? -13.769 -8.568  -5.311  1.00 1.91 ? 67  GLN A OE1    1 
ATOM 1019 N NE2    . GLN B 2 67 ? -12.871 -7.863  -7.172  1.00 2.11 ? 67  GLN A NE2    1 
ATOM 1020 H H      . GLN B 2 67 ? -14.698 -4.138  -2.791  1.00 0.20 ? 67  GLN A H      1 
ATOM 1021 H HA     . GLN B 2 67 ? -12.038 -4.874  -3.221  1.00 0.20 ? 67  GLN A HA     1 
ATOM 1022 H HB2    . GLN B 2 67 ? -14.074 -6.275  -3.778  1.00 0.24 ? 67  GLN A HB2    1 
ATOM 1023 H HB3    . GLN B 2 67 ? -14.184 -5.369  -5.291  1.00 0.21 ? 67  GLN A HB3    1 
ATOM 1024 H HG2    . GLN B 2 67 ? -11.833 -6.010  -5.810  1.00 0.99 ? 67  GLN A HG2    1 
ATOM 1025 H HG3    . GLN B 2 67 ? -11.803 -6.991  -4.345  1.00 0.94 ? 67  GLN A HG3    1 
ATOM 1026 H HE21   . GLN B 2 67 ? -12.312 -7.204  -7.634  1.00 2.34 ? 67  GLN A HE21   1 
ATOM 1027 H HE22   . GLN B 2 67 ? -13.273 -8.602  -7.673  1.00 2.84 ? 67  GLN A HE22   1 
ATOM 1028 N N      . ASP B 2 68 ? -13.069 -2.755  -5.508  1.00 0.18 ? 68  ASP A N      1 
ATOM 1029 C CA     . ASP B 2 68 ? -12.541 -1.837  -6.555  1.00 0.18 ? 68  ASP A CA     1 
ATOM 1030 C C      . ASP B 2 68 ? -11.378 -1.034  -5.959  1.00 0.17 ? 68  ASP A C      1 
ATOM 1031 O O      . ASP B 2 68 ? -10.328 -0.900  -6.557  1.00 0.18 ? 68  ASP A O      1 
ATOM 1032 C CB     . ASP B 2 68 ? -13.676 -0.882  -6.992  1.00 0.19 ? 68  ASP A CB     1 
ATOM 1033 C CG     . ASP B 2 68 ? -13.883 -0.915  -8.516  1.00 1.27 ? 68  ASP A CG     1 
ATOM 1034 O OD1    . ASP B 2 68 ? -13.323 -1.781  -9.165  1.00 2.01 ? 68  ASP A OD1    1 
ATOM 1035 O OD2    . ASP B 2 68 ? -14.613 -0.069  -9.005  1.00 1.72 ? 68  ASP A OD2    1 
ATOM 1036 H H      . ASP B 2 68 ? -14.019 -2.733  -5.278  1.00 0.18 ? 68  ASP A H      1 
ATOM 1037 H HA     . ASP B 2 68 ? -12.188 -2.413  -7.393  1.00 0.18 ? 68  ASP A HA     1 
ATOM 1038 H HB2    . ASP B 2 68 ? -14.593 -1.183  -6.508  1.00 0.93 ? 68  ASP A HB2    1 
ATOM 1039 H HB3    . ASP B 2 68 ? -13.438 0.129   -6.692  1.00 0.94 ? 68  ASP A HB3    1 
ATOM 1040 N N      . GLN B 2 69 ? -11.569 -0.493  -4.788  1.00 0.18 ? 69  GLN A N      1 
ATOM 1041 C CA     . GLN B 2 69 ? -10.488 0.311   -4.152  1.00 0.19 ? 69  GLN A CA     1 
ATOM 1042 C C      . GLN B 2 69 ? -9.280  -0.583  -3.871  1.00 0.18 ? 69  GLN A C      1 
ATOM 1043 O O      . GLN B 2 69 ? -8.155  -0.231  -4.165  1.00 0.17 ? 69  GLN A O      1 
ATOM 1044 C CB     . GLN B 2 69 ? -11.005 0.911   -2.848  1.00 0.22 ? 69  GLN A CB     1 
ATOM 1045 C CG     . GLN B 2 69 ? -12.215 1.790   -3.156  1.00 0.29 ? 69  GLN A CG     1 
ATOM 1046 C CD     . GLN B 2 69 ? -12.612 2.576   -1.909  1.00 1.03 ? 69  GLN A CD     1 
ATOM 1047 O OE1    . GLN B 2 69 ? -12.580 2.058   -0.810  1.00 1.85 ? 69  GLN A OE1    1 
ATOM 1048 N NE2    . GLN B 2 69 ? -12.988 3.818   -2.036  1.00 1.81 ? 69  GLN A NE2    1 
ATOM 1049 H H      . GLN B 2 69 ? -12.434 -0.609  -4.341  1.00 0.18 ? 69  GLN A H      1 
ATOM 1050 H HA     . GLN B 2 69 ? -10.196 1.106   -4.821  1.00 0.19 ? 69  GLN A HA     1 
ATOM 1051 H HB2    . GLN B 2 69 ? -11.292 0.118   -2.172  1.00 0.24 ? 69  GLN A HB2    1 
ATOM 1052 H HB3    . GLN B 2 69 ? -10.232 1.511   -2.396  1.00 0.24 ? 69  GLN A HB3    1 
ATOM 1053 H HG2    . GLN B 2 69 ? -11.967 2.476   -3.953  1.00 1.00 ? 69  GLN A HG2    1 
ATOM 1054 H HG3    . GLN B 2 69 ? -13.039 1.166   -3.463  1.00 0.90 ? 69  GLN A HG3    1 
ATOM 1055 H HE21   . GLN B 2 69 ? -13.012 4.233   -2.924  1.00 2.18 ? 69  GLN A HE21   1 
ATOM 1056 H HE22   . GLN B 2 69 ? -13.245 4.337   -1.245  1.00 2.42 ? 69  GLN A HE22   1 
ATOM 1057 N N      . ILE B 2 70 ? -9.499  -1.746  -3.335  1.00 0.18 ? 70  ILE A N      1 
ATOM 1058 C CA     . ILE B 2 70 ? -8.351  -2.655  -3.075  1.00 0.18 ? 70  ILE A CA     1 
ATOM 1059 C C      . ILE B 2 70 ? -7.758  -3.055  -4.428  1.00 0.16 ? 70  ILE A C      1 
ATOM 1060 O O      . ILE B 2 70 ? -6.564  -3.053  -4.633  1.00 0.26 ? 70  ILE A O      1 
ATOM 1061 C CB     . ILE B 2 70 ? -8.850  -3.892  -2.320  1.00 0.21 ? 70  ILE A CB     1 
ATOM 1062 C CG1    . ILE B 2 70 ? -9.482  -3.447  -0.995  1.00 0.23 ? 70  ILE A CG1    1 
ATOM 1063 C CG2    . ILE B 2 70 ? -7.679  -4.834  -2.031  1.00 0.23 ? 70  ILE A CG2    1 
ATOM 1064 C CD1    . ILE B 2 70 ? -10.201 -4.621  -0.316  1.00 0.25 ? 70  ILE A CD1    1 
ATOM 1065 H H      . ILE B 2 70 ? -10.414 -2.040  -3.120  1.00 0.19 ? 70  ILE A H      1 
ATOM 1066 H HA     . ILE B 2 70 ? -7.605  -2.143  -2.485  1.00 0.20 ? 70  ILE A HA     1 
ATOM 1067 H HB     . ILE B 2 70 ? -9.589  -4.408  -2.917  1.00 0.20 ? 70  ILE A HB     1 
ATOM 1068 H HG12   . ILE B 2 70 ? -8.706  -3.080  -0.338  1.00 0.26 ? 70  ILE A HG12   1 
ATOM 1069 H HG13   . ILE B 2 70 ? -10.192 -2.656  -1.184  1.00 0.23 ? 70  ILE A HG13   1 
ATOM 1070 H HG21   . ILE B 2 70 ? -6.798  -4.252  -1.808  1.00 1.05 ? 70  ILE A HG21   1 
ATOM 1071 H HG22   . ILE B 2 70 ? -7.495  -5.456  -2.894  1.00 1.03 ? 70  ILE A HG22   1 
ATOM 1072 H HG23   . ILE B 2 70 ? -7.920  -5.458  -1.182  1.00 1.06 ? 70  ILE A HG23   1 
ATOM 1073 H HD11   . ILE B 2 70 ? -9.701  -4.858  0.610   1.00 1.06 ? 70  ILE A HD11   1 
ATOM 1074 H HD12   . ILE B 2 70 ? -10.190 -5.489  -0.961  1.00 1.07 ? 70  ILE A HD12   1 
ATOM 1075 H HD13   . ILE B 2 70 ? -11.223 -4.343  -0.107  1.00 1.02 ? 70  ILE A HD13   1 
ATOM 1076 N N      . GLN B 2 71 ? -8.609  -3.371  -5.358  1.00 0.15 ? 71  GLN A N      1 
ATOM 1077 C CA     . GLN B 2 71 ? -8.124  -3.756  -6.714  1.00 0.17 ? 71  GLN A CA     1 
ATOM 1078 C C      . GLN B 2 71 ? -7.305  -2.604  -7.311  1.00 0.17 ? 71  GLN A C      1 
ATOM 1079 O O      . GLN B 2 71 ? -6.152  -2.763  -7.659  1.00 0.18 ? 71  GLN A O      1 
ATOM 1080 C CB     . GLN B 2 71 ? -9.319  -4.057  -7.623  1.00 0.19 ? 71  GLN A CB     1 
ATOM 1081 C CG     . GLN B 2 71 ? -8.823  -4.379  -9.047  1.00 0.21 ? 71  GLN A CG     1 
ATOM 1082 C CD     . GLN B 2 71 ? -9.539  -5.620  -9.587  1.00 1.32 ? 71  GLN A CD     1 
ATOM 1083 O OE1    . GLN B 2 71 ? -10.711 -5.820  -9.331  1.00 2.13 ? 71  GLN A OE1    1 
ATOM 1084 N NE2    . GLN B 2 71 ? -8.878  -6.466  -10.328 1.00 2.05 ? 71  GLN A NE2    1 
ATOM 1085 H H      . GLN B 2 71 ? -9.563  -3.331  -5.134  1.00 0.22 ? 71  GLN A H      1 
ATOM 1086 H HA     . GLN B 2 71 ? -7.502  -4.635  -6.635  1.00 0.19 ? 71  GLN A HA     1 
ATOM 1087 H HB2    . GLN B 2 71 ? -9.866  -4.899  -7.223  1.00 0.20 ? 71  GLN A HB2    1 
ATOM 1088 H HB3    . GLN B 2 71 ? -9.967  -3.193  -7.657  1.00 0.18 ? 71  GLN A HB3    1 
ATOM 1089 H HG2    . GLN B 2 71 ? -9.028  -3.540  -9.696  1.00 0.98 ? 71  GLN A HG2    1 
ATOM 1090 H HG3    . GLN B 2 71 ? -7.758  -4.565  -9.033  1.00 0.95 ? 71  GLN A HG3    1 
ATOM 1091 H HE21   . GLN B 2 71 ? -7.934  -6.303  -10.535 1.00 2.17 ? 71  GLN A HE21   1 
ATOM 1092 H HE22   . GLN B 2 71 ? -9.325  -7.265  -10.678 1.00 2.82 ? 71  GLN A HE22   1 
ATOM 1093 N N      . ASN B 2 72 ? -7.893  -1.448  -7.419  1.00 0.16 ? 72  ASN A N      1 
ATOM 1094 C CA     . ASN B 2 72 ? -7.147  -0.281  -7.982  1.00 0.17 ? 72  ASN A CA     1 
ATOM 1095 C C      . ASN B 2 72 ? -5.921  0.022   -7.113  1.00 0.17 ? 72  ASN A C      1 
ATOM 1096 O O      . ASN B 2 72 ? -4.876  0.401   -7.602  1.00 0.18 ? 72  ASN A O      1 
ATOM 1097 C CB     . ASN B 2 72 ? -8.063  0.955   -7.986  1.00 0.19 ? 72  ASN A CB     1 
ATOM 1098 C CG     . ASN B 2 72 ? -8.736  1.129   -9.350  1.00 1.12 ? 72  ASN A CG     1 
ATOM 1099 O OD1    . ASN B 2 72 ? -8.488  0.377   -10.270 1.00 1.57 ? 72  ASN A OD1    1 
ATOM 1100 N ND2    . ASN B 2 72 ? -9.576  2.113   -9.517  1.00 1.63 ? 72  ASN A ND2    1 
ATOM 1101 H H      . ASN B 2 72 ? -8.825  -1.342  -7.121  1.00 0.16 ? 72  ASN A H      1 
ATOM 1102 H HA     . ASN B 2 72 ? -6.829  -0.504  -8.989  1.00 0.19 ? 72  ASN A HA     1 
ATOM 1103 H HB2    . ASN B 2 72 ? -8.825  0.834   -7.230  1.00 0.81 ? 72  ASN A HB2    1 
ATOM 1104 H HB3    . ASN B 2 72 ? -7.482  1.840   -7.766  1.00 0.79 ? 72  ASN A HB3    1 
ATOM 1105 H HD21   . ASN B 2 72 ? -9.767  2.724   -8.774  1.00 1.37 ? 72  ASN A HD21   1 
ATOM 1106 H HD22   . ASN B 2 72 ? -10.013 2.244   -10.383 1.00 2.32 ? 72  ASN A HD22   1 
ATOM 1107 N N      . ALA B 2 73 ? -6.058  -0.117  -5.827  1.00 0.17 ? 73  ALA A N      1 
ATOM 1108 C CA     . ALA B 2 73 ? -4.917  0.194   -4.921  1.00 0.19 ? 73  ALA A CA     1 
ATOM 1109 C C      . ALA B 2 73 ? -3.812  -0.860  -5.040  1.00 0.20 ? 73  ALA A C      1 
ATOM 1110 O O      . ALA B 2 73 ? -2.653  -0.530  -5.186  1.00 0.21 ? 73  ALA A O      1 
ATOM 1111 C CB     . ALA B 2 73 ? -5.419  0.240   -3.478  1.00 0.22 ? 73  ALA A CB     1 
ATOM 1112 H H      . ALA B 2 73 ? -6.917  -0.412  -5.453  1.00 0.17 ? 73  ALA A H      1 
ATOM 1113 H HA     . ALA B 2 73 ? -4.513  1.160   -5.184  1.00 0.20 ? 73  ALA A HA     1 
ATOM 1114 H HB1    . ALA B 2 73 ? -6.109  1.063   -3.363  1.00 1.04 ? 73  ALA A HB1    1 
ATOM 1115 H HB2    . ALA B 2 73 ? -4.582  0.377   -2.811  1.00 1.04 ? 73  ALA A HB2    1 
ATOM 1116 H HB3    . ALA B 2 73 ? -5.921  -0.686  -3.241  1.00 1.03 ? 73  ALA A HB3    1 
ATOM 1117 N N      . GLN B 2 74 ? -4.145  -2.121  -4.957  1.00 0.24 ? 74  GLN A N      1 
ATOM 1118 C CA     . GLN B 2 74 ? -3.080  -3.165  -5.038  1.00 0.27 ? 74  GLN A CA     1 
ATOM 1119 C C      . GLN B 2 74 ? -2.311  -3.056  -6.353  1.00 0.23 ? 74  GLN A C      1 
ATOM 1120 O O      . GLN B 2 74 ? -1.103  -3.177  -6.377  1.00 0.23 ? 74  GLN A O      1 
ATOM 1121 C CB     . GLN B 2 74 ? -3.696  -4.562  -4.931  1.00 0.34 ? 74  GLN A CB     1 
ATOM 1122 C CG     . GLN B 2 74 ? -4.239  -4.782  -3.517  1.00 0.40 ? 74  GLN A CG     1 
ATOM 1123 C CD     . GLN B 2 74 ? -4.318  -6.279  -3.229  1.00 0.88 ? 74  GLN A CD     1 
ATOM 1124 O OE1    . GLN B 2 74 ? -4.222  -7.090  -4.129  1.00 1.83 ? 74  GLN A OE1    1 
ATOM 1125 N NE2    . GLN B 2 74 ? -4.487  -6.682  -2.000  1.00 1.46 ? 74  GLN A NE2    1 
ATOM 1126 H H      . GLN B 2 74 ? -5.080  -2.376  -4.823  1.00 0.26 ? 74  GLN A H      1 
ATOM 1127 H HA     . GLN B 2 74 ? -2.389  -3.023  -4.222  1.00 0.29 ? 74  GLN A HA     1 
ATOM 1128 H HB2    . GLN B 2 74 ? -4.502  -4.653  -5.644  1.00 0.35 ? 74  GLN A HB2    1 
ATOM 1129 H HB3    . GLN B 2 74 ? -2.942  -5.305  -5.144  1.00 0.37 ? 74  GLN A HB3    1 
ATOM 1130 H HG2    . GLN B 2 74 ? -3.585  -4.310  -2.798  1.00 0.86 ? 74  GLN A HG2    1 
ATOM 1131 H HG3    . GLN B 2 74 ? -5.222  -4.356  -3.439  1.00 1.04 ? 74  GLN A HG3    1 
ATOM 1132 H HE21   . GLN B 2 74 ? -4.564  -6.026  -1.276  1.00 1.88 ? 74  GLN A HE21   1 
ATOM 1133 H HE22   . GLN B 2 74 ? -4.535  -7.640  -1.800  1.00 1.98 ? 74  GLN A HE22   1 
ATOM 1134 N N      . TYR B 2 75 ? -2.979  -2.831  -7.448  1.00 0.22 ? 75  TYR A N      1 
ATOM 1135 C CA     . TYR B 2 75 ? -2.239  -2.724  -8.732  1.00 0.23 ? 75  TYR A CA     1 
ATOM 1136 C C      . TYR B 2 75 ? -1.237  -1.577  -8.632  1.00 0.19 ? 75  TYR A C      1 
ATOM 1137 O O      . TYR B 2 75 ? -0.125  -1.668  -9.112  1.00 0.21 ? 75  TYR A O      1 
ATOM 1138 C CB     . TYR B 2 75 ? -3.211  -2.458  -9.882  1.00 0.26 ? 75  TYR A CB     1 
ATOM 1139 C CG     . TYR B 2 75 ? -2.448  -2.456  -11.186 1.00 0.31 ? 75  TYR A CG     1 
ATOM 1140 C CD1    . TYR B 2 75 ? -2.158  -3.665  -11.829 1.00 0.38 ? 75  TYR A CD1    1 
ATOM 1141 C CD2    . TYR B 2 75 ? -2.027  -1.245  -11.749 1.00 0.32 ? 75  TYR A CD2    1 
ATOM 1142 C CE1    . TYR B 2 75 ? -1.447  -3.665  -13.036 1.00 0.44 ? 75  TYR A CE1    1 
ATOM 1143 C CE2    . TYR B 2 75 ? -1.317  -1.245  -12.956 1.00 0.39 ? 75  TYR A CE2    1 
ATOM 1144 C CZ     . TYR B 2 75 ? -1.027  -2.454  -13.599 1.00 0.45 ? 75  TYR A CZ     1 
ATOM 1145 O OH     . TYR B 2 75 ? -0.327  -2.453  -14.789 1.00 0.52 ? 75  TYR A OH     1 
ATOM 1146 H H      . TYR B 2 75 ? -3.954  -2.734  -7.428  1.00 0.23 ? 75  TYR A H      1 
ATOM 1147 H HA     . TYR B 2 75 ? -1.708  -3.646  -8.916  1.00 0.26 ? 75  TYR A HA     1 
ATOM 1148 H HB2    . TYR B 2 75 ? -3.963  -3.233  -9.905  1.00 0.30 ? 75  TYR A HB2    1 
ATOM 1149 H HB3    . TYR B 2 75 ? -3.684  -1.499  -9.741  1.00 0.23 ? 75  TYR A HB3    1 
ATOM 1150 H HD1    . TYR B 2 75 ? -2.482  -4.600  -11.394 1.00 0.41 ? 75  TYR A HD1    1 
ATOM 1151 H HD2    . TYR B 2 75 ? -2.250  -0.313  -11.254 1.00 0.29 ? 75  TYR A HD2    1 
ATOM 1152 H HE1    . TYR B 2 75 ? -1.225  -4.597  -13.531 1.00 0.51 ? 75  TYR A HE1    1 
ATOM 1153 H HE2    . TYR B 2 75 ? -0.992  -0.311  -13.391 1.00 0.42 ? 75  TYR A HE2    1 
ATOM 1154 H HH     . TYR B 2 75 ? 0.388   -1.817  -14.711 1.00 1.04 ? 75  TYR A HH     1 
ATOM 1155 N N      . LEU B 2 76 ? -1.620  -0.493  -8.013  1.00 0.15 ? 76  LEU A N      1 
ATOM 1156 C CA     . LEU B 2 76 ? -0.680  0.652   -7.892  1.00 0.14 ? 76  LEU A CA     1 
ATOM 1157 C C      . LEU B 2 76 ? 0.489   0.280   -6.974  1.00 0.13 ? 76  LEU A C      1 
ATOM 1158 O O      . LEU B 2 76 ? 1.611   0.683   -7.208  1.00 0.13 ? 76  LEU A O      1 
ATOM 1159 C CB     . LEU B 2 76 ? -1.411  1.885   -7.326  1.00 0.15 ? 76  LEU A CB     1 
ATOM 1160 C CG     . LEU B 2 76 ? -2.504  2.372   -8.295  1.00 0.17 ? 76  LEU A CG     1 
ATOM 1161 C CD1    . LEU B 2 76 ? -3.446  3.322   -7.551  1.00 0.20 ? 76  LEU A CD1    1 
ATOM 1162 C CD2    . LEU B 2 76 ? -1.886  3.141   -9.475  1.00 0.21 ? 76  LEU A CD2    1 
ATOM 1163 H H      . LEU B 2 76 ? -2.521  -0.435  -7.633  1.00 0.15 ? 76  LEU A H      1 
ATOM 1164 H HA     . LEU B 2 76 ? -0.289  0.880   -8.865  1.00 0.17 ? 76  LEU A HA     1 
ATOM 1165 H HB2    . LEU B 2 76 ? -1.866  1.622   -6.382  1.00 0.16 ? 76  LEU A HB2    1 
ATOM 1166 H HB3    . LEU B 2 76 ? -0.697  2.679   -7.165  1.00 0.18 ? 76  LEU A HB3    1 
ATOM 1167 H HG     . LEU B 2 76 ? -3.065  1.525   -8.663  1.00 0.18 ? 76  LEU A HG     1 
ATOM 1168 H HD11   . LEU B 2 76 ? -2.862  4.031   -6.984  1.00 1.02 ? 76  LEU A HD11   1 
ATOM 1169 H HD12   . LEU B 2 76 ? -4.079  2.758   -6.883  1.00 1.04 ? 76  LEU A HD12   1 
ATOM 1170 H HD13   . LEU B 2 76 ? -4.057  3.854   -8.265  1.00 1.04 ? 76  LEU A HD13   1 
ATOM 1171 H HD21   . LEU B 2 76 ? -2.574  3.130   -10.307 1.00 1.05 ? 76  LEU A HD21   1 
ATOM 1172 H HD22   . LEU B 2 76 ? -0.960  2.686   -9.774  1.00 1.04 ? 76  LEU A HD22   1 
ATOM 1173 H HD23   . LEU B 2 76 ? -1.700  4.163   -9.180  1.00 1.03 ? 76  LEU A HD23   1 
ATOM 1174 N N      . LEU B 2 77 ? 0.255   -0.472  -5.934  1.00 0.13 ? 77  LEU A N      1 
ATOM 1175 C CA     . LEU B 2 77 ? 1.389   -0.831  -5.030  1.00 0.12 ? 77  LEU A CA     1 
ATOM 1176 C C      . LEU B 2 77 ? 2.438   -1.639  -5.801  1.00 0.14 ? 77  LEU A C      1 
ATOM 1177 O O      . LEU B 2 77 ? 3.610   -1.319  -5.790  1.00 0.14 ? 77  LEU A O      1 
ATOM 1178 C CB     . LEU B 2 77 ? 0.863   -1.672  -3.860  1.00 0.13 ? 77  LEU A CB     1 
ATOM 1179 C CG     . LEU B 2 77 ? -0.138  -0.847  -3.043  1.00 0.13 ? 77  LEU A CG     1 
ATOM 1180 C CD1    . LEU B 2 77 ? -0.737  -1.709  -1.912  1.00 0.15 ? 77  LEU A CD1    1 
ATOM 1181 C CD2    . LEU B 2 77 ? 0.578   0.375   -2.449  1.00 0.15 ? 77  LEU A CD2    1 
ATOM 1182 H H      . LEU B 2 77 ? -0.648  -0.803  -5.722  1.00 0.13 ? 77  LEU A H      1 
ATOM 1183 H HA     . LEU B 2 77 ? 1.840   0.073   -4.647  1.00 0.12 ? 77  LEU A HA     1 
ATOM 1184 H HB2    . LEU B 2 77 ? 0.374   -2.556  -4.241  1.00 0.16 ? 77  LEU A HB2    1 
ATOM 1185 H HB3    . LEU B 2 77 ? 1.687   -1.964  -3.224  1.00 0.14 ? 77  LEU A HB3    1 
ATOM 1186 H HG     . LEU B 2 77 ? -0.933  -0.513  -3.692  1.00 0.16 ? 77  LEU A HG     1 
ATOM 1187 H HD11   . LEU B 2 77 ? -1.786  -1.870  -2.107  1.00 1.02 ? 77  LEU A HD11   1 
ATOM 1188 H HD12   . LEU B 2 77 ? -0.625  -1.203  -0.962  1.00 1.03 ? 77  LEU A HD12   1 
ATOM 1189 H HD13   . LEU B 2 77 ? -0.231  -2.664  -1.867  1.00 1.03 ? 77  LEU A HD13   1 
ATOM 1190 H HD21   . LEU B 2 77 ? 0.095   0.662   -1.526  1.00 1.02 ? 77  LEU A HD21   1 
ATOM 1191 H HD22   . LEU B 2 77 ? 0.532   1.195   -3.149  1.00 1.03 ? 77  LEU A HD22   1 
ATOM 1192 H HD23   . LEU B 2 77 ? 1.611   0.128   -2.249  1.00 1.03 ? 77  LEU A HD23   1 
ATOM 1193 N N      . GLN B 2 78 ? 2.031   -2.692  -6.456  1.00 0.16 ? 78  GLN A N      1 
ATOM 1194 C CA     . GLN B 2 78 ? 3.013   -3.525  -7.209  1.00 0.19 ? 78  GLN A CA     1 
ATOM 1195 C C      . GLN B 2 78 ? 3.678   -2.694  -8.307  1.00 0.17 ? 78  GLN A C      1 
ATOM 1196 O O      . GLN B 2 78 ? 4.858   -2.826  -8.566  1.00 0.20 ? 78  GLN A O      1 
ATOM 1197 C CB     . GLN B 2 78 ? 2.297   -4.725  -7.835  1.00 0.22 ? 78  GLN A CB     1 
ATOM 1198 C CG     . GLN B 2 78 ? 3.330   -5.649  -8.485  1.00 0.26 ? 78  GLN A CG     1 
ATOM 1199 C CD     . GLN B 2 78 ? 2.650   -6.936  -8.957  1.00 0.92 ? 78  GLN A CD     1 
ATOM 1200 O OE1    . GLN B 2 78 ? 3.201   -7.670  -9.752  1.00 1.45 ? 78  GLN A OE1    1 
ATOM 1201 N NE2    . GLN B 2 78 ? 1.472   -7.248  -8.489  1.00 1.25 ? 78  GLN A NE2    1 
ATOM 1202 H H      . GLN B 2 78 ? 1.084   -2.949  -6.436  1.00 0.16 ? 78  GLN A H      1 
ATOM 1203 H HA     . GLN B 2 78 ? 3.771   -3.882  -6.527  1.00 0.21 ? 78  GLN A HA     1 
ATOM 1204 H HB2    . GLN B 2 78 ? 1.760   -5.264  -7.068  1.00 0.25 ? 78  GLN A HB2    1 
ATOM 1205 H HB3    . GLN B 2 78 ? 1.603   -4.379  -8.586  1.00 0.20 ? 78  GLN A HB3    1 
ATOM 1206 H HG2    . GLN B 2 78 ? 3.776   -5.147  -9.332  1.00 0.72 ? 78  GLN A HG2    1 
ATOM 1207 H HG3    . GLN B 2 78 ? 4.098   -5.892  -7.767  1.00 0.65 ? 78  GLN A HG3    1 
ATOM 1208 H HE21   . GLN B 2 78 ? 1.030   -6.662  -7.842  1.00 1.14 ? 78  GLN A HE21   1 
ATOM 1209 H HE22   . GLN B 2 78 ? 1.031   -8.073  -8.785  1.00 1.78 ? 78  GLN A HE22   1 
ATOM 1210 N N      . ASN B 2 79 ? 2.935   -1.846  -8.959  1.00 0.15 ? 79  ASN A N      1 
ATOM 1211 C CA     . ASN B 2 79 ? 3.537   -1.021  -10.042 1.00 0.17 ? 79  ASN A CA     1 
ATOM 1212 C C      . ASN B 2 79 ? 4.713   -0.223  -9.469  1.00 0.18 ? 79  ASN A C      1 
ATOM 1213 O O      . ASN B 2 79 ? 5.754   -0.106  -10.076 1.00 0.18 ? 79  ASN A O      1 
ATOM 1214 C CB     . ASN B 2 79 ? 2.471   -0.065  -10.590 1.00 0.18 ? 79  ASN A CB     1 
ATOM 1215 C CG     . ASN B 2 79 ? 2.774   0.276   -12.052 1.00 0.97 ? 79  ASN A CG     1 
ATOM 1216 O OD1    . ASN B 2 79 ? 3.568   -0.384  -12.692 1.00 1.79 ? 79  ASN A OD1    1 
ATOM 1217 N ND2    . ASN B 2 79 ? 2.161   1.282   -12.613 1.00 1.66 ? 79  ASN A ND2    1 
ATOM 1218 H H      . ASN B 2 79 ? 1.984   -1.756  -8.743  1.00 0.15 ? 79  ASN A H      1 
ATOM 1219 H HA     . ASN B 2 79 ? 3.888   -1.666  -10.833 1.00 0.18 ? 79  ASN A HA     1 
ATOM 1220 H HB2    . ASN B 2 79 ? 1.500   -0.535  -10.525 1.00 0.75 ? 79  ASN A HB2    1 
ATOM 1221 H HB3    . ASN B 2 79 ? 2.469   0.844   -10.006 1.00 0.72 ? 79  ASN A HB3    1 
ATOM 1222 H HD21   . ASN B 2 79 ? 1.516   1.811   -12.100 1.00 2.08 ? 79  ASN A HD21   1 
ATOM 1223 H HD22   . ASN B 2 79 ? 2.343   1.507   -13.550 1.00 2.17 ? 79  ASN A HD22   1 
ATOM 1224 N N      . SER B 2 80 ? 4.548   0.326   -8.297  1.00 0.22 ? 80  SER A N      1 
ATOM 1225 C CA     . SER B 2 80 ? 5.654   1.120   -7.677  1.00 0.26 ? 80  SER A CA     1 
ATOM 1226 C C      . SER B 2 80 ? 6.906   0.246   -7.533  1.00 0.26 ? 80  SER A C      1 
ATOM 1227 O O      . SER B 2 80 ? 8.002   0.655   -7.860  1.00 0.28 ? 80  SER A O      1 
ATOM 1228 C CB     . SER B 2 80 ? 5.215   1.610   -6.299  1.00 0.29 ? 80  SER A CB     1 
ATOM 1229 O OG     . SER B 2 80 ? 4.439   2.791   -6.445  1.00 1.31 ? 80  SER A OG     1 
ATOM 1230 H H      . SER B 2 80 ? 3.689   0.218   -7.839  1.00 0.23 ? 80  SER A H      1 
ATOM 1231 H HA     . SER B 2 80 ? 5.880   1.969   -8.304  1.00 0.28 ? 80  SER A HA     1 
ATOM 1232 H HB2    . SER B 2 80 ? 4.616   0.852   -5.821  1.00 1.08 ? 80  SER A HB2    1 
ATOM 1233 H HB3    . SER B 2 80 ? 6.088   1.809   -5.693  1.00 1.09 ? 80  SER A HB3    1 
ATOM 1234 H HG     . SER B 2 80 ? 4.046   2.996   -5.595  1.00 1.81 ? 80  SER A HG     1 
ATOM 1235 N N      . VAL B 2 81 ? 6.747   -0.953  -7.047  1.00 0.26 ? 81  VAL A N      1 
ATOM 1236 C CA     . VAL B 2 81 ? 7.916   -1.868  -6.874  1.00 0.27 ? 81  VAL A CA     1 
ATOM 1237 C C      . VAL B 2 81 ? 8.673   -1.998  -8.192  1.00 0.23 ? 81  VAL A C      1 
ATOM 1238 O O      . VAL B 2 81 ? 9.777   -2.504  -8.244  1.00 0.24 ? 81  VAL A O      1 
ATOM 1239 C CB     . VAL B 2 81 ? 7.411   -3.254  -6.463  1.00 0.28 ? 81  VAL A CB     1 
ATOM 1240 C CG1    . VAL B 2 81 ? 8.564   -4.261  -6.558  1.00 0.31 ? 81  VAL A CG1    1 
ATOM 1241 C CG2    . VAL B 2 81 ? 6.857   -3.212  -5.023  1.00 0.37 ? 81  VAL A CG2    1 
ATOM 1242 H H      . VAL B 2 81 ? 5.854   -1.258  -6.784  1.00 0.25 ? 81  VAL A H      1 
ATOM 1243 H HA     . VAL B 2 81 ? 8.574   -1.480  -6.111  1.00 0.34 ? 81  VAL A HA     1 
ATOM 1244 H HB     . VAL B 2 81 ? 6.625   -3.555  -7.144  1.00 0.25 ? 81  VAL A HB     1 
ATOM 1245 H HG11   . VAL B 2 81 ? 8.333   -5.130  -5.961  1.00 1.06 ? 81  VAL A HG11   1 
ATOM 1246 H HG12   . VAL B 2 81 ? 9.475   -3.805  -6.196  1.00 1.07 ? 81  VAL A HG12   1 
ATOM 1247 H HG13   . VAL B 2 81 ? 8.698   -4.557  -7.589  1.00 1.06 ? 81  VAL A HG13   1 
ATOM 1248 H HG21   . VAL B 2 81 ? 7.085   -2.259  -4.570  1.00 1.06 ? 81  VAL A HG21   1 
ATOM 1249 H HG22   . VAL B 2 81 ? 7.301   -4.001  -4.435  1.00 1.10 ? 81  VAL A HG22   1 
ATOM 1250 H HG23   . VAL B 2 81 ? 5.784   -3.348  -5.049  1.00 1.09 ? 81  VAL A HG23   1 
ATOM 1251 N N      . LYS B 2 82 ? 8.083   -1.555  -9.256  1.00 0.21 ? 82  LYS A N      1 
ATOM 1252 C CA     . LYS B 2 82 ? 8.736   -1.652  -10.588 1.00 0.25 ? 82  LYS A CA     1 
ATOM 1253 C C      . LYS B 2 82 ? 9.845   -0.604  -10.731 1.00 0.31 ? 82  LYS A C      1 
ATOM 1254 O O      . LYS B 2 82 ? 10.886  -0.853  -11.306 1.00 0.45 ? 82  LYS A O      1 
ATOM 1255 C CB     . LYS B 2 82 ? 7.654   -1.390  -11.630 1.00 0.29 ? 82  LYS A CB     1 
ATOM 1256 C CG     . LYS B 2 82 ? 8.145   -1.740  -13.027 1.00 0.39 ? 82  LYS A CG     1 
ATOM 1257 C CD     . LYS B 2 82 ? 6.945   -1.707  -13.980 1.00 0.93 ? 82  LYS A CD     1 
ATOM 1258 C CE     . LYS B 2 82 ? 7.412   -1.518  -15.427 1.00 1.57 ? 82  LYS A CE     1 
ATOM 1259 N NZ     . LYS B 2 82 ? 6.688   -2.482  -16.300 1.00 2.40 ? 82  LYS A NZ     1 
ATOM 1260 H H      . LYS B 2 82 ? 7.202   -1.130  -9.197  1.00 0.21 ? 82  LYS A H      1 
ATOM 1261 H HA     . LYS B 2 82 ? 9.142   -2.640  -10.731 1.00 0.26 ? 82  LYS A HA     1 
ATOM 1262 H HB2    . LYS B 2 82 ? 6.783   -1.982  -11.398 1.00 0.28 ? 82  LYS A HB2    1 
ATOM 1263 H HB3    . LYS B 2 82 ? 7.391   -0.343  -11.606 1.00 0.31 ? 82  LYS A HB3    1 
ATOM 1264 H HG2    . LYS B 2 82 ? 8.884   -1.018  -13.345 1.00 0.75 ? 82  LYS A HG2    1 
ATOM 1265 H HG3    . LYS B 2 82 ? 8.578   -2.728  -13.025 1.00 0.70 ? 82  LYS A HG3    1 
ATOM 1266 H HD2    . LYS B 2 82 ? 6.404   -2.639  -13.899 1.00 1.58 ? 82  LYS A HD2    1 
ATOM 1267 H HD3    . LYS B 2 82 ? 6.291   -0.892  -13.705 1.00 1.54 ? 82  LYS A HD3    1 
ATOM 1268 H HE2    . LYS B 2 82 ? 7.194   -0.509  -15.748 1.00 2.05 ? 82  LYS A HE2    1 
ATOM 1269 H HE3    . LYS B 2 82 ? 8.475   -1.696  -15.499 1.00 2.09 ? 82  LYS A HE3    1 
ATOM 1270 H HZ1    . LYS B 2 82 ? 6.337   -1.991  -17.146 1.00 2.85 ? 82  LYS A HZ1    1 
ATOM 1271 H HZ2    . LYS B 2 82 ? 5.886   -2.888  -15.775 1.00 2.83 ? 82  LYS A HZ2    1 
ATOM 1272 H HZ3    . LYS B 2 82 ? 7.335   -3.242  -16.588 1.00 2.87 ? 82  LYS A HZ3    1 
ATOM 1273 N N      . GLN B 2 83 ? 9.601   0.578   -10.251 1.00 0.28 ? 83  GLN A N      1 
ATOM 1274 C CA     . GLN B 2 83 ? 10.608  1.664   -10.398 1.00 0.37 ? 83  GLN A CA     1 
ATOM 1275 C C      . GLN B 2 83 ? 11.816  1.446   -9.477  1.00 0.32 ? 83  GLN A C      1 
ATOM 1276 O O      . GLN B 2 83 ? 12.941  1.698   -9.861  1.00 0.44 ? 83  GLN A O      1 
ATOM 1277 C CB     . GLN B 2 83 ? 9.923   2.995   -10.109 1.00 0.50 ? 83  GLN A CB     1 
ATOM 1278 C CG     . GLN B 2 83 ? 8.716   3.105   -11.046 1.00 0.58 ? 83  GLN A CG     1 
ATOM 1279 C CD     . GLN B 2 83 ? 8.035   4.463   -10.893 1.00 1.46 ? 83  GLN A CD     1 
ATOM 1280 O OE1    . GLN B 2 83 ? 8.541   5.343   -10.226 1.00 2.19 ? 83  GLN A OE1    1 
ATOM 1281 N NE2    . GLN B 2 83 ? 6.893   4.666   -11.494 1.00 1.99 ? 83  GLN A NE2    1 
ATOM 1282 H H      . GLN B 2 83 ? 8.737   0.761   -9.821  1.00 0.27 ? 83  GLN A H      1 
ATOM 1283 H HA     . GLN B 2 83 ? 10.956  1.672   -11.418 1.00 0.42 ? 83  GLN A HA     1 
ATOM 1284 H HB2    . GLN B 2 83 ? 9.597   3.023   -9.078  1.00 0.57 ? 83  GLN A HB2    1 
ATOM 1285 H HB3    . GLN B 2 83 ? 10.605  3.805   -10.302 1.00 0.57 ? 83  GLN A HB3    1 
ATOM 1286 H HG2    . GLN B 2 83 ? 9.045   2.981   -12.066 1.00 1.07 ? 83  GLN A HG2    1 
ATOM 1287 H HG3    . GLN B 2 83 ? 8.009   2.325   -10.803 1.00 1.20 ? 83  GLN A HG3    1 
ATOM 1288 H HE21   . GLN B 2 83 ? 6.488   3.952   -12.029 1.00 1.88 ? 83  GLN A HE21   1 
ATOM 1289 H HE22   . GLN B 2 83 ? 6.442   5.531   -11.410 1.00 2.76 ? 83  GLN A HE22   1 
ATOM 1290 N N      . TYR B 2 84 ? 11.612  0.974   -8.277  1.00 0.38 ? 84  TYR A N      1 
ATOM 1291 C CA     . TYR B 2 84 ? 12.784  0.744   -7.377  1.00 0.43 ? 84  TYR A CA     1 
ATOM 1292 C C      . TYR B 2 84 ? 13.735  -0.245  -8.045  1.00 0.30 ? 84  TYR A C      1 
ATOM 1293 O O      . TYR B 2 84 ? 14.940  -0.102  -7.996  1.00 0.28 ? 84  TYR A O      1 
ATOM 1294 C CB     . TYR B 2 84 ? 12.329  0.157   -6.039  1.00 0.72 ? 84  TYR A CB     1 
ATOM 1295 C CG     . TYR B 2 84 ? 13.541  -0.042  -5.157  1.00 0.77 ? 84  TYR A CG     1 
ATOM 1296 C CD1    . TYR B 2 84 ? 14.071  1.027   -4.417  1.00 0.88 ? 84  TYR A CD1    1 
ATOM 1297 C CD2    . TYR B 2 84 ? 14.154  -1.296  -5.110  1.00 0.82 ? 84  TYR A CD2    1 
ATOM 1298 C CE1    . TYR B 2 84 ? 15.218  0.835   -3.636  1.00 0.91 ? 84  TYR A CE1    1 
ATOM 1299 C CE2    . TYR B 2 84 ? 15.295  -1.490  -4.321  1.00 0.87 ? 84  TYR A CE2    1 
ATOM 1300 C CZ     . TYR B 2 84 ? 15.829  -0.424  -3.586  1.00 0.87 ? 84  TYR A CZ     1 
ATOM 1301 O OH     . TYR B 2 84 ? 16.962  -0.612  -2.821  1.00 0.92 ? 84  TYR A OH     1 
ATOM 1302 H H      . TYR B 2 84 ? 10.706  0.765   -7.976  1.00 0.51 ? 84  TYR A H      1 
ATOM 1303 H HA     . TYR B 2 84 ? 13.298  1.679   -7.206  1.00 0.51 ? 84  TYR A HA     1 
ATOM 1304 H HB2    . TYR B 2 84 ? 11.639  0.826   -5.566  1.00 0.89 ? 84  TYR A HB2    1 
ATOM 1305 H HB3    . TYR B 2 84 ? 11.850  -0.795  -6.207  1.00 0.80 ? 84  TYR A HB3    1 
ATOM 1306 H HD1    . TYR B 2 84 ? 13.593  1.996   -4.442  1.00 0.98 ? 84  TYR A HD1    1 
ATOM 1307 H HD2    . TYR B 2 84 ? 13.737  -2.121  -5.671  1.00 0.88 ? 84  TYR A HD2    1 
ATOM 1308 H HE1    . TYR B 2 84 ? 15.629  1.657   -3.068  1.00 1.04 ? 84  TYR A HE1    1 
ATOM 1309 H HE2    . TYR B 2 84 ? 15.767  -2.461  -4.283  1.00 0.98 ? 84  TYR A HE2    1 
ATOM 1310 H HH     . TYR B 2 84 ? 16.693  -0.674  -1.903  1.00 1.35 ? 84  TYR A HH     1 
ATOM 1311 N N      . SER B 2 85 ? 13.190  -1.253  -8.665  1.00 0.45 ? 85  SER A N      1 
ATOM 1312 C CA     . SER B 2 85 ? 14.041  -2.270  -9.338  1.00 0.69 ? 85  SER A CA     1 
ATOM 1313 C C      . SER B 2 85 ? 14.756  -1.633  -10.531 1.00 0.80 ? 85  SER A C      1 
ATOM 1314 O O      . SER B 2 85 ? 14.134  -1.081  -11.417 1.00 1.31 ? 85  SER A O      1 
ATOM 1315 C CB     . SER B 2 85 ? 13.155  -3.418  -9.822  1.00 1.02 ? 85  SER A CB     1 
ATOM 1316 O OG     . SER B 2 85 ? 12.155  -3.680  -8.846  1.00 1.71 ? 85  SER A OG     1 
ATOM 1317 H H      . SER B 2 85 ? 12.215  -1.342  -8.682  1.00 0.49 ? 85  SER A H      1 
ATOM 1318 H HA     . SER B 2 85 ? 14.772  -2.648  -8.639  1.00 0.74 ? 85  SER A HA     1 
ATOM 1319 H HB2    . SER B 2 85 ? 12.683  -3.143  -10.750 1.00 1.55 ? 85  SER A HB2    1 
ATOM 1320 H HB3    . SER B 2 85 ? 13.763  -4.300  -9.977  1.00 1.48 ? 85  SER A HB3    1 
ATOM 1321 H HG     . SER B 2 85 ? 11.310  -3.748  -9.297  1.00 2.10 ? 85  SER A HG     1 
# 
